data_8TE4
#
_entry.id   8TE4
#
_cell.length_a   178.068
_cell.length_b   178.068
_cell.length_c   109.909
_cell.angle_alpha   90.000
_cell.angle_beta   90.000
_cell.angle_gamma   120.000
#
_symmetry.space_group_name_H-M   'P 3'
#
loop_
_entity.id
_entity.type
_entity.pdbx_description
1 polymer 'DNA (cytosine-5)-methyltransferase 3A'
2 non-polymer S-ADENOSYL-L-HOMOCYSTEINE
3 non-polymer GLYCEROL
4 water water
#
_entity_poly.entity_id   1
_entity_poly.type   'polypeptide(L)'
_entity_poly.pdbx_seq_one_letter_code
;GSAEKRKPIRVLSLFDGIATGLLVLKDLGIQVDRYIASEVCEDSITVGMVRHQGKIMYVGDVRSVTQKHIQEWGPFDLVI
GGSPCNDLSIVNPARKGLYEGTGRLFFEFYRLLHDARPKEGDDRPFFWLFENVVAMGVSDKRDISRFLESNPVMIDAKEV
SAAHRARYFWGNLPGMNRPLASTVNDKLELQECLEHGRIAKFSKVRTITTRSNSIKQGKDQHFPVFMNEKEDILWCTEME
RVFGFPVHYTDVSAMSHLARQRLLGRSWSVPVIRHLFAPLKEYFACV
;
_entity_poly.pdbx_strand_id   A,B,C,E,H,F,D,G
#
loop_
_chem_comp.id
_chem_comp.type
_chem_comp.name
_chem_comp.formula
GOL non-polymer GLYCEROL 'C3 H8 O3'
SAH non-polymer S-ADENOSYL-L-HOMOCYSTEINE 'C14 H20 N6 O5 S'
#
# COMPACT_ATOMS: atom_id res chain seq x y z
N GLY A 1 -50.30 -57.40 -46.40
CA GLY A 1 -51.23 -56.93 -47.41
C GLY A 1 -52.68 -56.88 -46.94
N SER A 2 -52.88 -56.99 -45.63
CA SER A 2 -54.20 -56.96 -45.03
C SER A 2 -54.41 -55.64 -44.28
N ALA A 3 -55.68 -55.32 -44.02
CA ALA A 3 -56.04 -54.09 -43.35
C ALA A 3 -56.27 -54.31 -41.86
N GLU A 4 -55.82 -53.35 -41.06
CA GLU A 4 -56.03 -53.34 -39.62
C GLU A 4 -55.65 -51.96 -39.11
N LYS A 5 -56.23 -51.59 -37.97
CA LYS A 5 -55.90 -50.31 -37.36
C LYS A 5 -54.48 -50.36 -36.79
N ARG A 6 -53.72 -49.29 -37.03
CA ARG A 6 -52.37 -49.22 -36.49
C ARG A 6 -52.41 -49.16 -34.96
N LYS A 7 -51.59 -49.99 -34.33
CA LYS A 7 -51.56 -50.10 -32.87
C LYS A 7 -50.32 -49.44 -32.29
N PRO A 8 -50.36 -49.05 -31.01
CA PRO A 8 -49.17 -48.47 -30.38
C PRO A 8 -48.06 -49.50 -30.21
N ILE A 9 -46.83 -49.03 -30.19
CA ILE A 9 -45.67 -49.89 -30.25
C ILE A 9 -45.35 -50.43 -28.86
N ARG A 10 -44.90 -51.69 -28.81
CA ARG A 10 -44.49 -52.34 -27.57
C ARG A 10 -42.98 -52.53 -27.60
N VAL A 11 -42.30 -52.00 -26.59
CA VAL A 11 -40.85 -51.87 -26.61
C VAL A 11 -40.24 -52.61 -25.42
N LEU A 12 -39.16 -53.35 -25.70
CA LEU A 12 -38.27 -53.89 -24.70
C LEU A 12 -36.91 -53.21 -24.89
N SER A 13 -36.49 -52.45 -23.89
CA SER A 13 -35.24 -51.69 -23.95
C SER A 13 -34.29 -52.23 -22.90
N LEU A 14 -33.20 -52.84 -23.34
CA LEU A 14 -32.17 -53.36 -22.46
C LEU A 14 -31.02 -52.37 -22.40
N PHE A 15 -30.43 -52.22 -21.21
CA PHE A 15 -29.37 -51.22 -20.98
C PHE A 15 -29.89 -49.84 -21.36
N ASP A 16 -31.02 -49.47 -20.75
CA ASP A 16 -31.81 -48.34 -21.22
C ASP A 16 -31.13 -47.01 -20.97
N GLY A 17 -30.32 -46.90 -19.93
CA GLY A 17 -29.66 -45.63 -19.65
C GLY A 17 -30.68 -44.59 -19.21
N ILE A 18 -30.68 -43.45 -19.88
CA ILE A 18 -31.58 -42.36 -19.52
C ILE A 18 -32.79 -42.33 -20.44
N ALA A 19 -33.24 -43.51 -20.88
CA ALA A 19 -34.50 -43.67 -21.61
C ALA A 19 -34.52 -42.87 -22.91
N THR A 20 -33.39 -42.86 -23.62
CA THR A 20 -33.32 -42.15 -24.89
C THR A 20 -34.33 -42.71 -25.89
N GLY A 21 -34.57 -44.02 -25.86
CA GLY A 21 -35.47 -44.62 -26.82
C GLY A 21 -36.90 -44.13 -26.67
N LEU A 22 -37.39 -44.09 -25.42
CA LEU A 22 -38.74 -43.58 -25.17
C LEU A 22 -38.86 -42.12 -25.58
N LEU A 23 -37.85 -41.32 -25.24
CA LEU A 23 -37.84 -39.91 -25.62
C LEU A 23 -37.94 -39.74 -27.14
N VAL A 24 -37.15 -40.52 -27.88
CA VAL A 24 -37.15 -40.41 -29.33
C VAL A 24 -38.48 -40.89 -29.90
N LEU A 25 -39.05 -41.96 -29.35
CA LEU A 25 -40.33 -42.45 -29.84
C LEU A 25 -41.43 -41.42 -29.61
N LYS A 26 -41.45 -40.80 -28.43
CA LYS A 26 -42.43 -39.75 -28.16
C LYS A 26 -42.25 -38.57 -29.10
N ASP A 27 -40.99 -38.18 -29.36
CA ASP A 27 -40.74 -37.03 -30.21
C ASP A 27 -41.20 -37.27 -31.64
N LEU A 28 -41.18 -38.51 -32.11
CA LEU A 28 -41.65 -38.83 -33.44
C LEU A 28 -43.16 -38.91 -33.54
N GLY A 29 -43.87 -38.80 -32.42
CA GLY A 29 -45.31 -38.93 -32.43
C GLY A 29 -45.83 -40.35 -32.38
N ILE A 30 -44.95 -41.34 -32.23
CA ILE A 30 -45.37 -42.73 -32.17
C ILE A 30 -45.99 -43.02 -30.81
N GLN A 31 -47.20 -43.56 -30.82
CA GLN A 31 -47.84 -43.94 -29.56
C GLN A 31 -47.18 -45.18 -28.99
N VAL A 32 -46.89 -45.14 -27.70
CA VAL A 32 -46.16 -46.21 -27.01
C VAL A 32 -47.15 -46.94 -26.11
N ASP A 33 -47.48 -48.18 -26.47
CA ASP A 33 -48.31 -49.03 -25.63
C ASP A 33 -47.60 -49.34 -24.32
N ARG A 34 -46.41 -49.92 -24.40
CA ARG A 34 -45.65 -50.35 -23.23
C ARG A 34 -44.16 -50.17 -23.48
N TYR A 35 -43.44 -49.89 -22.40
CA TYR A 35 -41.99 -49.64 -22.45
C TYR A 35 -41.37 -50.29 -21.24
N ILE A 36 -40.81 -51.49 -21.43
CA ILE A 36 -40.14 -52.25 -20.37
C ILE A 36 -38.64 -52.05 -20.51
N ALA A 37 -38.00 -51.59 -19.44
CA ALA A 37 -36.59 -51.21 -19.47
C ALA A 37 -35.80 -52.04 -18.47
N SER A 38 -34.64 -52.52 -18.91
CA SER A 38 -33.68 -53.17 -18.03
C SER A 38 -32.53 -52.21 -17.78
N GLU A 39 -32.27 -51.90 -16.51
CA GLU A 39 -31.25 -50.94 -16.13
C GLU A 39 -30.89 -51.18 -14.68
N VAL A 40 -29.62 -50.95 -14.34
CA VAL A 40 -29.14 -51.23 -12.99
C VAL A 40 -28.68 -49.95 -12.30
N CYS A 41 -28.26 -48.96 -13.08
CA CYS A 41 -27.77 -47.70 -12.51
C CYS A 41 -28.95 -46.89 -11.98
N GLU A 42 -28.95 -46.61 -10.68
CA GLU A 42 -30.12 -45.99 -10.06
C GLU A 42 -30.28 -44.53 -10.46
N ASP A 43 -29.17 -43.85 -10.78
CA ASP A 43 -29.28 -42.49 -11.33
C ASP A 43 -30.05 -42.49 -12.65
N SER A 44 -29.68 -43.41 -13.55
CA SER A 44 -30.38 -43.53 -14.82
C SER A 44 -31.84 -43.91 -14.62
N ILE A 45 -32.09 -44.84 -13.69
CA ILE A 45 -33.46 -45.26 -13.42
C ILE A 45 -34.29 -44.08 -12.93
N THR A 46 -33.70 -43.25 -12.07
CA THR A 46 -34.41 -42.08 -11.57
C THR A 46 -34.68 -41.08 -12.69
N VAL A 47 -33.69 -40.85 -13.55
CA VAL A 47 -33.89 -39.95 -14.70
C VAL A 47 -35.07 -40.41 -15.52
N GLY A 48 -35.05 -41.67 -15.98
CA GLY A 48 -36.14 -42.17 -16.80
C GLY A 48 -37.45 -42.24 -16.06
N MET A 49 -37.40 -42.46 -14.74
CA MET A 49 -38.62 -42.55 -13.94
CA MET A 49 -38.62 -42.55 -13.94
C MET A 49 -39.30 -41.19 -13.82
N VAL A 50 -38.51 -40.13 -13.66
CA VAL A 50 -39.08 -38.80 -13.50
C VAL A 50 -39.48 -38.21 -14.85
N ARG A 51 -38.57 -38.24 -15.83
CA ARG A 51 -38.81 -37.56 -17.10
C ARG A 51 -39.97 -38.16 -17.89
N HIS A 52 -40.40 -39.38 -17.56
CA HIS A 52 -41.49 -40.02 -18.28
C HIS A 52 -42.64 -40.43 -17.38
N GLN A 53 -42.62 -39.99 -16.11
CA GLN A 53 -43.80 -40.01 -15.24
C GLN A 53 -44.30 -41.43 -14.98
N GLY A 54 -43.37 -42.31 -14.61
CA GLY A 54 -43.74 -43.67 -14.25
C GLY A 54 -44.25 -44.53 -15.37
N LYS A 55 -44.16 -44.09 -16.62
CA LYS A 55 -44.60 -44.93 -17.73
C LYS A 55 -43.70 -46.14 -17.89
N ILE A 56 -42.40 -45.97 -17.65
CA ILE A 56 -41.45 -47.06 -17.84
C ILE A 56 -41.65 -48.11 -16.76
N MET A 57 -41.70 -49.38 -17.17
CA MET A 57 -41.74 -50.51 -16.25
C MET A 57 -40.32 -51.04 -16.12
N TYR A 58 -39.70 -50.81 -14.97
CA TYR A 58 -38.32 -51.20 -14.74
C TYR A 58 -38.26 -52.62 -14.20
N VAL A 59 -37.30 -53.40 -14.72
CA VAL A 59 -37.20 -54.82 -14.39
C VAL A 59 -35.82 -55.18 -13.86
N GLY A 60 -34.92 -54.19 -13.72
CA GLY A 60 -33.65 -54.44 -13.06
C GLY A 60 -32.59 -55.04 -13.95
N ASP A 61 -31.77 -55.90 -13.37
CA ASP A 61 -30.64 -56.51 -14.07
C ASP A 61 -31.13 -57.35 -15.24
N VAL A 62 -30.50 -57.16 -16.40
CA VAL A 62 -30.89 -57.90 -17.60
C VAL A 62 -30.71 -59.39 -17.40
N ARG A 63 -29.80 -59.79 -16.52
CA ARG A 63 -29.57 -61.19 -16.24
C ARG A 63 -30.67 -61.83 -15.41
N SER A 64 -31.60 -61.02 -14.88
CA SER A 64 -32.71 -61.53 -14.09
C SER A 64 -33.97 -61.71 -14.91
N VAL A 65 -33.84 -61.58 -16.21
CA VAL A 65 -34.96 -61.72 -17.09
C VAL A 65 -34.89 -63.03 -17.82
N THR A 66 -35.95 -63.80 -17.71
CA THR A 66 -36.01 -65.08 -18.34
C THR A 66 -36.90 -65.08 -19.52
N GLN A 67 -36.89 -66.19 -20.20
CA GLN A 67 -37.68 -66.44 -21.36
C GLN A 67 -39.14 -66.43 -21.04
N LYS A 68 -39.50 -66.96 -19.89
CA LYS A 68 -40.86 -66.98 -19.42
C LYS A 68 -41.33 -65.54 -19.24
N HIS A 69 -40.48 -64.68 -18.68
CA HIS A 69 -40.81 -63.28 -18.49
C HIS A 69 -41.05 -62.62 -19.81
N ILE A 70 -40.23 -62.86 -20.81
CA ILE A 70 -40.43 -62.26 -22.09
C ILE A 70 -41.75 -62.68 -22.71
N GLN A 71 -42.10 -63.95 -22.57
CA GLN A 71 -43.36 -64.43 -23.07
C GLN A 71 -44.53 -63.80 -22.36
N GLU A 72 -44.44 -63.70 -21.05
CA GLU A 72 -45.50 -63.18 -20.23
C GLU A 72 -45.66 -61.67 -20.29
N TRP A 73 -44.57 -60.97 -20.42
CA TRP A 73 -44.61 -59.52 -20.55
C TRP A 73 -44.89 -59.07 -21.97
N GLY A 74 -44.61 -59.91 -22.96
CA GLY A 74 -44.78 -59.56 -24.34
C GLY A 74 -46.20 -59.79 -24.82
N PRO A 75 -46.40 -59.75 -26.15
CA PRO A 75 -45.40 -59.59 -27.22
C PRO A 75 -44.75 -58.22 -27.27
N PHE A 76 -43.58 -58.12 -27.91
CA PHE A 76 -42.89 -56.87 -28.12
C PHE A 76 -42.74 -56.63 -29.61
N ASP A 77 -42.86 -55.36 -30.00
CA ASP A 77 -42.67 -54.98 -31.39
C ASP A 77 -41.27 -54.46 -31.69
N LEU A 78 -40.58 -53.94 -30.68
CA LEU A 78 -39.27 -53.34 -30.86
C LEU A 78 -38.38 -53.71 -29.69
N VAL A 79 -37.20 -54.25 -29.98
CA VAL A 79 -36.23 -54.62 -28.95
C VAL A 79 -34.95 -53.83 -29.21
N ILE A 80 -34.60 -52.94 -28.29
CA ILE A 80 -33.46 -52.06 -28.47
C ILE A 80 -32.48 -52.24 -27.32
N GLY A 81 -31.21 -51.94 -27.58
CA GLY A 81 -30.19 -52.09 -26.56
C GLY A 81 -28.79 -51.64 -26.92
N GLY A 82 -28.12 -51.03 -25.96
CA GLY A 82 -26.71 -50.68 -26.08
C GLY A 82 -25.93 -51.12 -24.86
N SER A 83 -25.24 -52.24 -24.96
CA SER A 83 -24.60 -52.87 -23.81
C SER A 83 -23.32 -52.11 -23.40
N PRO A 84 -22.89 -52.27 -22.15
CA PRO A 84 -21.67 -51.59 -21.71
C PRO A 84 -20.49 -51.88 -22.61
N CYS A 85 -19.66 -50.86 -22.84
CA CYS A 85 -18.59 -50.91 -23.83
C CYS A 85 -17.19 -50.86 -23.25
N ASN A 86 -17.06 -50.84 -21.92
CA ASN A 86 -15.74 -50.62 -21.31
C ASN A 86 -14.82 -51.83 -21.44
N ASP A 87 -15.37 -53.02 -21.69
CA ASP A 87 -14.55 -54.19 -22.00
C ASP A 87 -14.48 -54.48 -23.49
N LEU A 88 -15.04 -53.61 -24.32
CA LEU A 88 -14.91 -53.72 -25.78
C LEU A 88 -14.04 -52.66 -26.39
N SER A 89 -13.86 -51.52 -25.71
CA SER A 89 -13.12 -50.40 -26.28
C SER A 89 -11.62 -50.67 -26.25
N ILE A 90 -10.98 -50.53 -27.41
CA ILE A 90 -9.52 -50.65 -27.50
C ILE A 90 -8.81 -49.53 -26.77
N VAL A 91 -9.51 -48.46 -26.42
CA VAL A 91 -8.93 -47.41 -25.59
C VAL A 91 -8.57 -47.96 -24.21
N ASN A 92 -9.35 -48.91 -23.71
CA ASN A 92 -9.07 -49.53 -22.43
C ASN A 92 -8.02 -50.62 -22.59
N PRO A 93 -6.85 -50.49 -21.96
CA PRO A 93 -5.85 -51.56 -22.04
C PRO A 93 -6.13 -52.73 -21.13
N ALA A 94 -7.04 -52.59 -20.16
CA ALA A 94 -7.45 -53.68 -19.29
C ALA A 94 -8.70 -54.39 -19.78
N ARG A 95 -9.10 -54.15 -21.04
CA ARG A 95 -10.34 -54.72 -21.55
C ARG A 95 -10.28 -56.24 -21.54
N LYS A 96 -11.40 -56.85 -21.18
CA LYS A 96 -11.50 -58.31 -21.12
C LYS A 96 -12.18 -58.89 -22.35
N GLY A 97 -12.68 -58.06 -23.27
CA GLY A 97 -13.17 -58.54 -24.54
C GLY A 97 -14.67 -58.83 -24.54
N LEU A 98 -15.12 -59.35 -25.68
CA LEU A 98 -16.54 -59.61 -25.87
C LEU A 98 -17.04 -60.75 -24.99
N TYR A 99 -16.21 -61.75 -24.73
CA TYR A 99 -16.67 -62.96 -24.06
C TYR A 99 -16.46 -62.94 -22.55
N GLU A 100 -15.76 -61.94 -22.02
CA GLU A 100 -15.52 -61.86 -20.58
C GLU A 100 -15.85 -60.45 -20.11
N GLY A 101 -15.76 -60.26 -18.78
CA GLY A 101 -16.05 -58.95 -18.21
C GLY A 101 -17.48 -58.54 -18.44
N THR A 102 -17.70 -57.25 -18.67
CA THR A 102 -19.02 -56.74 -19.02
C THR A 102 -19.31 -56.85 -20.50
N GLY A 103 -18.36 -57.31 -21.31
CA GLY A 103 -18.64 -57.52 -22.73
C GLY A 103 -19.68 -58.59 -22.95
N ARG A 104 -19.60 -59.69 -22.21
CA ARG A 104 -20.54 -60.80 -22.38
C ARG A 104 -21.99 -60.40 -22.12
N LEU A 105 -22.23 -59.21 -21.55
CA LEU A 105 -23.58 -58.71 -21.42
C LEU A 105 -24.28 -58.66 -22.77
N PHE A 106 -23.52 -58.45 -23.85
CA PHE A 106 -24.10 -58.48 -25.19
C PHE A 106 -24.91 -59.74 -25.41
N PHE A 107 -24.40 -60.89 -24.95
CA PHE A 107 -25.09 -62.14 -25.19
C PHE A 107 -26.46 -62.16 -24.53
N GLU A 108 -26.61 -61.51 -23.37
CA GLU A 108 -27.92 -61.36 -22.78
C GLU A 108 -28.89 -60.74 -23.79
N PHE A 109 -28.48 -59.64 -24.42
CA PHE A 109 -29.24 -59.11 -25.54
C PHE A 109 -29.54 -60.20 -26.55
N TYR A 110 -28.48 -60.83 -27.08
CA TYR A 110 -28.63 -61.92 -28.04
C TYR A 110 -29.62 -62.96 -27.54
N ARG A 111 -29.60 -63.24 -26.22
CA ARG A 111 -30.54 -64.19 -25.66
C ARG A 111 -31.96 -63.65 -25.74
N LEU A 112 -32.21 -62.49 -25.12
CA LEU A 112 -33.58 -62.01 -24.96
C LEU A 112 -34.22 -61.69 -26.30
N LEU A 113 -33.43 -61.14 -27.24
CA LEU A 113 -33.92 -60.94 -28.59
C LEU A 113 -34.49 -62.23 -29.17
N HIS A 114 -33.75 -63.34 -29.05
CA HIS A 114 -34.26 -64.60 -29.59
C HIS A 114 -35.52 -65.04 -28.85
N ASP A 115 -35.63 -64.66 -27.57
CA ASP A 115 -36.85 -64.99 -26.82
C ASP A 115 -38.01 -64.11 -27.23
N ALA A 116 -37.73 -62.92 -27.77
CA ALA A 116 -38.77 -61.99 -28.17
C ALA A 116 -39.13 -62.11 -29.65
N ARG A 117 -38.31 -62.78 -30.45
CA ARG A 117 -38.61 -62.92 -31.87
CA ARG A 117 -38.61 -62.92 -31.87
C ARG A 117 -39.94 -63.65 -32.06
N PRO A 118 -40.77 -63.22 -33.01
CA PRO A 118 -41.99 -63.96 -33.30
C PRO A 118 -41.67 -65.36 -33.79
N LYS A 119 -42.54 -66.30 -33.45
CA LYS A 119 -42.35 -67.68 -33.89
C LYS A 119 -42.50 -67.76 -35.41
N GLU A 120 -42.05 -68.89 -35.97
CA GLU A 120 -42.15 -69.07 -37.42
C GLU A 120 -43.60 -69.02 -37.87
N GLY A 121 -43.83 -68.36 -39.01
CA GLY A 121 -45.18 -68.16 -39.49
C GLY A 121 -45.88 -66.93 -38.96
N ASP A 122 -45.28 -66.21 -38.03
CA ASP A 122 -45.84 -64.96 -37.52
C ASP A 122 -45.23 -63.83 -38.33
N ASP A 123 -46.00 -63.29 -39.27
CA ASP A 123 -45.55 -62.24 -40.17
C ASP A 123 -45.65 -60.85 -39.58
N ARG A 124 -45.91 -60.73 -38.27
CA ARG A 124 -46.08 -59.42 -37.68
C ARG A 124 -44.76 -58.65 -37.73
N PRO A 125 -44.80 -57.33 -37.93
CA PRO A 125 -43.56 -56.56 -37.96
C PRO A 125 -42.85 -56.62 -36.62
N PHE A 126 -41.54 -56.82 -36.67
CA PHE A 126 -40.73 -56.94 -35.46
C PHE A 126 -39.36 -56.36 -35.76
N PHE A 127 -38.93 -55.41 -34.94
CA PHE A 127 -37.71 -54.68 -35.19
C PHE A 127 -36.82 -54.73 -33.96
N TRP A 128 -35.51 -54.66 -34.20
CA TRP A 128 -34.54 -54.67 -33.12
C TRP A 128 -33.34 -53.81 -33.51
N LEU A 129 -32.66 -53.31 -32.50
CA LEU A 129 -31.50 -52.44 -32.67
C LEU A 129 -30.51 -52.72 -31.55
N PHE A 130 -29.26 -52.97 -31.92
CA PHE A 130 -28.16 -53.10 -30.97
C PHE A 130 -27.07 -52.10 -31.34
N GLU A 131 -26.55 -51.41 -30.33
CA GLU A 131 -25.59 -50.33 -30.56
C GLU A 131 -24.31 -50.61 -29.77
N ASN A 132 -23.18 -50.25 -30.35
CA ASN A 132 -21.94 -50.23 -29.57
C ASN A 132 -20.92 -49.34 -30.28
N VAL A 133 -19.68 -49.34 -29.75
CA VAL A 133 -18.65 -48.41 -30.20
C VAL A 133 -17.97 -48.94 -31.44
N VAL A 134 -17.43 -48.02 -32.24
CA VAL A 134 -16.62 -48.41 -33.39
C VAL A 134 -15.22 -48.82 -32.94
N ALA A 135 -14.68 -48.17 -31.91
CA ALA A 135 -13.33 -48.44 -31.43
C ALA A 135 -13.29 -49.71 -30.58
N MET A 136 -13.65 -50.83 -31.21
CA MET A 136 -13.58 -52.13 -30.58
C MET A 136 -12.67 -53.03 -31.40
N GLY A 137 -12.31 -54.17 -30.82
CA GLY A 137 -11.49 -55.12 -31.54
C GLY A 137 -12.19 -55.66 -32.77
N VAL A 138 -11.42 -55.82 -33.85
CA VAL A 138 -11.99 -56.30 -35.11
C VAL A 138 -12.62 -57.69 -34.93
N SER A 139 -11.98 -58.53 -34.10
CA SER A 139 -12.54 -59.85 -33.84
C SER A 139 -13.86 -59.75 -33.09
N ASP A 140 -13.95 -58.83 -32.12
CA ASP A 140 -15.18 -58.64 -31.38
C ASP A 140 -16.31 -58.17 -32.28
N LYS A 141 -16.01 -57.25 -33.19
CA LYS A 141 -17.04 -56.77 -34.14
C LYS A 141 -17.47 -57.89 -35.08
N ARG A 142 -16.51 -58.65 -35.60
CA ARG A 142 -16.85 -59.80 -36.44
C ARG A 142 -17.74 -60.78 -35.70
N ASP A 143 -17.45 -61.02 -34.41
CA ASP A 143 -18.23 -61.97 -33.63
C ASP A 143 -19.64 -61.45 -33.36
N ILE A 144 -19.77 -60.16 -33.06
CA ILE A 144 -21.10 -59.57 -32.88
C ILE A 144 -21.91 -59.69 -34.16
N SER A 145 -21.30 -59.36 -35.30
CA SER A 145 -22.00 -59.48 -36.57
C SER A 145 -22.40 -60.92 -36.86
N ARG A 146 -21.55 -61.88 -36.47
CA ARG A 146 -21.89 -63.29 -36.68
C ARG A 146 -23.05 -63.73 -35.80
N PHE A 147 -23.05 -63.32 -34.53
CA PHE A 147 -24.13 -63.71 -33.62
C PHE A 147 -25.45 -63.06 -34.01
N LEU A 148 -25.41 -61.82 -34.49
CA LEU A 148 -26.61 -61.11 -34.86
C LEU A 148 -27.02 -61.31 -36.32
N GLU A 149 -26.18 -61.99 -37.11
CA GLU A 149 -26.48 -62.29 -38.52
C GLU A 149 -26.75 -61.00 -39.32
N SER A 150 -26.03 -59.94 -38.98
CA SER A 150 -26.24 -58.66 -39.63
C SER A 150 -24.91 -57.92 -39.71
N ASN A 151 -24.76 -57.12 -40.75
CA ASN A 151 -23.57 -56.28 -40.68
C ASN A 151 -23.95 -54.90 -40.15
N PRO A 152 -23.08 -54.28 -39.36
CA PRO A 152 -23.45 -53.02 -38.72
C PRO A 152 -23.45 -51.86 -39.71
N VAL A 153 -24.20 -50.83 -39.36
CA VAL A 153 -24.16 -49.54 -40.04
C VAL A 153 -23.38 -48.59 -39.16
N MET A 154 -22.43 -47.88 -39.76
CA MET A 154 -21.64 -46.89 -39.03
C MET A 154 -22.34 -45.56 -39.15
N ILE A 155 -22.68 -44.95 -38.01
CA ILE A 155 -23.28 -43.62 -37.98
C ILE A 155 -22.52 -42.76 -36.99
N ASP A 156 -22.04 -41.61 -37.44
CA ASP A 156 -21.31 -40.67 -36.58
C ASP A 156 -22.24 -39.50 -36.30
N ALA A 157 -22.50 -39.26 -35.02
CA ALA A 157 -23.39 -38.17 -34.62
C ALA A 157 -22.88 -36.80 -35.04
N LYS A 158 -21.61 -36.69 -35.44
CA LYS A 158 -21.07 -35.41 -35.89
C LYS A 158 -21.80 -34.89 -37.13
N GLU A 159 -22.50 -35.76 -37.84
CA GLU A 159 -23.21 -35.36 -39.04
C GLU A 159 -24.49 -34.59 -38.74
N VAL A 160 -25.08 -34.81 -37.56
CA VAL A 160 -26.36 -34.20 -37.22
C VAL A 160 -26.29 -33.55 -35.84
N SER A 161 -25.08 -33.34 -35.33
CA SER A 161 -24.88 -32.76 -34.01
C SER A 161 -23.47 -32.21 -33.93
N ALA A 162 -23.12 -31.67 -32.76
CA ALA A 162 -21.82 -31.07 -32.52
C ALA A 162 -20.86 -32.00 -31.79
N ALA A 163 -21.11 -33.31 -31.84
CA ALA A 163 -20.33 -34.28 -31.08
C ALA A 163 -19.71 -35.30 -32.03
N HIS A 164 -18.41 -35.55 -31.85
CA HIS A 164 -17.75 -36.67 -32.48
C HIS A 164 -18.17 -37.95 -31.76
N ARG A 165 -19.05 -38.74 -32.39
CA ARG A 165 -19.52 -39.98 -31.77
C ARG A 165 -19.90 -40.94 -32.90
N ALA A 166 -18.94 -41.77 -33.29
CA ALA A 166 -19.16 -42.78 -34.31
C ALA A 166 -19.53 -44.09 -33.64
N ARG A 167 -20.65 -44.69 -34.06
CA ARG A 167 -21.14 -45.90 -33.42
C ARG A 167 -21.58 -46.90 -34.49
N TYR A 168 -21.51 -48.17 -34.10
CA TYR A 168 -22.02 -49.28 -34.89
C TYR A 168 -23.44 -49.59 -34.46
N PHE A 169 -24.33 -49.75 -35.44
CA PHE A 169 -25.73 -50.10 -35.21
C PHE A 169 -26.06 -51.36 -36.01
N TRP A 170 -26.26 -52.46 -35.30
CA TRP A 170 -26.82 -53.66 -35.90
C TRP A 170 -28.34 -53.61 -35.75
N GLY A 171 -29.05 -54.15 -36.74
CA GLY A 171 -30.49 -54.21 -36.63
C GLY A 171 -31.15 -54.46 -37.97
N ASN A 172 -32.48 -54.57 -37.90
CA ASN A 172 -33.32 -54.74 -39.08
C ASN A 172 -34.30 -53.59 -39.26
N LEU A 173 -34.04 -52.46 -38.62
CA LEU A 173 -34.90 -51.30 -38.83
C LEU A 173 -34.88 -50.91 -40.31
N PRO A 174 -36.00 -50.45 -40.85
CA PRO A 174 -36.04 -50.10 -42.27
C PRO A 174 -35.09 -48.96 -42.59
N GLY A 175 -34.26 -49.16 -43.63
CA GLY A 175 -33.39 -48.13 -44.14
C GLY A 175 -32.43 -47.51 -43.14
N MET A 176 -31.70 -48.34 -42.39
CA MET A 176 -30.74 -47.80 -41.43
C MET A 176 -29.56 -47.13 -42.12
N ASN A 177 -29.16 -47.61 -43.28
CA ASN A 177 -28.01 -47.07 -44.00
C ASN A 177 -28.37 -45.86 -44.87
N ARG A 178 -29.65 -45.51 -44.95
CA ARG A 178 -30.06 -44.38 -45.77
C ARG A 178 -29.39 -43.10 -45.28
N PRO A 179 -29.18 -42.12 -46.17
CA PRO A 179 -28.53 -40.87 -45.75
C PRO A 179 -29.31 -40.17 -44.65
N LEU A 180 -28.58 -39.51 -43.76
CA LEU A 180 -29.17 -38.77 -42.66
C LEU A 180 -29.61 -37.39 -43.12
N ALA A 181 -30.72 -36.92 -42.55
CA ALA A 181 -31.25 -35.60 -42.87
C ALA A 181 -30.75 -34.60 -41.84
N SER A 182 -30.11 -33.54 -42.31
CA SER A 182 -29.73 -32.41 -41.46
C SER A 182 -30.90 -31.42 -41.48
N THR A 183 -31.63 -31.34 -40.37
CA THR A 183 -32.80 -30.49 -40.27
C THR A 183 -32.43 -29.16 -39.62
N VAL A 184 -33.45 -28.41 -39.23
CA VAL A 184 -33.24 -27.10 -38.60
C VAL A 184 -32.97 -27.22 -37.11
N ASN A 185 -33.55 -28.24 -36.45
CA ASN A 185 -33.30 -28.46 -35.03
C ASN A 185 -31.86 -28.85 -34.74
N ASP A 186 -31.15 -29.38 -35.75
CA ASP A 186 -29.80 -29.88 -35.55
C ASP A 186 -28.84 -28.73 -35.27
N LYS A 187 -28.15 -28.80 -34.13
CA LYS A 187 -27.13 -27.83 -33.76
C LYS A 187 -25.78 -28.44 -34.12
N LEU A 188 -25.33 -28.20 -35.36
CA LEU A 188 -24.09 -28.81 -35.83
C LEU A 188 -22.85 -28.24 -35.14
N GLU A 189 -22.94 -27.04 -34.57
CA GLU A 189 -21.78 -26.35 -34.01
C GLU A 189 -21.83 -26.35 -32.49
N LEU A 190 -20.65 -26.57 -31.87
CA LEU A 190 -20.55 -26.51 -30.42
C LEU A 190 -20.99 -25.15 -29.89
N GLN A 191 -20.74 -24.09 -30.65
CA GLN A 191 -21.15 -22.75 -30.23
C GLN A 191 -22.65 -22.68 -30.00
N GLU A 192 -23.44 -23.33 -30.86
CA GLU A 192 -24.88 -23.33 -30.70
C GLU A 192 -25.34 -24.07 -29.45
N CYS A 193 -24.46 -24.82 -28.79
CA CYS A 193 -24.82 -25.58 -27.61
C CYS A 193 -24.40 -24.91 -26.32
N LEU A 194 -23.64 -23.81 -26.39
CA LEU A 194 -23.10 -23.19 -25.20
C LEU A 194 -24.12 -22.25 -24.56
N GLU A 195 -23.94 -22.01 -23.26
CA GLU A 195 -24.75 -21.04 -22.56
C GLU A 195 -24.27 -19.63 -22.88
N HIS A 196 -25.03 -18.64 -22.42
CA HIS A 196 -24.77 -17.25 -22.76
C HIS A 196 -23.39 -16.82 -22.27
N GLY A 197 -22.63 -16.16 -23.15
CA GLY A 197 -21.34 -15.62 -22.79
C GLY A 197 -20.19 -16.59 -22.84
N ARG A 198 -20.32 -17.67 -23.61
CA ARG A 198 -19.24 -18.64 -23.78
C ARG A 198 -18.96 -18.80 -25.27
N ILE A 199 -17.69 -19.00 -25.61
CA ILE A 199 -17.26 -19.15 -26.99
C ILE A 199 -16.64 -20.54 -27.16
N ALA A 200 -16.92 -21.18 -28.29
CA ALA A 200 -16.47 -22.54 -28.54
C ALA A 200 -15.11 -22.52 -29.22
N LYS A 201 -14.13 -23.20 -28.61
CA LYS A 201 -12.82 -23.34 -29.24
C LYS A 201 -12.93 -24.15 -30.53
N PHE A 202 -13.71 -25.21 -30.51
CA PHE A 202 -13.83 -26.14 -31.64
C PHE A 202 -15.24 -26.14 -32.19
N SER A 203 -15.36 -26.69 -33.41
CA SER A 203 -16.67 -26.82 -34.04
C SER A 203 -17.44 -28.02 -33.48
N LYS A 204 -16.73 -29.10 -33.15
CA LYS A 204 -17.36 -30.32 -32.65
C LYS A 204 -16.54 -30.88 -31.50
N VAL A 205 -17.22 -31.14 -30.38
CA VAL A 205 -16.55 -31.65 -29.19
C VAL A 205 -16.18 -33.12 -29.41
N ARG A 206 -15.00 -33.51 -28.91
CA ARG A 206 -14.42 -34.82 -29.19
C ARG A 206 -14.40 -35.71 -27.96
N THR A 207 -15.24 -35.44 -26.96
CA THR A 207 -15.31 -36.29 -25.78
C THR A 207 -15.83 -37.68 -26.12
N HIS A 222 -9.90 -31.33 -24.40
CA HIS A 222 -9.31 -30.46 -23.40
C HIS A 222 -10.38 -29.59 -22.75
N PHE A 223 -10.08 -28.29 -22.65
CA PHE A 223 -11.08 -27.30 -22.25
C PHE A 223 -11.74 -26.79 -23.52
N PRO A 224 -13.00 -27.16 -23.80
CA PRO A 224 -13.59 -26.80 -25.09
C PRO A 224 -14.11 -25.37 -25.19
N VAL A 225 -14.29 -24.64 -24.08
CA VAL A 225 -14.92 -23.33 -24.18
C VAL A 225 -14.07 -22.25 -23.52
N PHE A 226 -14.38 -21.00 -23.88
CA PHE A 226 -13.84 -19.81 -23.27
C PHE A 226 -14.97 -19.04 -22.60
N MET A 227 -14.71 -18.46 -21.43
CA MET A 227 -15.65 -17.55 -20.78
C MET A 227 -14.87 -16.36 -20.27
N ASN A 228 -15.25 -15.16 -20.69
CA ASN A 228 -14.58 -13.93 -20.27
C ASN A 228 -13.08 -14.01 -20.56
N GLU A 229 -12.29 -14.39 -19.55
CA GLU A 229 -10.85 -14.58 -19.72
C GLU A 229 -10.38 -15.98 -19.40
N LYS A 230 -11.17 -16.78 -18.67
CA LYS A 230 -10.77 -18.12 -18.27
C LYS A 230 -11.32 -19.16 -19.24
N GLU A 231 -10.49 -20.14 -19.57
CA GLU A 231 -10.97 -21.26 -20.36
C GLU A 231 -11.60 -22.29 -19.43
N ASP A 232 -12.65 -22.95 -19.95
CA ASP A 232 -13.49 -23.81 -19.12
C ASP A 232 -13.94 -25.02 -19.92
N ILE A 233 -14.42 -26.03 -19.20
CA ILE A 233 -14.95 -27.25 -19.78
C ILE A 233 -16.45 -27.13 -20.00
N LEU A 234 -17.04 -28.14 -20.63
CA LEU A 234 -18.45 -28.10 -20.98
C LEU A 234 -19.31 -28.30 -19.76
N TRP A 235 -20.42 -27.58 -19.70
CA TRP A 235 -21.42 -27.79 -18.67
C TRP A 235 -22.37 -28.91 -19.08
N CYS A 236 -23.12 -29.43 -18.10
CA CYS A 236 -24.00 -30.56 -18.39
C CYS A 236 -25.15 -30.17 -19.30
N THR A 237 -25.68 -28.95 -19.15
CA THR A 237 -26.72 -28.50 -20.06
C THR A 237 -26.18 -28.38 -21.49
N GLU A 238 -24.94 -27.90 -21.62
CA GLU A 238 -24.33 -27.80 -22.94
C GLU A 238 -24.07 -29.18 -23.52
N MET A 239 -23.68 -30.15 -22.69
CA MET A 239 -23.55 -31.52 -23.17
C MET A 239 -24.90 -32.07 -23.62
N GLU A 240 -25.97 -31.73 -22.90
CA GLU A 240 -27.31 -32.14 -23.30
C GLU A 240 -27.64 -31.61 -24.69
N ARG A 241 -27.37 -30.31 -24.91
CA ARG A 241 -27.58 -29.74 -26.24
CA ARG A 241 -27.60 -29.76 -26.24
C ARG A 241 -26.71 -30.42 -27.28
N VAL A 242 -25.49 -30.78 -26.90
CA VAL A 242 -24.56 -31.43 -27.84
C VAL A 242 -25.08 -32.80 -28.26
N PHE A 243 -25.66 -33.56 -27.32
CA PHE A 243 -26.15 -34.89 -27.61
C PHE A 243 -27.61 -34.93 -28.03
N GLY A 244 -28.26 -33.76 -28.14
CA GLY A 244 -29.62 -33.70 -28.63
C GLY A 244 -30.70 -33.90 -27.60
N PHE A 245 -30.36 -33.91 -26.31
CA PHE A 245 -31.36 -34.03 -25.26
C PHE A 245 -31.94 -32.66 -24.94
N PRO A 246 -33.16 -32.63 -24.39
CA PRO A 246 -33.69 -31.36 -23.87
C PRO A 246 -32.79 -30.81 -22.77
N VAL A 247 -32.73 -29.49 -22.66
CA VAL A 247 -31.93 -28.87 -21.62
C VAL A 247 -32.48 -29.25 -20.27
N HIS A 248 -31.59 -29.54 -19.32
CA HIS A 248 -31.93 -29.95 -17.96
C HIS A 248 -32.61 -31.33 -17.92
N TYR A 249 -32.49 -32.11 -18.99
CA TYR A 249 -33.09 -33.44 -19.01
C TYR A 249 -32.54 -34.32 -17.90
N THR A 250 -31.27 -34.16 -17.56
CA THR A 250 -30.61 -34.96 -16.55
C THR A 250 -30.48 -34.25 -15.21
N ASP A 251 -31.12 -33.09 -15.05
CA ASP A 251 -31.07 -32.33 -13.79
C ASP A 251 -32.12 -32.89 -12.82
N VAL A 252 -31.86 -34.13 -12.39
CA VAL A 252 -32.68 -34.80 -11.38
C VAL A 252 -31.77 -35.59 -10.46
N SER A 253 -32.32 -35.98 -9.31
CA SER A 253 -31.75 -37.00 -8.43
C SER A 253 -30.47 -36.57 -7.74
N ALA A 254 -30.20 -35.27 -7.66
CA ALA A 254 -29.12 -34.72 -6.83
C ALA A 254 -27.78 -35.38 -7.13
N MET A 255 -27.40 -35.37 -8.41
CA MET A 255 -26.18 -36.02 -8.86
C MET A 255 -25.04 -35.02 -8.97
N SER A 256 -23.83 -35.49 -8.69
CA SER A 256 -22.65 -34.67 -8.90
C SER A 256 -22.46 -34.40 -10.40
N HIS A 257 -21.65 -33.39 -10.70
CA HIS A 257 -21.40 -33.05 -12.09
C HIS A 257 -20.77 -34.21 -12.84
N LEU A 258 -19.89 -34.96 -12.18
CA LEU A 258 -19.30 -36.13 -12.82
C LEU A 258 -20.33 -37.22 -13.06
N ALA A 259 -21.33 -37.35 -12.19
CA ALA A 259 -22.36 -38.36 -12.41
C ALA A 259 -23.20 -38.03 -13.64
N ARG A 260 -23.59 -36.75 -13.78
CA ARG A 260 -24.32 -36.32 -14.97
C ARG A 260 -23.47 -36.49 -16.22
N GLN A 261 -22.19 -36.13 -16.13
CA GLN A 261 -21.27 -36.33 -17.24
C GLN A 261 -21.21 -37.80 -17.64
N ARG A 262 -21.14 -38.69 -16.65
CA ARG A 262 -21.14 -40.13 -16.90
C ARG A 262 -22.40 -40.56 -17.64
N LEU A 263 -23.57 -40.22 -17.10
CA LEU A 263 -24.83 -40.61 -17.73
C LEU A 263 -24.90 -40.11 -19.16
N LEU A 264 -24.50 -38.87 -19.41
CA LEU A 264 -24.59 -38.33 -20.77
C LEU A 264 -23.54 -38.94 -21.69
N GLY A 265 -22.38 -39.30 -21.15
CA GLY A 265 -21.34 -39.89 -21.98
C GLY A 265 -21.64 -41.30 -22.40
N ARG A 266 -22.43 -42.03 -21.61
CA ARG A 266 -22.83 -43.37 -22.02
C ARG A 266 -24.02 -43.38 -22.97
N SER A 267 -24.63 -42.23 -23.26
CA SER A 267 -25.95 -42.20 -23.88
C SER A 267 -25.86 -42.28 -25.40
N TRP A 268 -27.03 -42.46 -26.02
CA TRP A 268 -27.19 -42.35 -27.46
C TRP A 268 -27.35 -40.90 -27.88
N SER A 269 -26.93 -40.60 -29.11
CA SER A 269 -27.22 -39.30 -29.69
C SER A 269 -28.66 -39.25 -30.14
N VAL A 270 -29.42 -38.28 -29.61
CA VAL A 270 -30.86 -38.23 -29.88
C VAL A 270 -31.17 -38.09 -31.37
N PRO A 271 -30.53 -37.19 -32.13
CA PRO A 271 -30.84 -37.13 -33.57
C PRO A 271 -30.51 -38.40 -34.32
N VAL A 272 -29.48 -39.14 -33.90
CA VAL A 272 -29.15 -40.40 -34.57
C VAL A 272 -30.24 -41.43 -34.33
N ILE A 273 -30.69 -41.56 -33.09
CA ILE A 273 -31.76 -42.50 -32.79
C ILE A 273 -33.06 -42.07 -33.47
N ARG A 274 -33.29 -40.76 -33.59
CA ARG A 274 -34.46 -40.29 -34.32
C ARG A 274 -34.38 -40.70 -35.79
N HIS A 275 -33.21 -40.53 -36.40
CA HIS A 275 -33.01 -40.98 -37.77
C HIS A 275 -33.29 -42.47 -37.89
N LEU A 276 -32.84 -43.27 -36.92
CA LEU A 276 -33.01 -44.72 -37.03
C LEU A 276 -34.46 -45.13 -36.78
N PHE A 277 -35.19 -44.41 -35.93
CA PHE A 277 -36.54 -44.80 -35.55
C PHE A 277 -37.62 -44.23 -36.46
N ALA A 278 -37.31 -43.18 -37.23
CA ALA A 278 -38.35 -42.50 -38.01
C ALA A 278 -39.18 -43.41 -38.92
N PRO A 279 -38.61 -44.37 -39.66
CA PRO A 279 -39.46 -45.23 -40.50
C PRO A 279 -40.45 -46.10 -39.72
N LEU A 280 -40.33 -46.17 -38.39
CA LEU A 280 -41.32 -46.90 -37.61
C LEU A 280 -42.70 -46.25 -37.66
N LYS A 281 -42.77 -44.97 -38.06
CA LYS A 281 -44.04 -44.26 -38.13
C LYS A 281 -44.99 -44.90 -39.13
N GLU A 282 -44.48 -45.64 -40.12
CA GLU A 282 -45.30 -46.31 -41.11
C GLU A 282 -45.74 -47.70 -40.65
N TYR A 283 -45.53 -48.04 -39.39
CA TYR A 283 -45.88 -49.36 -38.86
C TYR A 283 -46.71 -49.32 -37.60
N PHE A 284 -46.77 -48.20 -36.89
CA PHE A 284 -47.45 -48.17 -35.60
C PHE A 284 -48.26 -46.89 -35.48
N ALA A 285 -49.18 -46.89 -34.51
CA ALA A 285 -50.08 -45.76 -34.32
C ALA A 285 -49.30 -44.51 -33.98
N CYS A 286 -49.71 -43.39 -34.58
CA CYS A 286 -49.07 -42.10 -34.36
C CYS A 286 -50.09 -41.11 -33.83
N VAL A 287 -49.66 -40.28 -32.89
CA VAL A 287 -50.52 -39.24 -32.33
C VAL A 287 -50.82 -38.21 -33.41
N GLY B 1 -45.64 16.19 -7.46
CA GLY B 1 -46.93 16.55 -8.01
C GLY B 1 -46.87 17.09 -9.42
N SER B 2 -45.75 16.85 -10.11
CA SER B 2 -45.57 17.28 -11.49
C SER B 2 -45.54 16.06 -12.40
N ALA B 3 -45.81 16.29 -13.68
CA ALA B 3 -45.92 15.21 -14.65
C ALA B 3 -44.61 14.98 -15.38
N GLU B 4 -44.28 13.71 -15.57
CA GLU B 4 -43.14 13.28 -16.36
C GLU B 4 -43.32 11.81 -16.68
N LYS B 5 -42.78 11.39 -17.83
CA LYS B 5 -42.87 10.00 -18.22
C LYS B 5 -42.07 9.13 -17.25
N ARG B 6 -42.67 8.02 -16.82
CA ARG B 6 -41.99 7.15 -15.86
C ARG B 6 -40.82 6.45 -16.53
N LYS B 7 -39.67 6.44 -15.85
CA LYS B 7 -38.43 5.92 -16.41
C LYS B 7 -38.09 4.56 -15.84
N PRO B 8 -37.26 3.78 -16.54
CA PRO B 8 -36.81 2.49 -15.98
C PRO B 8 -35.95 2.69 -14.75
N ILE B 9 -35.96 1.68 -13.89
CA ILE B 9 -35.40 1.78 -12.54
C ILE B 9 -33.90 1.48 -12.59
N ARG B 10 -33.13 2.19 -11.76
CA ARG B 10 -31.69 2.02 -11.66
C ARG B 10 -31.37 1.43 -10.29
N VAL B 11 -30.71 0.26 -10.29
CA VAL B 11 -30.58 -0.57 -9.10
C VAL B 11 -29.11 -0.78 -8.76
N LEU B 12 -28.80 -0.65 -7.48
CA LEU B 12 -27.54 -1.08 -6.89
C LEU B 12 -27.85 -2.24 -5.95
N SER B 13 -27.32 -3.41 -6.25
CA SER B 13 -27.61 -4.63 -5.51
C SER B 13 -26.31 -5.15 -4.89
N LEU B 14 -26.21 -5.07 -3.57
CA LEU B 14 -25.04 -5.54 -2.85
C LEU B 14 -25.31 -6.91 -2.28
N PHE B 15 -24.28 -7.77 -2.28
CA PHE B 15 -24.42 -9.17 -1.88
C PHE B 15 -25.52 -9.84 -2.69
N ASP B 16 -25.41 -9.72 -4.02
CA ASP B 16 -26.53 -9.99 -4.90
C ASP B 16 -26.92 -11.46 -4.94
N GLY B 17 -25.97 -12.36 -4.72
CA GLY B 17 -26.29 -13.78 -4.78
C GLY B 17 -26.62 -14.22 -6.19
N ILE B 18 -27.80 -14.82 -6.35
CA ILE B 18 -28.22 -15.35 -7.64
C ILE B 18 -29.20 -14.40 -8.31
N ALA B 19 -29.02 -13.10 -8.07
CA ALA B 19 -29.73 -12.04 -8.79
C ALA B 19 -31.24 -12.14 -8.61
N THR B 20 -31.66 -12.49 -7.40
CA THR B 20 -33.09 -12.58 -7.11
C THR B 20 -33.79 -11.25 -7.33
N GLY B 21 -33.11 -10.14 -7.05
CA GLY B 21 -33.72 -8.84 -7.24
C GLY B 21 -34.05 -8.55 -8.69
N LEU B 22 -33.09 -8.81 -9.59
CA LEU B 22 -33.35 -8.62 -11.01
C LEU B 22 -34.45 -9.54 -11.50
N LEU B 23 -34.43 -10.80 -11.08
CA LEU B 23 -35.47 -11.75 -11.47
C LEU B 23 -36.85 -11.25 -11.05
N VAL B 24 -36.95 -10.76 -9.81
CA VAL B 24 -38.25 -10.30 -9.31
C VAL B 24 -38.69 -9.04 -10.04
N LEU B 25 -37.77 -8.10 -10.28
CA LEU B 25 -38.13 -6.88 -11.00
C LEU B 25 -38.60 -7.20 -12.41
N LYS B 26 -37.93 -8.14 -13.08
CA LYS B 26 -38.35 -8.56 -14.42
C LYS B 26 -39.72 -9.23 -14.38
N ASP B 27 -39.96 -10.05 -13.36
CA ASP B 27 -41.24 -10.74 -13.23
C ASP B 27 -42.40 -9.77 -12.99
N LEU B 28 -42.12 -8.62 -12.39
CA LEU B 28 -43.15 -7.61 -12.16
C LEU B 28 -43.42 -6.74 -13.38
N GLY B 29 -42.66 -6.93 -14.46
CA GLY B 29 -42.80 -6.08 -15.62
C GLY B 29 -42.13 -4.74 -15.52
N ILE B 30 -41.36 -4.50 -14.47
CA ILE B 30 -40.68 -3.22 -14.29
C ILE B 30 -39.46 -3.17 -15.20
N GLN B 31 -39.35 -2.10 -15.99
CA GLN B 31 -38.20 -1.94 -16.85
C GLN B 31 -36.97 -1.55 -16.03
N VAL B 32 -35.85 -2.19 -16.33
CA VAL B 32 -34.61 -1.99 -15.59
C VAL B 32 -33.64 -1.25 -16.51
N ASP B 33 -33.34 0.00 -16.15
CA ASP B 33 -32.34 0.78 -16.88
C ASP B 33 -30.97 0.12 -16.76
N ARG B 34 -30.49 -0.07 -15.52
CA ARG B 34 -29.23 -0.74 -15.28
C ARG B 34 -29.26 -1.39 -13.92
N TYR B 35 -28.42 -2.41 -13.75
CA TYR B 35 -28.42 -3.26 -12.56
C TYR B 35 -26.98 -3.56 -12.20
N ILE B 36 -26.45 -2.87 -11.19
CA ILE B 36 -25.08 -3.01 -10.75
C ILE B 36 -25.07 -3.89 -9.51
N ALA B 37 -24.30 -4.98 -9.56
CA ALA B 37 -24.32 -5.99 -8.51
C ALA B 37 -22.93 -6.17 -7.93
N SER B 38 -22.86 -6.19 -6.60
CA SER B 38 -21.65 -6.54 -5.88
C SER B 38 -21.79 -7.96 -5.34
N GLU B 39 -20.85 -8.83 -5.71
CA GLU B 39 -20.89 -10.23 -5.33
C GLU B 39 -19.49 -10.81 -5.50
N VAL B 40 -19.11 -11.73 -4.62
CA VAL B 40 -17.78 -12.31 -4.66
C VAL B 40 -17.79 -13.80 -5.02
N CYS B 41 -18.86 -14.53 -4.73
CA CYS B 41 -18.90 -15.96 -5.02
C CYS B 41 -19.02 -16.16 -6.52
N GLU B 42 -18.05 -16.86 -7.10
CA GLU B 42 -17.99 -17.00 -8.56
C GLU B 42 -19.17 -17.80 -9.10
N ASP B 43 -19.66 -18.78 -8.35
CA ASP B 43 -20.82 -19.54 -8.79
C ASP B 43 -22.05 -18.66 -8.92
N SER B 44 -22.28 -17.80 -7.93
CA SER B 44 -23.43 -16.88 -8.00
C SER B 44 -23.28 -15.90 -9.15
N ILE B 45 -22.05 -15.42 -9.38
CA ILE B 45 -21.82 -14.51 -10.50
C ILE B 45 -22.11 -15.20 -11.81
N THR B 46 -21.75 -16.48 -11.92
CA THR B 46 -22.04 -17.22 -13.14
C THR B 46 -23.55 -17.41 -13.32
N VAL B 47 -24.26 -17.72 -12.24
CA VAL B 47 -25.72 -17.84 -12.31
C VAL B 47 -26.33 -16.55 -12.85
N GLY B 48 -25.99 -15.42 -12.22
CA GLY B 48 -26.54 -14.15 -12.68
C GLY B 48 -26.09 -13.77 -14.07
N MET B 49 -24.86 -14.12 -14.44
CA MET B 49 -24.35 -13.81 -15.77
CA MET B 49 -24.35 -13.80 -15.76
C MET B 49 -25.14 -14.53 -16.85
N VAL B 50 -25.37 -15.83 -16.63
CA VAL B 50 -26.06 -16.63 -17.64
C VAL B 50 -27.55 -16.29 -17.66
N ARG B 51 -28.22 -16.39 -16.51
CA ARG B 51 -29.67 -16.31 -16.47
C ARG B 51 -30.23 -14.96 -16.90
N HIS B 52 -29.40 -13.91 -16.90
CA HIS B 52 -29.88 -12.58 -17.27
C HIS B 52 -29.10 -12.00 -18.45
N GLN B 53 -28.34 -12.83 -19.17
CA GLN B 53 -27.83 -12.51 -20.51
C GLN B 53 -26.86 -11.34 -20.48
N GLY B 54 -25.97 -11.32 -19.49
CA GLY B 54 -24.96 -10.29 -19.40
C GLY B 54 -25.47 -8.91 -19.11
N LYS B 55 -26.71 -8.76 -18.65
CA LYS B 55 -27.24 -7.45 -18.32
C LYS B 55 -26.60 -6.89 -17.05
N ILE B 56 -26.26 -7.76 -16.09
CA ILE B 56 -25.73 -7.31 -14.82
C ILE B 56 -24.30 -6.82 -15.00
N MET B 57 -24.00 -5.65 -14.44
CA MET B 57 -22.65 -5.13 -14.40
C MET B 57 -22.05 -5.50 -13.03
N TYR B 58 -21.11 -6.43 -13.04
CA TYR B 58 -20.52 -6.95 -11.81
C TYR B 58 -19.32 -6.11 -11.41
N VAL B 59 -19.25 -5.78 -10.12
CA VAL B 59 -18.22 -4.89 -9.59
C VAL B 59 -17.38 -5.55 -8.50
N GLY B 60 -17.66 -6.81 -8.15
CA GLY B 60 -16.79 -7.53 -7.24
C GLY B 60 -17.09 -7.25 -5.76
N ASP B 61 -16.02 -7.25 -4.97
CA ASP B 61 -16.13 -7.08 -3.52
C ASP B 61 -16.77 -5.74 -3.18
N VAL B 62 -17.73 -5.77 -2.25
CA VAL B 62 -18.42 -4.55 -1.83
C VAL B 62 -17.43 -3.57 -1.20
N ARG B 63 -16.35 -4.08 -0.61
CA ARG B 63 -15.37 -3.22 0.00
C ARG B 63 -14.48 -2.50 -1.01
N SER B 64 -14.60 -2.84 -2.29
CA SER B 64 -13.85 -2.18 -3.34
C SER B 64 -14.65 -1.07 -4.02
N VAL B 65 -15.84 -0.76 -3.51
CA VAL B 65 -16.69 0.28 -4.08
C VAL B 65 -16.54 1.53 -3.24
N THR B 66 -16.05 2.61 -3.86
CA THR B 66 -15.88 3.87 -3.17
C THR B 66 -17.11 4.76 -3.37
N GLN B 67 -17.14 5.86 -2.61
CA GLN B 67 -18.20 6.86 -2.78
C GLN B 67 -18.16 7.47 -4.18
N LYS B 68 -16.96 7.71 -4.69
CA LYS B 68 -16.81 8.24 -6.04
C LYS B 68 -17.41 7.30 -7.07
N HIS B 69 -17.28 5.99 -6.84
CA HIS B 69 -17.90 5.01 -7.73
C HIS B 69 -19.42 5.12 -7.70
N ILE B 70 -20.00 5.25 -6.50
CA ILE B 70 -21.45 5.39 -6.41
C ILE B 70 -21.91 6.66 -7.13
N GLN B 71 -21.13 7.73 -7.05
CA GLN B 71 -21.52 8.96 -7.73
C GLN B 71 -21.40 8.82 -9.24
N GLU B 72 -20.31 8.20 -9.73
CA GLU B 72 -20.06 8.14 -11.15
C GLU B 72 -20.97 7.13 -11.85
N TRP B 73 -21.21 5.99 -11.20
CA TRP B 73 -22.10 4.97 -11.75
C TRP B 73 -23.57 5.32 -11.59
N GLY B 74 -23.91 6.15 -10.61
CA GLY B 74 -25.28 6.51 -10.35
C GLY B 74 -25.79 7.57 -11.31
N PRO B 75 -26.97 8.14 -11.00
CA PRO B 75 -27.81 7.92 -9.81
C PRO B 75 -28.48 6.55 -9.77
N PHE B 76 -28.85 6.10 -8.58
CA PHE B 76 -29.59 4.86 -8.39
C PHE B 76 -30.94 5.18 -7.78
N ASP B 77 -31.96 4.42 -8.20
CA ASP B 77 -33.30 4.57 -7.64
C ASP B 77 -33.61 3.54 -6.57
N LEU B 78 -32.92 2.41 -6.57
CA LEU B 78 -33.19 1.34 -5.63
C LEU B 78 -31.88 0.71 -5.20
N VAL B 79 -31.67 0.61 -3.89
CA VAL B 79 -30.47 0.01 -3.31
C VAL B 79 -30.90 -1.15 -2.43
N ILE B 80 -30.55 -2.38 -2.84
CA ILE B 80 -30.97 -3.57 -2.12
C ILE B 80 -29.74 -4.35 -1.67
N GLY B 81 -29.93 -5.14 -0.61
CA GLY B 81 -28.84 -5.93 -0.08
C GLY B 81 -29.17 -6.86 1.07
N GLY B 82 -28.54 -8.03 1.06
CA GLY B 82 -28.64 -8.98 2.16
C GLY B 82 -27.27 -9.55 2.50
N SER B 83 -26.64 -8.97 3.52
CA SER B 83 -25.26 -9.32 3.86
C SER B 83 -25.19 -10.70 4.50
N PRO B 84 -24.01 -11.33 4.48
CA PRO B 84 -23.87 -12.66 5.10
C PRO B 84 -24.29 -12.66 6.56
N CYS B 85 -24.78 -13.81 7.02
CA CYS B 85 -25.39 -13.93 8.33
C CYS B 85 -24.71 -14.93 9.26
N ASN B 86 -23.62 -15.58 8.81
CA ASN B 86 -23.01 -16.63 9.63
C ASN B 86 -22.51 -16.10 10.96
N ASP B 87 -22.10 -14.83 11.01
CA ASP B 87 -21.63 -14.23 12.25
C ASP B 87 -22.73 -13.49 13.01
N LEU B 88 -23.97 -13.52 12.50
CA LEU B 88 -25.11 -12.95 13.19
C LEU B 88 -26.04 -13.99 13.76
N SER B 89 -26.06 -15.20 13.22
CA SER B 89 -27.01 -16.22 13.63
C SER B 89 -26.62 -16.80 14.99
N ILE B 90 -27.60 -16.86 15.90
CA ILE B 90 -27.37 -17.45 17.21
C ILE B 90 -27.14 -18.96 17.13
N VAL B 91 -27.42 -19.58 15.98
CA VAL B 91 -27.13 -21.01 15.84
C VAL B 91 -25.63 -21.25 15.79
N ASN B 92 -24.85 -20.25 15.36
CA ASN B 92 -23.40 -20.38 15.31
C ASN B 92 -22.83 -20.02 16.68
N PRO B 93 -22.22 -20.98 17.39
CA PRO B 93 -21.60 -20.64 18.67
C PRO B 93 -20.29 -19.88 18.51
N ALA B 94 -19.68 -19.93 17.34
CA ALA B 94 -18.47 -19.16 17.05
C ALA B 94 -18.77 -17.82 16.38
N ARG B 95 -20.00 -17.34 16.50
CA ARG B 95 -20.38 -16.08 15.86
C ARG B 95 -19.58 -14.93 16.46
N LYS B 96 -19.13 -14.02 15.58
CA LYS B 96 -18.35 -12.87 16.01
C LYS B 96 -19.19 -11.61 16.17
N GLY B 97 -20.47 -11.64 15.78
CA GLY B 97 -21.35 -10.53 16.02
C GLY B 97 -21.42 -9.55 14.87
N LEU B 98 -22.22 -8.50 15.09
CA LEU B 98 -22.46 -7.51 14.04
C LEU B 98 -21.20 -6.74 13.68
N TYR B 99 -20.29 -6.54 14.63
CA TYR B 99 -19.19 -5.60 14.45
C TYR B 99 -17.88 -6.27 14.04
N GLU B 100 -17.79 -7.59 14.06
CA GLU B 100 -16.57 -8.28 13.69
C GLU B 100 -16.89 -9.37 12.68
N GLY B 101 -15.84 -10.00 12.16
CA GLY B 101 -16.01 -11.09 11.21
C GLY B 101 -16.66 -10.59 9.92
N THR B 102 -17.60 -11.39 9.42
CA THR B 102 -18.38 -11.02 8.25
C THR B 102 -19.63 -10.22 8.60
N GLY B 103 -19.94 -10.06 9.90
CA GLY B 103 -21.07 -9.23 10.27
C GLY B 103 -20.88 -7.78 9.91
N ARG B 104 -19.66 -7.27 10.11
CA ARG B 104 -19.37 -5.87 9.80
C ARG B 104 -19.58 -5.52 8.34
N LEU B 105 -19.75 -6.52 7.46
CA LEU B 105 -20.11 -6.24 6.08
C LEU B 105 -21.39 -5.43 6.00
N PHE B 106 -22.29 -5.58 6.98
CA PHE B 106 -23.48 -4.74 7.03
C PHE B 106 -23.14 -3.27 6.89
N PHE B 107 -22.07 -2.83 7.56
CA PHE B 107 -21.73 -1.41 7.54
C PHE B 107 -21.37 -0.94 6.13
N GLU B 108 -20.80 -1.81 5.31
CA GLU B 108 -20.59 -1.49 3.90
C GLU B 108 -21.91 -1.05 3.26
N PHE B 109 -22.96 -1.84 3.47
CA PHE B 109 -24.30 -1.40 3.06
C PHE B 109 -24.59 -0.01 3.60
N TYR B 110 -24.52 0.15 4.93
CA TYR B 110 -24.74 1.45 5.55
C TYR B 110 -23.90 2.52 4.88
N ARG B 111 -22.67 2.18 4.53
CA ARG B 111 -21.80 3.13 3.83
C ARG B 111 -22.40 3.50 2.48
N LEU B 112 -22.59 2.51 1.61
CA LEU B 112 -22.90 2.82 0.22
C LEU B 112 -24.30 3.41 0.09
N LEU B 113 -25.25 2.93 0.90
CA LEU B 113 -26.56 3.56 0.96
C LEU B 113 -26.44 5.05 1.21
N HIS B 114 -25.61 5.44 2.19
CA HIS B 114 -25.45 6.87 2.46
C HIS B 114 -24.79 7.57 1.28
N ASP B 115 -23.91 6.87 0.57
CA ASP B 115 -23.32 7.47 -0.62
C ASP B 115 -24.32 7.55 -1.77
N ALA B 116 -25.38 6.75 -1.72
CA ALA B 116 -26.33 6.67 -2.83
C ALA B 116 -27.58 7.50 -2.61
N ARG B 117 -27.92 7.85 -1.38
CA ARG B 117 -29.11 8.64 -1.10
CA ARG B 117 -29.14 8.60 -1.16
C ARG B 117 -29.05 9.98 -1.82
N PRO B 118 -30.17 10.48 -2.35
CA PRO B 118 -30.15 11.82 -2.95
C PRO B 118 -29.80 12.86 -1.91
N LYS B 119 -29.13 13.92 -2.38
CA LYS B 119 -28.79 15.02 -1.50
C LYS B 119 -30.07 15.69 -1.00
N GLU B 120 -29.95 16.41 0.11
CA GLU B 120 -31.12 17.08 0.68
C GLU B 120 -31.67 18.09 -0.32
N GLY B 121 -32.99 18.17 -0.40
CA GLY B 121 -33.65 18.99 -1.39
C GLY B 121 -34.00 18.28 -2.68
N ASP B 122 -33.51 17.05 -2.88
CA ASP B 122 -33.84 16.24 -4.05
C ASP B 122 -35.00 15.33 -3.65
N ASP B 123 -36.18 15.59 -4.22
CA ASP B 123 -37.39 14.87 -3.85
C ASP B 123 -37.63 13.63 -4.70
N ARG B 124 -36.67 13.22 -5.51
CA ARG B 124 -36.87 12.09 -6.40
C ARG B 124 -37.08 10.81 -5.59
N PRO B 125 -37.96 9.92 -6.04
CA PRO B 125 -38.18 8.67 -5.29
C PRO B 125 -36.90 7.86 -5.17
N PHE B 126 -36.67 7.33 -3.98
CA PHE B 126 -35.46 6.57 -3.71
C PHE B 126 -35.78 5.52 -2.65
N PHE B 127 -35.54 4.26 -2.98
CA PHE B 127 -35.91 3.16 -2.10
C PHE B 127 -34.71 2.27 -1.81
N TRP B 128 -34.75 1.64 -0.65
CA TRP B 128 -33.68 0.75 -0.23
C TRP B 128 -34.27 -0.39 0.58
N LEU B 129 -33.55 -1.51 0.58
CA LEU B 129 -33.98 -2.71 1.27
C LEU B 129 -32.76 -3.45 1.81
N PHE B 130 -32.77 -3.76 3.10
CA PHE B 130 -31.74 -4.59 3.71
C PHE B 130 -32.40 -5.77 4.40
N GLU B 131 -31.91 -6.96 4.11
CA GLU B 131 -32.49 -8.19 4.65
C GLU B 131 -31.48 -8.91 5.53
N ASN B 132 -31.97 -9.55 6.58
CA ASN B 132 -31.14 -10.50 7.30
C ASN B 132 -32.03 -11.44 8.10
N VAL B 133 -31.41 -12.27 8.95
CA VAL B 133 -32.11 -13.35 9.63
C VAL B 133 -32.81 -12.82 10.88
N VAL B 134 -33.88 -13.52 11.26
CA VAL B 134 -34.55 -13.23 12.52
C VAL B 134 -33.75 -13.80 13.70
N ALA B 135 -33.10 -14.95 13.50
CA ALA B 135 -32.38 -15.62 14.58
C ALA B 135 -31.00 -15.01 14.79
N MET B 136 -31.00 -13.75 15.20
CA MET B 136 -29.78 -13.04 15.56
C MET B 136 -29.91 -12.49 16.98
N GLY B 137 -28.79 -12.01 17.51
CA GLY B 137 -28.80 -11.44 18.84
C GLY B 137 -29.69 -10.21 18.90
N VAL B 138 -30.35 -10.01 20.05
CA VAL B 138 -31.24 -8.87 20.22
C VAL B 138 -30.46 -7.56 20.10
N SER B 139 -29.24 -7.54 20.62
CA SER B 139 -28.41 -6.34 20.51
C SER B 139 -28.05 -6.06 19.06
N ASP B 140 -27.73 -7.10 18.29
CA ASP B 140 -27.41 -6.91 16.88
C ASP B 140 -28.59 -6.32 16.12
N LYS B 141 -29.80 -6.80 16.39
CA LYS B 141 -30.98 -6.27 15.73
C LYS B 141 -31.23 -4.82 16.13
N ARG B 142 -31.11 -4.51 17.43
CA ARG B 142 -31.28 -3.14 17.88
C ARG B 142 -30.27 -2.23 17.20
N ASP B 143 -29.02 -2.67 17.06
CA ASP B 143 -27.98 -1.83 16.49
C ASP B 143 -28.19 -1.63 14.99
N ILE B 144 -28.62 -2.67 14.28
CA ILE B 144 -28.94 -2.50 12.86
C ILE B 144 -30.09 -1.51 12.69
N SER B 145 -31.14 -1.65 13.52
CA SER B 145 -32.24 -0.70 13.46
C SER B 145 -31.80 0.71 13.78
N ARG B 146 -30.82 0.86 14.68
CA ARG B 146 -30.30 2.18 15.01
C ARG B 146 -29.55 2.77 13.82
N PHE B 147 -28.70 1.98 13.17
CA PHE B 147 -27.91 2.49 12.06
C PHE B 147 -28.78 2.80 10.84
N LEU B 148 -29.84 2.03 10.63
CA LEU B 148 -30.70 2.24 9.47
C LEU B 148 -31.88 3.17 9.75
N GLU B 149 -32.06 3.62 11.00
CA GLU B 149 -33.15 4.54 11.37
C GLU B 149 -34.50 3.96 10.98
N SER B 150 -34.67 2.66 11.17
CA SER B 150 -35.89 1.98 10.75
C SER B 150 -36.11 0.77 11.63
N ASN B 151 -37.39 0.48 11.89
CA ASN B 151 -37.61 -0.81 12.53
C ASN B 151 -37.96 -1.86 11.48
N PRO B 152 -37.44 -3.07 11.63
CA PRO B 152 -37.62 -4.08 10.58
C PRO B 152 -39.03 -4.64 10.55
N VAL B 153 -39.39 -5.17 9.39
CA VAL B 153 -40.62 -5.93 9.20
C VAL B 153 -40.26 -7.40 9.14
N MET B 154 -40.95 -8.22 9.91
CA MET B 154 -40.71 -9.67 9.90
C MET B 154 -41.63 -10.32 8.88
N ILE B 155 -41.04 -11.01 7.90
CA ILE B 155 -41.81 -11.73 6.90
C ILE B 155 -41.29 -13.16 6.83
N ASP B 156 -42.20 -14.12 6.94
CA ASP B 156 -41.86 -15.54 6.86
C ASP B 156 -42.38 -16.07 5.53
N ALA B 157 -41.48 -16.63 4.73
CA ALA B 157 -41.86 -17.15 3.42
C ALA B 157 -42.88 -18.28 3.51
N LYS B 158 -43.05 -18.87 4.70
CA LYS B 158 -44.03 -19.94 4.88
C LYS B 158 -45.44 -19.47 4.57
N GLU B 159 -45.69 -18.17 4.62
CA GLU B 159 -47.02 -17.65 4.33
C GLU B 159 -47.35 -17.70 2.85
N VAL B 160 -46.35 -17.71 1.97
CA VAL B 160 -46.58 -17.62 0.54
C VAL B 160 -45.74 -18.66 -0.20
N SER B 161 -45.19 -19.62 0.54
CA SER B 161 -44.36 -20.66 -0.07
C SER B 161 -44.34 -21.85 0.88
N ALA B 162 -43.58 -22.88 0.49
CA ALA B 162 -43.52 -24.13 1.24
C ALA B 162 -42.27 -24.21 2.13
N ALA B 163 -41.70 -23.08 2.51
CA ALA B 163 -40.45 -23.06 3.26
C ALA B 163 -40.61 -22.23 4.53
N HIS B 164 -40.13 -22.76 5.65
CA HIS B 164 -39.96 -21.96 6.86
C HIS B 164 -38.78 -21.03 6.65
N ARG B 165 -39.04 -19.73 6.58
CA ARG B 165 -37.98 -18.76 6.32
C ARG B 165 -38.40 -17.38 6.81
N ALA B 166 -38.24 -17.15 8.12
CA ALA B 166 -38.55 -15.86 8.72
C ALA B 166 -37.34 -14.94 8.60
N ARG B 167 -37.55 -13.75 8.04
CA ARG B 167 -36.47 -12.80 7.84
C ARG B 167 -36.91 -11.41 8.25
N TYR B 168 -35.92 -10.62 8.68
CA TYR B 168 -36.11 -9.20 8.96
C TYR B 168 -35.80 -8.40 7.69
N PHE B 169 -36.66 -7.44 7.39
CA PHE B 169 -36.51 -6.55 6.24
C PHE B 169 -36.59 -5.11 6.73
N TRP B 170 -35.46 -4.42 6.73
CA TRP B 170 -35.43 -2.98 6.92
C TRP B 170 -35.56 -2.29 5.57
N GLY B 171 -36.21 -1.15 5.55
CA GLY B 171 -36.32 -0.39 4.32
C GLY B 171 -37.42 0.64 4.36
N ASN B 172 -37.47 1.44 3.30
CA ASN B 172 -38.49 2.46 3.10
C ASN B 172 -39.40 2.15 1.92
N LEU B 173 -39.42 0.91 1.45
CA LEU B 173 -40.32 0.54 0.38
C LEU B 173 -41.76 0.79 0.81
N PRO B 174 -42.62 1.24 -0.10
CA PRO B 174 -44.02 1.52 0.29
C PRO B 174 -44.74 0.24 0.72
N GLY B 175 -45.43 0.34 1.85
CA GLY B 175 -46.28 -0.74 2.31
C GLY B 175 -45.57 -2.06 2.56
N MET B 176 -44.40 -2.01 3.19
CA MET B 176 -43.68 -3.25 3.48
C MET B 176 -44.45 -4.14 4.46
N ASN B 177 -45.10 -3.54 5.45
CA ASN B 177 -45.80 -4.31 6.48
C ASN B 177 -47.21 -4.71 6.06
N ARG B 178 -47.66 -4.33 4.87
CA ARG B 178 -49.00 -4.67 4.44
C ARG B 178 -49.15 -6.19 4.34
N PRO B 179 -50.37 -6.71 4.48
CA PRO B 179 -50.56 -8.15 4.41
C PRO B 179 -50.13 -8.74 3.07
N LEU B 180 -49.59 -9.95 3.13
CA LEU B 180 -49.15 -10.64 1.92
C LEU B 180 -50.33 -11.31 1.23
N ALA B 181 -50.30 -11.26 -0.11
CA ALA B 181 -51.35 -11.88 -0.91
C ALA B 181 -50.94 -13.31 -1.26
N SER B 182 -51.80 -14.26 -0.96
CA SER B 182 -51.64 -15.64 -1.42
C SER B 182 -52.35 -15.76 -2.77
N THR B 183 -51.58 -15.88 -3.84
CA THR B 183 -52.12 -15.95 -5.18
C THR B 183 -52.26 -17.41 -5.62
N VAL B 184 -52.40 -17.63 -6.92
CA VAL B 184 -52.54 -18.99 -7.44
C VAL B 184 -51.17 -19.61 -7.76
N ASN B 185 -50.19 -18.80 -8.16
CA ASN B 185 -48.86 -19.31 -8.44
C ASN B 185 -48.18 -19.87 -7.20
N ASP B 186 -48.62 -19.45 -6.01
CA ASP B 186 -47.96 -19.86 -4.78
C ASP B 186 -48.14 -21.35 -4.53
N LYS B 187 -47.02 -22.05 -4.35
CA LYS B 187 -47.03 -23.47 -4.01
C LYS B 187 -46.86 -23.56 -2.49
N LEU B 188 -48.00 -23.57 -1.79
CA LEU B 188 -47.98 -23.51 -0.33
C LEU B 188 -47.46 -24.78 0.32
N GLU B 189 -47.56 -25.92 -0.35
CA GLU B 189 -47.23 -27.21 0.24
C GLU B 189 -45.99 -27.79 -0.42
N LEU B 190 -45.18 -28.50 0.38
CA LEU B 190 -43.98 -29.14 -0.15
C LEU B 190 -44.32 -30.13 -1.26
N GLN B 191 -45.48 -30.77 -1.18
CA GLN B 191 -45.86 -31.75 -2.20
C GLN B 191 -45.91 -31.11 -3.58
N GLU B 192 -46.37 -29.85 -3.66
CA GLU B 192 -46.44 -29.15 -4.93
C GLU B 192 -45.07 -28.86 -5.52
N CYS B 193 -44.00 -28.98 -4.73
CA CYS B 193 -42.66 -28.67 -5.19
C CYS B 193 -41.86 -29.90 -5.59
N LEU B 194 -42.35 -31.10 -5.28
CA LEU B 194 -41.59 -32.30 -5.52
C LEU B 194 -41.69 -32.75 -6.98
N GLU B 195 -40.70 -33.52 -7.42
CA GLU B 195 -40.72 -34.10 -8.75
C GLU B 195 -41.68 -35.29 -8.77
N HIS B 196 -41.89 -35.84 -9.97
CA HIS B 196 -42.84 -36.92 -10.13
C HIS B 196 -42.42 -38.17 -9.35
N GLY B 197 -43.39 -38.83 -8.73
CA GLY B 197 -43.14 -40.05 -8.00
C GLY B 197 -42.55 -39.86 -6.63
N ARG B 198 -42.74 -38.69 -6.02
CA ARG B 198 -42.22 -38.41 -4.69
C ARG B 198 -43.35 -37.86 -3.82
N ILE B 199 -43.31 -38.20 -2.54
CA ILE B 199 -44.33 -37.79 -1.58
C ILE B 199 -43.66 -37.00 -0.47
N ALA B 200 -44.33 -35.96 0.01
CA ALA B 200 -43.78 -35.06 1.01
C ALA B 200 -44.24 -35.50 2.41
N LYS B 201 -43.28 -35.70 3.31
CA LYS B 201 -43.63 -36.01 4.69
C LYS B 201 -44.31 -34.83 5.37
N PHE B 202 -43.73 -33.65 5.24
CA PHE B 202 -44.23 -32.45 5.89
C PHE B 202 -44.85 -31.52 4.87
N SER B 203 -45.60 -30.54 5.38
CA SER B 203 -46.22 -29.55 4.51
C SER B 203 -45.22 -28.46 4.11
N LYS B 204 -44.35 -28.05 5.03
CA LYS B 204 -43.39 -27.00 4.76
C LYS B 204 -42.00 -27.43 5.23
N VAL B 205 -41.00 -26.77 4.69
CA VAL B 205 -39.61 -27.20 4.81
C VAL B 205 -38.91 -26.32 5.84
N ARG B 206 -37.90 -26.90 6.50
CA ARG B 206 -37.06 -26.17 7.45
C ARG B 206 -35.63 -26.10 6.93
N THR B 207 -34.89 -25.11 7.42
CA THR B 207 -33.50 -24.90 6.99
C THR B 207 -32.61 -26.09 7.36
N ASP B 220 -30.99 -33.16 13.16
CA ASP B 220 -31.35 -33.52 11.79
C ASP B 220 -32.35 -34.67 11.76
N GLN B 221 -31.92 -35.81 11.21
CA GLN B 221 -32.70 -37.04 11.19
C GLN B 221 -34.03 -36.87 10.45
N HIS B 222 -34.06 -36.02 9.42
CA HIS B 222 -35.25 -35.89 8.57
C HIS B 222 -34.83 -35.87 7.11
N PHE B 223 -35.29 -36.89 6.37
CA PHE B 223 -35.22 -36.92 4.92
C PHE B 223 -36.59 -36.52 4.42
N PRO B 224 -36.81 -35.25 4.03
CA PRO B 224 -38.17 -34.73 3.89
C PRO B 224 -38.99 -35.34 2.76
N VAL B 225 -38.49 -36.31 1.98
CA VAL B 225 -39.32 -36.87 0.92
C VAL B 225 -39.20 -38.39 0.91
N PHE B 226 -40.30 -39.04 0.54
CA PHE B 226 -40.35 -40.47 0.29
C PHE B 226 -40.35 -40.69 -1.22
N MET B 227 -39.51 -41.60 -1.70
CA MET B 227 -39.57 -42.04 -3.09
C MET B 227 -39.63 -43.56 -3.12
N ASN B 228 -40.72 -44.10 -3.67
CA ASN B 228 -40.98 -45.53 -3.66
C ASN B 228 -40.87 -46.09 -2.25
N GLU B 229 -39.89 -46.96 -2.03
CA GLU B 229 -39.68 -47.56 -0.72
C GLU B 229 -38.79 -46.73 0.20
N LYS B 230 -37.94 -45.88 -0.36
CA LYS B 230 -36.84 -45.30 0.39
C LYS B 230 -37.12 -43.85 0.81
N GLU B 231 -36.37 -43.42 1.82
CA GLU B 231 -36.29 -42.04 2.24
C GLU B 231 -35.34 -41.26 1.34
N ASP B 232 -35.49 -39.94 1.30
CA ASP B 232 -34.67 -39.13 0.42
C ASP B 232 -34.72 -37.68 0.87
N ILE B 233 -33.68 -36.94 0.50
CA ILE B 233 -33.55 -35.52 0.76
C ILE B 233 -34.13 -34.74 -0.41
N LEU B 234 -34.25 -33.42 -0.25
CA LEU B 234 -34.77 -32.57 -1.31
C LEU B 234 -33.77 -32.43 -2.44
N TRP B 235 -34.27 -32.42 -3.67
CA TRP B 235 -33.45 -32.16 -4.84
C TRP B 235 -33.36 -30.65 -5.08
N CYS B 236 -32.38 -30.26 -5.89
CA CYS B 236 -32.15 -28.83 -6.11
C CYS B 236 -33.30 -28.20 -6.89
N THR B 237 -33.89 -28.93 -7.85
CA THR B 237 -35.04 -28.39 -8.56
C THR B 237 -36.23 -28.21 -7.63
N GLU B 238 -36.47 -29.18 -6.75
CA GLU B 238 -37.56 -29.06 -5.80
C GLU B 238 -37.31 -27.93 -4.81
N MET B 239 -36.06 -27.72 -4.43
CA MET B 239 -35.71 -26.60 -3.56
C MET B 239 -35.92 -25.27 -4.29
N GLU B 240 -35.63 -25.24 -5.59
CA GLU B 240 -35.94 -24.06 -6.39
C GLU B 240 -37.42 -23.75 -6.35
N ARG B 241 -38.26 -24.79 -6.53
CA ARG B 241 -39.69 -24.59 -6.45
CA ARG B 241 -39.70 -24.58 -6.45
C ARG B 241 -40.10 -24.11 -5.06
N VAL B 242 -39.44 -24.64 -4.02
CA VAL B 242 -39.75 -24.25 -2.65
C VAL B 242 -39.43 -22.78 -2.42
N PHE B 243 -38.32 -22.30 -2.97
CA PHE B 243 -37.90 -20.91 -2.81
C PHE B 243 -38.50 -19.97 -3.84
N GLY B 244 -39.30 -20.48 -4.77
CA GLY B 244 -39.98 -19.65 -5.74
C GLY B 244 -39.20 -19.31 -6.99
N PHE B 245 -38.06 -19.97 -7.22
CA PHE B 245 -37.28 -19.73 -8.42
C PHE B 245 -37.81 -20.57 -9.57
N PRO B 246 -37.55 -20.16 -10.81
CA PRO B 246 -37.86 -21.05 -11.95
C PRO B 246 -37.07 -22.35 -11.85
N VAL B 247 -37.68 -23.42 -12.33
CA VAL B 247 -37.02 -24.72 -12.28
C VAL B 247 -35.75 -24.67 -13.12
N HIS B 248 -34.69 -25.30 -12.60
CA HIS B 248 -33.37 -25.33 -13.23
C HIS B 248 -32.70 -23.96 -13.29
N TYR B 249 -33.16 -23.02 -12.45
CA TYR B 249 -32.57 -21.68 -12.44
C TYR B 249 -31.09 -21.74 -12.07
N THR B 250 -30.71 -22.61 -11.13
CA THR B 250 -29.34 -22.73 -10.68
C THR B 250 -28.58 -23.86 -11.37
N ASP B 251 -29.12 -24.39 -12.46
CA ASP B 251 -28.46 -25.46 -13.20
C ASP B 251 -27.48 -24.87 -14.22
N VAL B 252 -26.45 -24.22 -13.68
CA VAL B 252 -25.38 -23.63 -14.49
C VAL B 252 -24.06 -23.88 -13.78
N SER B 253 -22.96 -23.71 -14.53
CA SER B 253 -21.62 -23.56 -14.01
C SER B 253 -21.03 -24.83 -13.42
N ALA B 254 -21.64 -25.98 -13.69
CA ALA B 254 -21.02 -27.29 -13.42
C ALA B 254 -20.63 -27.45 -11.95
N MET B 255 -21.48 -26.99 -11.04
CA MET B 255 -21.18 -27.08 -9.61
C MET B 255 -21.87 -28.29 -9.01
N SER B 256 -21.31 -28.78 -7.91
CA SER B 256 -21.87 -29.95 -7.24
C SER B 256 -23.26 -29.65 -6.70
N HIS B 257 -24.00 -30.73 -6.38
CA HIS B 257 -25.31 -30.56 -5.78
C HIS B 257 -25.23 -29.80 -4.47
N LEU B 258 -24.16 -30.00 -3.71
CA LEU B 258 -24.02 -29.32 -2.43
C LEU B 258 -23.79 -27.82 -2.62
N ALA B 259 -23.00 -27.44 -3.62
CA ALA B 259 -22.79 -26.01 -3.88
C ALA B 259 -24.07 -25.34 -4.33
N ARG B 260 -24.84 -26.01 -5.18
CA ARG B 260 -26.14 -25.48 -5.60
C ARG B 260 -27.09 -25.34 -4.41
N GLN B 261 -27.10 -26.34 -3.52
CA GLN B 261 -27.88 -26.25 -2.30
C GLN B 261 -27.44 -25.08 -1.45
N ARG B 262 -26.13 -24.85 -1.34
CA ARG B 262 -25.61 -23.71 -0.61
C ARG B 262 -26.14 -22.40 -1.19
N LEU B 263 -26.06 -22.26 -2.51
CA LEU B 263 -26.56 -21.06 -3.16
C LEU B 263 -28.03 -20.83 -2.86
N LEU B 264 -28.84 -21.88 -2.99
CA LEU B 264 -30.28 -21.72 -2.74
C LEU B 264 -30.56 -21.45 -1.27
N GLY B 265 -29.71 -21.92 -0.37
CA GLY B 265 -29.95 -21.71 1.06
C GLY B 265 -29.73 -20.28 1.50
N ARG B 266 -28.85 -19.54 0.81
CA ARG B 266 -28.57 -18.16 1.16
C ARG B 266 -29.52 -17.17 0.50
N SER B 267 -30.38 -17.62 -0.40
CA SER B 267 -31.11 -16.72 -1.27
C SER B 267 -32.34 -16.14 -0.57
N TRP B 268 -32.96 -15.18 -1.24
CA TRP B 268 -34.25 -14.64 -0.85
C TRP B 268 -35.38 -15.51 -1.39
N SER B 269 -36.49 -15.54 -0.66
CA SER B 269 -37.69 -16.17 -1.18
C SER B 269 -38.29 -15.29 -2.26
N VAL B 270 -38.43 -15.84 -3.47
CA VAL B 270 -38.90 -15.05 -4.60
C VAL B 270 -40.27 -14.42 -4.36
N PRO B 271 -41.28 -15.14 -3.86
CA PRO B 271 -42.57 -14.47 -3.60
C PRO B 271 -42.49 -13.37 -2.55
N VAL B 272 -41.62 -13.51 -1.55
CA VAL B 272 -41.48 -12.47 -0.54
C VAL B 272 -40.92 -11.19 -1.18
N ILE B 273 -39.87 -11.33 -1.99
CA ILE B 273 -39.29 -10.17 -2.67
C ILE B 273 -40.29 -9.59 -3.65
N ARG B 274 -41.09 -10.43 -4.30
CA ARG B 274 -42.11 -9.92 -5.20
C ARG B 274 -43.14 -9.09 -4.45
N HIS B 275 -43.58 -9.57 -3.29
CA HIS B 275 -44.47 -8.79 -2.43
C HIS B 275 -43.84 -7.45 -2.05
N LEU B 276 -42.55 -7.46 -1.71
CA LEU B 276 -41.91 -6.23 -1.27
C LEU B 276 -41.68 -5.26 -2.42
N PHE B 277 -41.47 -5.76 -3.64
CA PHE B 277 -41.16 -4.91 -4.78
C PHE B 277 -42.38 -4.43 -5.54
N ALA B 278 -43.52 -5.12 -5.41
CA ALA B 278 -44.70 -4.78 -6.20
C ALA B 278 -45.09 -3.30 -6.18
N PRO B 279 -45.07 -2.58 -5.06
CA PRO B 279 -45.45 -1.15 -5.10
C PRO B 279 -44.54 -0.29 -5.96
N LEU B 280 -43.36 -0.79 -6.36
CA LEU B 280 -42.48 -0.01 -7.23
C LEU B 280 -43.09 0.23 -8.61
N LYS B 281 -44.09 -0.56 -8.99
CA LYS B 281 -44.71 -0.41 -10.31
C LYS B 281 -45.38 0.95 -10.48
N GLU B 282 -45.74 1.63 -9.40
CA GLU B 282 -46.34 2.95 -9.47
C GLU B 282 -45.30 4.06 -9.42
N TYR B 283 -44.02 3.74 -9.61
CA TYR B 283 -42.95 4.73 -9.60
C TYR B 283 -42.02 4.65 -10.80
N PHE B 284 -42.00 3.55 -11.54
CA PHE B 284 -41.03 3.38 -12.61
C PHE B 284 -41.71 2.75 -13.82
N ALA B 285 -41.04 2.86 -14.97
CA ALA B 285 -41.61 2.38 -16.22
C ALA B 285 -41.87 0.87 -16.17
N CYS B 286 -42.99 0.45 -16.74
CA CYS B 286 -43.39 -0.95 -16.77
C CYS B 286 -43.61 -1.39 -18.20
N VAL B 287 -42.99 -2.50 -18.58
CA VAL B 287 -43.15 -3.06 -19.91
C VAL B 287 -44.55 -3.65 -20.06
N GLY C 1 -19.86 45.20 -8.18
CA GLY C 1 -19.85 44.43 -6.96
C GLY C 1 -20.79 44.95 -5.90
N SER C 2 -20.96 44.19 -4.82
CA SER C 2 -21.81 44.56 -3.70
C SER C 2 -20.93 44.89 -2.49
N ALA C 3 -21.59 45.26 -1.39
CA ALA C 3 -20.88 45.66 -0.18
C ALA C 3 -20.44 44.44 0.62
N GLU C 4 -19.17 44.42 1.00
CA GLU C 4 -18.62 43.40 1.88
C GLU C 4 -17.55 44.04 2.75
N LYS C 5 -17.35 43.46 3.93
CA LYS C 5 -16.18 43.78 4.74
C LYS C 5 -14.99 42.98 4.21
N ARG C 6 -13.87 43.65 4.00
CA ARG C 6 -12.68 42.96 3.51
C ARG C 6 -12.20 41.96 4.55
N LYS C 7 -11.89 40.75 4.10
CA LYS C 7 -11.53 39.66 4.99
C LYS C 7 -10.08 39.24 4.77
N PRO C 8 -9.43 38.68 5.81
CA PRO C 8 -8.03 38.27 5.65
C PRO C 8 -7.90 37.14 4.63
N ILE C 9 -6.72 37.08 4.02
CA ILE C 9 -6.49 36.23 2.87
C ILE C 9 -6.17 34.81 3.33
N ARG C 10 -6.63 33.82 2.55
CA ARG C 10 -6.41 32.41 2.84
C ARG C 10 -5.49 31.84 1.76
N VAL C 11 -4.33 31.34 2.17
CA VAL C 11 -3.23 31.01 1.27
C VAL C 11 -2.92 29.53 1.34
N LEU C 12 -2.74 28.92 0.17
CA LEU C 12 -2.15 27.60 0.02
C LEU C 12 -0.82 27.78 -0.70
N SER C 13 0.27 27.45 -0.02
CA SER C 13 1.62 27.66 -0.54
C SER C 13 2.30 26.30 -0.70
N LEU C 14 2.55 25.91 -1.95
CA LEU C 14 3.23 24.65 -2.25
C LEU C 14 4.70 24.92 -2.53
N PHE C 15 5.56 24.00 -2.10
CA PHE C 15 7.01 24.17 -2.18
C PHE C 15 7.42 25.49 -1.53
N ASP C 16 6.98 25.65 -0.27
CA ASP C 16 7.02 26.96 0.38
C ASP C 16 8.44 27.45 0.64
N GLY C 17 9.40 26.55 0.81
CA GLY C 17 10.75 26.98 1.10
C GLY C 17 10.83 27.66 2.46
N ILE C 18 11.37 28.88 2.47
CA ILE C 18 11.58 29.60 3.72
C ILE C 18 10.45 30.62 3.94
N ALA C 19 9.26 30.30 3.43
CA ALA C 19 8.04 31.05 3.71
C ALA C 19 8.14 32.49 3.23
N THR C 20 8.72 32.68 2.05
CA THR C 20 8.80 34.02 1.46
C THR C 20 7.42 34.62 1.23
N GLY C 21 6.43 33.80 0.88
CA GLY C 21 5.10 34.32 0.61
C GLY C 21 4.47 34.95 1.85
N LEU C 22 4.56 34.25 2.98
CA LEU C 22 4.00 34.79 4.22
C LEU C 22 4.73 36.05 4.64
N LEU C 23 6.06 36.05 4.53
CA LEU C 23 6.85 37.23 4.85
C LEU C 23 6.41 38.43 4.02
N VAL C 24 6.24 38.22 2.71
CA VAL C 24 5.86 39.31 1.82
C VAL C 24 4.44 39.80 2.12
N LEU C 25 3.52 38.86 2.38
CA LEU C 25 2.15 39.26 2.71
C LEU C 25 2.11 40.08 4.00
N LYS C 26 2.88 39.68 5.01
CA LYS C 26 2.94 40.44 6.26
C LYS C 26 3.54 41.81 6.02
N ASP C 27 4.61 41.89 5.21
CA ASP C 27 5.26 43.17 4.97
C ASP C 27 4.34 44.15 4.25
N LEU C 28 3.38 43.65 3.47
CA LEU C 28 2.45 44.51 2.75
C LEU C 28 1.30 44.98 3.63
N GLY C 29 1.20 44.49 4.86
CA GLY C 29 0.08 44.81 5.72
C GLY C 29 -1.16 43.99 5.48
N ILE C 30 -1.10 43.00 4.58
CA ILE C 30 -2.27 42.17 4.31
C ILE C 30 -2.48 41.21 5.48
N GLN C 31 -3.71 41.21 6.01
CA GLN C 31 -4.05 40.30 7.10
C GLN C 31 -4.19 38.89 6.55
N VAL C 32 -3.59 37.92 7.25
CA VAL C 32 -3.54 36.53 6.80
C VAL C 32 -4.44 35.71 7.72
N ASP C 33 -5.54 35.20 7.17
CA ASP C 33 -6.42 34.32 7.93
C ASP C 33 -5.70 33.03 8.29
N ARG C 34 -5.23 32.29 7.27
CA ARG C 34 -4.47 31.08 7.50
C ARG C 34 -3.53 30.84 6.33
N TYR C 35 -2.47 30.08 6.61
CA TYR C 35 -1.36 29.89 5.67
C TYR C 35 -0.95 28.43 5.73
N ILE C 36 -1.41 27.63 4.77
CA ILE C 36 -1.10 26.21 4.68
C ILE C 36 0.06 26.03 3.70
N ALA C 37 1.10 25.34 4.14
CA ALA C 37 2.33 25.21 3.36
C ALA C 37 2.69 23.75 3.17
N SER C 38 3.06 23.39 1.95
CA SER C 38 3.59 22.07 1.64
C SER C 38 5.09 22.19 1.41
N GLU C 39 5.87 21.42 2.18
CA GLU C 39 7.32 21.50 2.15
C GLU C 39 7.88 20.23 2.78
N VAL C 40 9.01 19.77 2.26
CA VAL C 40 9.62 18.54 2.75
C VAL C 40 10.96 18.78 3.42
N CYS C 41 11.67 19.86 3.07
CA CYS C 41 12.99 20.12 3.63
C CYS C 41 12.86 20.58 5.08
N GLU C 42 13.50 19.86 6.00
CA GLU C 42 13.36 20.13 7.42
C GLU C 42 13.95 21.48 7.80
N ASP C 43 15.05 21.88 7.15
CA ASP C 43 15.63 23.19 7.43
C ASP C 43 14.66 24.31 7.07
N SER C 44 14.05 24.21 5.89
CA SER C 44 13.07 25.21 5.47
C SER C 44 11.87 25.25 6.41
N ILE C 45 11.37 24.06 6.80
CA ILE C 45 10.23 24.00 7.71
C ILE C 45 10.59 24.64 9.04
N THR C 46 11.82 24.43 9.52
CA THR C 46 12.22 25.04 10.78
C THR C 46 12.32 26.56 10.66
N VAL C 47 12.87 27.05 9.54
CA VAL C 47 12.91 28.48 9.30
C VAL C 47 11.50 29.06 9.37
N GLY C 48 10.56 28.44 8.67
CA GLY C 48 9.19 28.94 8.66
C GLY C 48 8.53 28.84 10.03
N MET C 49 8.77 27.74 10.74
CA MET C 49 8.15 27.57 12.05
CA MET C 49 8.15 27.56 12.06
C MET C 49 8.62 28.64 13.03
N VAL C 50 9.93 28.89 13.07
CA VAL C 50 10.47 29.87 14.00
C VAL C 50 10.10 31.29 13.59
N ARG C 51 10.41 31.66 12.34
CA ARG C 51 10.31 33.05 11.93
C ARG C 51 8.87 33.57 11.91
N HIS C 52 7.88 32.68 11.95
CA HIS C 52 6.49 33.11 11.93
C HIS C 52 5.68 32.56 13.10
N GLN C 53 6.35 32.01 14.11
CA GLN C 53 5.76 31.71 15.42
C GLN C 53 4.65 30.68 15.32
N GLY C 54 4.91 29.62 14.55
CA GLY C 54 3.96 28.54 14.42
C GLY C 54 2.66 28.90 13.75
N LYS C 55 2.61 30.01 13.02
CA LYS C 55 1.40 30.37 12.29
C LYS C 55 1.18 29.42 11.11
N ILE C 56 2.26 28.98 10.47
CA ILE C 56 2.15 28.15 9.28
C ILE C 56 1.65 26.77 9.68
N MET C 57 0.65 26.27 8.95
CA MET C 57 0.18 24.90 9.11
C MET C 57 0.87 24.03 8.07
N TYR C 58 1.83 23.24 8.51
CA TYR C 58 2.62 22.41 7.61
C TYR C 58 1.92 21.09 7.34
N VAL C 59 1.91 20.67 6.07
CA VAL C 59 1.22 19.47 5.64
C VAL C 59 2.12 18.46 4.95
N GLY C 60 3.43 18.73 4.85
CA GLY C 60 4.32 17.71 4.32
C GLY C 60 4.41 17.69 2.81
N ASP C 61 4.65 16.49 2.29
CA ASP C 61 4.83 16.29 0.85
C ASP C 61 3.59 16.74 0.07
N VAL C 62 3.82 17.47 -1.03
CA VAL C 62 2.71 17.92 -1.87
C VAL C 62 1.93 16.75 -2.44
N ARG C 63 2.59 15.60 -2.60
CA ARG C 63 1.93 14.42 -3.13
C ARG C 63 1.04 13.72 -2.11
N SER C 64 1.05 14.17 -0.85
CA SER C 64 0.18 13.61 0.17
C SER C 64 -1.08 14.43 0.39
N VAL C 65 -1.29 15.46 -0.42
CA VAL C 65 -2.47 16.32 -0.31
C VAL C 65 -3.47 15.90 -1.37
N THR C 66 -4.66 15.50 -0.94
CA THR C 66 -5.72 15.06 -1.85
C THR C 66 -6.67 16.21 -2.15
N GLN C 67 -7.57 15.97 -3.10
CA GLN C 67 -8.61 16.95 -3.41
C GLN C 67 -9.53 17.14 -2.21
N LYS C 68 -9.86 16.06 -1.50
CA LYS C 68 -10.67 16.18 -0.30
C LYS C 68 -9.98 17.06 0.75
N HIS C 69 -8.65 16.97 0.82
CA HIS C 69 -7.91 17.83 1.72
C HIS C 69 -8.05 19.30 1.33
N ILE C 70 -7.96 19.59 0.03
CA ILE C 70 -8.14 20.96 -0.43
C ILE C 70 -9.54 21.46 -0.09
N GLN C 71 -10.55 20.60 -0.25
CA GLN C 71 -11.92 21.01 0.05
C GLN C 71 -12.10 21.28 1.53
N GLU C 72 -11.60 20.37 2.39
CA GLU C 72 -11.86 20.46 3.82
C GLU C 72 -11.02 21.56 4.48
N TRP C 73 -9.80 21.77 3.99
CA TRP C 73 -8.94 22.83 4.52
C TRP C 73 -9.28 24.20 3.95
N GLY C 74 -9.88 24.24 2.77
CA GLY C 74 -10.21 25.50 2.14
C GLY C 74 -11.49 26.10 2.68
N PRO C 75 -12.02 27.12 1.99
CA PRO C 75 -11.56 27.70 0.72
C PRO C 75 -10.24 28.45 0.83
N PHE C 76 -9.54 28.59 -0.30
CA PHE C 76 -8.32 29.38 -0.38
C PHE C 76 -8.55 30.55 -1.33
N ASP C 77 -7.93 31.68 -1.00
CA ASP C 77 -7.99 32.85 -1.87
C ASP C 77 -6.76 32.97 -2.76
N LEU C 78 -5.63 32.42 -2.33
CA LEU C 78 -4.37 32.59 -3.06
C LEU C 78 -3.60 31.27 -3.03
N VAL C 79 -3.22 30.78 -4.21
CA VAL C 79 -2.47 29.54 -4.33
C VAL C 79 -1.15 29.87 -5.00
N ILE C 80 -0.04 29.72 -4.27
CA ILE C 80 1.27 30.07 -4.77
C ILE C 80 2.20 28.87 -4.74
N GLY C 81 3.20 28.87 -5.61
CA GLY C 81 4.12 27.76 -5.69
C GLY C 81 5.31 27.91 -6.63
N GLY C 82 6.46 27.39 -6.20
CA GLY C 82 7.65 27.33 -7.02
C GLY C 82 8.30 25.96 -6.93
N SER C 83 8.03 25.09 -7.89
CA SER C 83 8.46 23.71 -7.81
C SER C 83 9.96 23.59 -8.10
N PRO C 84 10.59 22.49 -7.66
CA PRO C 84 12.02 22.31 -7.91
C PRO C 84 12.36 22.39 -9.39
N CYS C 85 13.56 22.91 -9.68
CA CYS C 85 13.98 23.21 -11.04
C CYS C 85 15.17 22.38 -11.51
N ASN C 86 15.70 21.48 -10.69
CA ASN C 86 16.91 20.74 -11.05
C ASN C 86 16.75 19.97 -12.35
N ASP C 87 15.56 19.44 -12.62
CA ASP C 87 15.31 18.68 -13.83
C ASP C 87 14.72 19.55 -14.94
N LEU C 88 14.62 20.85 -14.72
CA LEU C 88 14.17 21.77 -15.76
C LEU C 88 15.27 22.67 -16.28
N SER C 89 16.33 22.87 -15.52
CA SER C 89 17.35 23.84 -15.90
C SER C 89 18.29 23.23 -16.92
N ILE C 90 18.54 23.97 -18.00
CA ILE C 90 19.45 23.49 -19.04
C ILE C 90 20.89 23.43 -18.57
N VAL C 91 21.22 24.03 -17.42
CA VAL C 91 22.58 23.92 -16.92
C VAL C 91 22.85 22.50 -16.46
N ASN C 92 21.81 21.79 -16.04
CA ASN C 92 21.93 20.40 -15.66
C ASN C 92 21.96 19.54 -16.91
N PRO C 93 23.09 18.86 -17.20
CA PRO C 93 23.12 17.95 -18.35
C PRO C 93 22.36 16.66 -18.12
N ALA C 94 22.14 16.27 -16.85
CA ALA C 94 21.37 15.09 -16.51
C ALA C 94 19.90 15.41 -16.26
N ARG C 95 19.42 16.56 -16.71
CA ARG C 95 18.04 16.95 -16.48
C ARG C 95 17.09 15.92 -17.11
N LYS C 96 16.05 15.57 -16.36
CA LYS C 96 15.07 14.59 -16.81
C LYS C 96 13.83 15.22 -17.41
N GLY C 97 13.74 16.54 -17.42
CA GLY C 97 12.65 17.22 -18.11
C GLY C 97 11.44 17.47 -17.25
N LEU C 98 10.43 18.08 -17.89
CA LEU C 98 9.23 18.46 -17.17
C LEU C 98 8.39 17.27 -16.75
N TYR C 99 8.39 16.20 -17.54
CA TYR C 99 7.47 15.09 -17.29
C TYR C 99 8.09 13.98 -16.45
N GLU C 100 9.39 14.05 -16.16
CA GLU C 100 10.06 13.03 -15.37
C GLU C 100 10.85 13.69 -14.26
N GLY C 101 11.45 12.87 -13.40
CA GLY C 101 12.26 13.38 -12.31
C GLY C 101 11.43 14.21 -11.35
N THR C 102 12.01 15.31 -10.88
CA THR C 102 11.30 16.26 -10.03
C THR C 102 10.57 17.32 -10.84
N GLY C 103 10.71 17.32 -12.17
CA GLY C 103 9.96 18.26 -12.99
C GLY C 103 8.46 18.00 -12.91
N ARG C 104 8.06 16.73 -12.90
CA ARG C 104 6.64 16.39 -12.84
C ARG C 104 5.98 16.88 -11.56
N LEU C 105 6.75 17.32 -10.57
CA LEU C 105 6.16 17.96 -9.40
C LEU C 105 5.30 19.16 -9.80
N PHE C 106 5.63 19.81 -10.92
CA PHE C 106 4.78 20.88 -11.42
C PHE C 106 3.33 20.45 -11.51
N PHE C 107 3.09 19.24 -12.01
CA PHE C 107 1.72 18.79 -12.20
C PHE C 107 0.96 18.69 -10.89
N GLU C 108 1.66 18.35 -9.79
CA GLU C 108 1.00 18.42 -8.48
C GLU C 108 0.41 19.79 -8.26
N PHE C 109 1.21 20.84 -8.47
CA PHE C 109 0.67 22.19 -8.46
C PHE C 109 -0.54 22.28 -9.37
N TYR C 110 -0.35 21.94 -10.66
CA TYR C 110 -1.46 21.95 -11.62
C TYR C 110 -2.66 21.21 -11.08
N ARG C 111 -2.43 20.09 -10.39
CA ARG C 111 -3.54 19.35 -9.78
C ARG C 111 -4.21 20.18 -8.70
N LEU C 112 -3.44 20.57 -7.67
CA LEU C 112 -4.06 21.18 -6.49
C LEU C 112 -4.72 22.50 -6.84
N LEU C 113 -4.11 23.30 -7.72
CA LEU C 113 -4.75 24.51 -8.21
C LEU C 113 -6.15 24.21 -8.73
N HIS C 114 -6.28 23.19 -9.57
CA HIS C 114 -7.61 22.86 -10.08
C HIS C 114 -8.54 22.39 -8.97
N ASP C 115 -8.00 21.73 -7.95
CA ASP C 115 -8.81 21.35 -6.80
C ASP C 115 -9.22 22.55 -5.96
N ALA C 116 -8.45 23.65 -6.03
CA ALA C 116 -8.72 24.83 -5.22
C ALA C 116 -9.51 25.89 -5.97
N ARG C 117 -9.59 25.81 -7.29
CA ARG C 117 -10.31 26.81 -8.07
CA ARG C 117 -10.30 26.83 -8.04
C ARG C 117 -11.78 26.83 -7.67
N PRO C 118 -12.39 28.00 -7.52
CA PRO C 118 -13.82 28.05 -7.21
C PRO C 118 -14.63 27.41 -8.34
N LYS C 119 -15.70 26.73 -7.96
CA LYS C 119 -16.56 26.08 -8.93
C LYS C 119 -17.21 27.13 -9.84
N GLU C 120 -17.70 26.65 -10.98
CA GLU C 120 -18.29 27.55 -11.97
C GLU C 120 -19.43 28.35 -11.36
N GLY C 121 -19.42 29.66 -11.60
CA GLY C 121 -20.43 30.56 -11.07
C GLY C 121 -20.03 31.27 -9.80
N ASP C 122 -18.93 30.87 -9.16
CA ASP C 122 -18.44 31.53 -7.96
C ASP C 122 -17.53 32.68 -8.39
N ASP C 123 -18.02 33.91 -8.23
CA ASP C 123 -17.30 35.10 -8.67
C ASP C 123 -16.28 35.61 -7.65
N ARG C 124 -16.03 34.85 -6.59
CA ARG C 124 -15.14 35.34 -5.54
C ARG C 124 -13.71 35.48 -6.09
N PRO C 125 -12.98 36.51 -5.67
CA PRO C 125 -11.61 36.68 -6.16
C PRO C 125 -10.75 35.50 -5.77
N PHE C 126 -9.96 35.02 -6.73
CA PHE C 126 -9.11 33.87 -6.52
C PHE C 126 -7.86 34.06 -7.38
N PHE C 127 -6.70 33.99 -6.74
CA PHE C 127 -5.44 34.28 -7.41
C PHE C 127 -4.47 33.13 -7.23
N TRP C 128 -3.58 32.98 -8.20
CA TRP C 128 -2.57 31.93 -8.14
C TRP C 128 -1.29 32.42 -8.81
N LEU C 129 -0.18 31.84 -8.39
CA LEU C 129 1.14 32.20 -8.90
C LEU C 129 2.02 30.95 -8.93
N PHE C 130 2.61 30.68 -10.09
CA PHE C 130 3.60 29.63 -10.25
C PHE C 130 4.88 30.24 -10.78
N GLU C 131 6.01 29.88 -10.17
CA GLU C 131 7.29 30.46 -10.53
C GLU C 131 8.26 29.35 -10.94
N ASN C 132 9.11 29.65 -11.93
CA ASN C 132 10.24 28.78 -12.20
C ASN C 132 11.32 29.55 -12.95
N VAL C 133 12.34 28.84 -13.42
CA VAL C 133 13.53 29.45 -13.99
C VAL C 133 13.30 29.81 -15.45
N VAL C 134 14.03 30.82 -15.92
CA VAL C 134 14.01 31.15 -17.34
C VAL C 134 14.86 30.17 -18.13
N ALA C 135 15.95 29.67 -17.54
CA ALA C 135 16.89 28.79 -18.22
C ALA C 135 16.38 27.34 -18.23
N MET C 136 15.23 27.15 -18.86
CA MET C 136 14.66 25.83 -19.08
C MET C 136 14.49 25.58 -20.57
N GLY C 137 14.25 24.32 -20.92
CA GLY C 137 14.01 23.98 -22.31
C GLY C 137 12.77 24.68 -22.84
N VAL C 138 12.83 25.09 -24.11
CA VAL C 138 11.74 25.84 -24.73
C VAL C 138 10.46 24.99 -24.75
N SER C 139 10.60 23.68 -25.02
CA SER C 139 9.43 22.81 -25.02
C SER C 139 8.79 22.74 -23.63
N ASP C 140 9.60 22.68 -22.58
CA ASP C 140 9.05 22.62 -21.23
C ASP C 140 8.33 23.90 -20.86
N LYS C 141 8.87 25.05 -21.28
CA LYS C 141 8.18 26.33 -21.02
C LYS C 141 6.86 26.38 -21.77
N ARG C 142 6.87 25.99 -23.05
CA ARG C 142 5.62 25.94 -23.80
C ARG C 142 4.60 25.02 -23.15
N ASP C 143 5.06 23.88 -22.62
CA ASP C 143 4.16 22.92 -22.00
C ASP C 143 3.58 23.45 -20.70
N ILE C 144 4.41 24.13 -19.90
CA ILE C 144 3.90 24.74 -18.67
C ILE C 144 2.86 25.80 -19.00
N SER C 145 3.16 26.67 -19.96
CA SER C 145 2.20 27.69 -20.37
C SER C 145 0.93 27.07 -20.91
N ARG C 146 1.03 25.90 -21.55
CA ARG C 146 -0.14 25.21 -22.06
C ARG C 146 -1.00 24.66 -20.93
N PHE C 147 -0.37 24.03 -19.94
CA PHE C 147 -1.12 23.44 -18.84
C PHE C 147 -1.76 24.52 -17.97
N LEU C 148 -1.06 25.62 -17.74
CA LEU C 148 -1.59 26.71 -16.91
C LEU C 148 -2.45 27.68 -17.70
N GLU C 149 -2.54 27.53 -19.02
CA GLU C 149 -3.41 28.35 -19.86
C GLU C 149 -3.08 29.84 -19.70
N SER C 150 -1.79 30.14 -19.60
CA SER C 150 -1.34 31.50 -19.34
C SER C 150 0.06 31.67 -19.91
N ASN C 151 0.35 32.89 -20.36
CA ASN C 151 1.73 33.09 -20.74
C ASN C 151 2.51 33.73 -19.60
N PRO C 152 3.76 33.34 -19.39
CA PRO C 152 4.50 33.82 -18.23
C PRO C 152 4.99 35.26 -18.41
N VAL C 153 5.22 35.90 -17.28
CA VAL C 153 5.88 37.21 -17.23
C VAL C 153 7.31 36.97 -16.77
N MET C 154 8.27 37.57 -17.48
CA MET C 154 9.68 37.47 -17.11
C MET C 154 10.03 38.64 -16.20
N ILE C 155 10.50 38.34 -14.99
CA ILE C 155 10.97 39.37 -14.07
C ILE C 155 12.35 38.99 -13.58
N ASP C 156 13.31 39.91 -13.72
CA ASP C 156 14.67 39.71 -13.25
C ASP C 156 14.85 40.55 -11.98
N ALA C 157 15.24 39.89 -10.89
CA ALA C 157 15.41 40.58 -9.61
C ALA C 157 16.48 41.65 -9.65
N LYS C 158 17.34 41.66 -10.68
CA LYS C 158 18.39 42.66 -10.77
C LYS C 158 17.84 44.08 -10.85
N GLU C 159 16.58 44.22 -11.25
CA GLU C 159 15.97 45.54 -11.36
C GLU C 159 15.62 46.15 -10.02
N VAL C 160 15.47 45.34 -8.97
CA VAL C 160 15.07 45.85 -7.66
C VAL C 160 15.96 45.25 -6.58
N SER C 161 17.10 44.70 -6.97
CA SER C 161 18.01 44.08 -6.02
C SER C 161 19.39 44.00 -6.66
N ALA C 162 20.33 43.41 -5.92
CA ALA C 162 21.71 43.26 -6.36
C ALA C 162 21.99 41.87 -6.91
N ALA C 163 20.96 41.15 -7.34
CA ALA C 163 21.09 39.76 -7.77
C ALA C 163 20.60 39.59 -9.19
N HIS C 164 21.43 38.99 -10.04
CA HIS C 164 20.96 38.48 -11.33
C HIS C 164 20.09 37.26 -11.07
N ARG C 165 18.77 37.41 -11.24
CA ARG C 165 17.87 36.29 -11.01
C ARG C 165 16.61 36.52 -11.86
N ALA C 166 16.64 36.03 -13.09
CA ALA C 166 15.52 36.14 -14.00
C ALA C 166 14.62 34.91 -13.86
N ARG C 167 13.33 35.14 -13.62
CA ARG C 167 12.40 34.05 -13.39
C ARG C 167 11.12 34.27 -14.19
N TYR C 168 10.49 33.16 -14.56
CA TYR C 168 9.17 33.15 -15.18
C TYR C 168 8.10 33.04 -14.10
N PHE C 169 7.06 33.87 -14.22
CA PHE C 169 5.93 33.88 -13.31
C PHE C 169 4.66 33.72 -14.12
N TRP C 170 4.01 32.56 -14.00
CA TRP C 170 2.66 32.36 -14.49
C TRP C 170 1.67 32.72 -13.39
N GLY C 171 0.53 33.26 -13.79
CA GLY C 171 -0.50 33.56 -12.81
C GLY C 171 -1.54 34.51 -13.34
N ASN C 172 -2.54 34.75 -12.50
CA ASN C 172 -3.64 35.67 -12.79
C ASN C 172 -3.66 36.85 -11.84
N LEU C 173 -2.55 37.13 -11.16
CA LEU C 173 -2.50 38.28 -10.27
C LEU C 173 -2.71 39.56 -11.09
N PRO C 174 -3.32 40.57 -10.50
CA PRO C 174 -3.51 41.83 -11.24
C PRO C 174 -2.17 42.49 -11.55
N GLY C 175 -2.02 42.90 -12.81
CA GLY C 175 -0.89 43.69 -13.24
C GLY C 175 0.47 43.08 -12.98
N MET C 176 0.64 41.79 -13.29
CA MET C 176 1.96 41.17 -13.12
C MET C 176 2.98 41.75 -14.08
N ASN C 177 2.57 42.14 -15.28
CA ASN C 177 3.48 42.69 -16.28
C ASN C 177 3.75 44.18 -16.08
N ARG C 178 3.09 44.82 -15.12
CA ARG C 178 3.26 46.25 -14.94
C ARG C 178 4.72 46.56 -14.56
N PRO C 179 5.20 47.76 -14.87
CA PRO C 179 6.58 48.10 -14.54
C PRO C 179 6.85 48.01 -13.04
N LEU C 180 8.07 47.58 -12.71
CA LEU C 180 8.48 47.47 -11.31
C LEU C 180 8.91 48.83 -10.78
N ALA C 181 8.59 49.10 -9.53
CA ALA C 181 8.96 50.35 -8.88
C ALA C 181 10.25 50.14 -8.09
N SER C 182 11.25 50.96 -8.38
CA SER C 182 12.48 51.00 -7.59
C SER C 182 12.25 51.96 -6.43
N THR C 183 12.20 51.44 -5.21
CA THR C 183 11.90 52.23 -4.04
C THR C 183 13.19 52.55 -3.29
N VAL C 184 13.05 52.98 -2.04
CA VAL C 184 14.22 53.35 -1.23
C VAL C 184 14.81 52.16 -0.50
N ASN C 185 13.98 51.18 -0.11
CA ASN C 185 14.49 49.98 0.56
C ASN C 185 15.33 49.12 -0.37
N ASP C 186 15.15 49.25 -1.67
CA ASP C 186 15.86 48.40 -2.62
C ASP C 186 17.35 48.70 -2.60
N LYS C 187 18.16 47.68 -2.35
CA LYS C 187 19.61 47.77 -2.38
C LYS C 187 20.06 47.25 -3.74
N LEU C 188 20.20 48.15 -4.71
CA LEU C 188 20.52 47.72 -6.07
C LEU C 188 21.96 47.26 -6.21
N GLU C 189 22.88 47.77 -5.40
CA GLU C 189 24.29 47.49 -5.55
C GLU C 189 24.74 46.46 -4.51
N LEU C 190 25.60 45.53 -4.95
CA LEU C 190 26.13 44.51 -4.05
C LEU C 190 26.84 45.13 -2.85
N GLN C 191 27.48 46.29 -3.05
CA GLN C 191 28.15 46.97 -1.94
C GLN C 191 27.19 47.28 -0.81
N GLU C 192 25.95 47.65 -1.14
CA GLU C 192 24.94 47.94 -0.14
C GLU C 192 24.55 46.72 0.69
N CYS C 193 24.92 45.52 0.25
CA CYS C 193 24.56 44.29 0.94
C CYS C 193 25.69 43.69 1.76
N LEU C 194 26.89 44.26 1.68
CA LEU C 194 28.05 43.69 2.34
C LEU C 194 28.14 44.14 3.79
N GLU C 195 28.79 43.31 4.60
CA GLU C 195 29.07 43.66 5.98
C GLU C 195 30.21 44.67 6.05
N HIS C 196 30.40 45.24 7.23
CA HIS C 196 31.40 46.29 7.42
C HIS C 196 32.80 45.81 7.06
N GLY C 197 33.52 46.61 6.28
CA GLY C 197 34.89 46.30 5.94
C GLY C 197 35.07 45.42 4.72
N ARG C 198 34.09 45.34 3.83
CA ARG C 198 34.21 44.55 2.61
C ARG C 198 33.78 45.39 1.42
N ILE C 199 34.40 45.12 0.27
CA ILE C 199 34.20 45.89 -0.95
C ILE C 199 33.66 44.96 -2.02
N ALA C 200 32.63 45.40 -2.73
CA ALA C 200 32.02 44.58 -3.77
C ALA C 200 32.84 44.62 -5.05
N LYS C 201 33.17 43.45 -5.58
CA LYS C 201 33.87 43.40 -6.87
C LYS C 201 32.95 43.85 -8.01
N PHE C 202 31.70 43.41 -7.99
CA PHE C 202 30.74 43.71 -9.03
C PHE C 202 29.57 44.49 -8.45
N SER C 203 28.76 45.06 -9.34
CA SER C 203 27.56 45.77 -8.92
C SER C 203 26.42 44.80 -8.63
N LYS C 204 26.30 43.74 -9.43
CA LYS C 204 25.28 42.73 -9.25
C LYS C 204 25.92 41.35 -9.23
N VAL C 205 25.42 40.47 -8.37
CA VAL C 205 25.96 39.14 -8.19
C VAL C 205 25.06 38.14 -8.90
N ARG C 206 25.67 37.05 -9.39
CA ARG C 206 24.93 36.01 -10.08
C ARG C 206 25.46 34.65 -9.62
N THR C 207 24.54 33.70 -9.47
CA THR C 207 24.90 32.33 -9.11
C THR C 207 23.77 31.38 -9.47
N ASP C 220 37.66 32.41 -10.06
CA ASP C 220 37.07 32.65 -11.38
C ASP C 220 35.69 33.28 -11.25
N GLN C 221 35.67 34.56 -10.88
CA GLN C 221 34.45 35.32 -10.59
C GLN C 221 33.62 34.69 -9.47
N HIS C 222 34.18 33.72 -8.75
CA HIS C 222 33.48 33.02 -7.70
C HIS C 222 33.66 33.67 -6.34
N PHE C 223 34.69 34.51 -6.19
CA PHE C 223 34.88 35.32 -4.99
C PHE C 223 34.39 36.74 -5.29
N PRO C 224 33.17 37.10 -4.89
CA PRO C 224 32.62 38.40 -5.27
C PRO C 224 33.00 39.57 -4.37
N VAL C 225 33.68 39.37 -3.25
CA VAL C 225 34.01 40.49 -2.37
C VAL C 225 35.49 40.50 -2.06
N PHE C 226 35.97 41.67 -1.64
CA PHE C 226 37.32 41.85 -1.14
C PHE C 226 37.23 42.25 0.34
N MET C 227 37.92 41.50 1.20
CA MET C 227 38.06 41.91 2.59
C MET C 227 39.54 42.16 2.88
N ASN C 228 39.85 43.36 3.37
CA ASN C 228 41.20 43.81 3.62
C ASN C 228 42.09 43.52 2.41
N GLU C 229 42.91 42.47 2.50
CA GLU C 229 43.84 42.14 1.44
C GLU C 229 43.28 41.13 0.44
N LYS C 230 42.49 40.17 0.89
CA LYS C 230 42.21 38.99 0.09
C LYS C 230 40.78 38.98 -0.43
N GLU C 231 40.52 38.03 -1.33
CA GLU C 231 39.19 37.81 -1.85
C GLU C 231 38.39 36.95 -0.87
N ASP C 232 37.07 37.03 -1.00
CA ASP C 232 36.18 36.29 -0.14
C ASP C 232 34.83 36.11 -0.83
N ILE C 233 34.15 35.04 -0.46
CA ILE C 233 32.81 34.73 -0.96
C ILE C 233 31.77 35.48 -0.14
N LEU C 234 30.52 35.45 -0.60
CA LEU C 234 29.45 36.11 0.13
C LEU C 234 29.10 35.35 1.40
N TRP C 235 28.82 36.10 2.46
CA TRP C 235 28.31 35.53 3.69
C TRP C 235 26.79 35.39 3.57
N CYS C 236 26.22 34.57 4.46
CA CYS C 236 24.79 34.30 4.37
C CYS C 236 23.96 35.54 4.68
N THR C 237 24.42 36.41 5.57
CA THR C 237 23.70 37.65 5.82
C THR C 237 23.73 38.56 4.61
N GLU C 238 24.88 38.64 3.94
CA GLU C 238 24.97 39.41 2.71
C GLU C 238 24.08 38.83 1.62
N MET C 239 24.00 37.48 1.55
CA MET C 239 23.09 36.83 0.63
C MET C 239 21.64 37.21 0.94
N GLU C 240 21.31 37.25 2.23
CA GLU C 240 19.96 37.65 2.64
C GLU C 240 19.65 39.06 2.18
N ARG C 241 20.59 39.98 2.38
CA ARG C 241 20.39 41.34 1.90
CA ARG C 241 20.39 41.34 1.90
C ARG C 241 20.25 41.37 0.38
N VAL C 242 21.01 40.54 -0.32
CA VAL C 242 20.96 40.50 -1.78
C VAL C 242 19.59 40.04 -2.26
N PHE C 243 19.01 39.04 -1.59
CA PHE C 243 17.73 38.49 -1.99
C PHE C 243 16.54 39.16 -1.32
N GLY C 244 16.78 40.19 -0.51
CA GLY C 244 15.69 40.96 0.09
C GLY C 244 15.17 40.44 1.41
N PHE C 245 15.80 39.49 1.99
CA PHE C 245 15.32 38.97 3.26
C PHE C 245 15.87 39.80 4.42
N PRO C 246 15.19 39.81 5.57
CA PRO C 246 15.78 40.44 6.75
C PRO C 246 17.09 39.76 7.13
N VAL C 247 17.99 40.55 7.71
CA VAL C 247 19.29 40.01 8.10
C VAL C 247 19.07 38.95 9.18
N HIS C 248 19.82 37.85 9.09
CA HIS C 248 19.73 36.72 10.01
C HIS C 248 18.40 35.99 9.92
N TYR C 249 17.66 36.17 8.81
CA TYR C 249 16.39 35.47 8.64
C TYR C 249 16.58 33.96 8.64
N THR C 250 17.69 33.48 8.08
CA THR C 250 17.94 32.04 7.98
C THR C 250 18.93 31.56 9.03
N ASP C 251 19.19 32.36 10.07
CA ASP C 251 20.09 31.95 11.15
C ASP C 251 19.28 31.20 12.22
N VAL C 252 18.78 30.02 11.81
CA VAL C 252 18.06 29.12 12.69
C VAL C 252 18.51 27.69 12.39
N SER C 253 18.22 26.78 13.33
CA SER C 253 18.22 25.34 13.09
C SER C 253 19.62 24.77 12.87
N ALA C 254 20.65 25.43 13.42
CA ALA C 254 22.00 24.86 13.51
C ALA C 254 22.48 24.27 12.19
N MET C 255 22.25 24.99 11.10
CA MET C 255 22.59 24.51 9.76
C MET C 255 23.89 25.14 9.29
N SER C 256 24.65 24.37 8.51
CA SER C 256 25.93 24.83 7.99
C SER C 256 25.72 26.00 7.02
N HIS C 257 26.82 26.72 6.77
CA HIS C 257 26.77 27.82 5.81
C HIS C 257 26.38 27.34 4.43
N LEU C 258 26.79 26.13 4.05
CA LEU C 258 26.39 25.57 2.77
C LEU C 258 24.89 25.26 2.74
N ALA C 259 24.34 24.83 3.86
CA ALA C 259 22.91 24.56 3.92
C ALA C 259 22.10 25.86 3.83
N ARG C 260 22.58 26.92 4.48
CA ARG C 260 21.93 28.23 4.33
C ARG C 260 22.06 28.73 2.90
N GLN C 261 23.20 28.47 2.26
CA GLN C 261 23.33 28.75 0.83
C GLN C 261 22.25 28.04 0.04
N ARG C 262 22.08 26.73 0.28
CA ARG C 262 21.04 25.96 -0.39
C ARG C 262 19.68 26.63 -0.22
N LEU C 263 19.32 26.95 1.02
CA LEU C 263 18.01 27.54 1.28
C LEU C 263 17.84 28.86 0.55
N LEU C 264 18.88 29.72 0.56
CA LEU C 264 18.72 31.06 -0.01
C LEU C 264 18.74 31.03 -1.53
N GLY C 265 19.52 30.12 -2.13
CA GLY C 265 19.64 30.09 -3.58
C GLY C 265 18.37 29.65 -4.28
N ARG C 266 17.56 28.83 -3.63
CA ARG C 266 16.29 28.38 -4.21
C ARG C 266 15.15 29.35 -3.96
N SER C 267 15.36 30.37 -3.13
CA SER C 267 14.27 31.20 -2.66
C SER C 267 13.80 32.17 -3.76
N TRP C 268 12.71 32.86 -3.47
CA TRP C 268 12.22 33.96 -4.27
C TRP C 268 12.91 35.26 -3.85
N SER C 269 13.04 36.18 -4.79
CA SER C 269 13.49 37.52 -4.46
C SER C 269 12.36 38.26 -3.78
N VAL C 270 12.60 38.73 -2.55
CA VAL C 270 11.54 39.35 -1.76
C VAL C 270 10.93 40.58 -2.46
N PRO C 271 11.71 41.51 -3.01
CA PRO C 271 11.08 42.65 -3.70
C PRO C 271 10.26 42.24 -4.92
N VAL C 272 10.65 41.17 -5.63
CA VAL C 272 9.86 40.71 -6.77
C VAL C 272 8.50 40.20 -6.31
N ILE C 273 8.49 39.36 -5.28
CA ILE C 273 7.24 38.84 -4.75
C ILE C 273 6.39 39.96 -4.18
N ARG C 274 7.04 40.97 -3.58
CA ARG C 274 6.29 42.12 -3.07
C ARG C 274 5.63 42.89 -4.21
N HIS C 275 6.35 43.10 -5.31
CA HIS C 275 5.77 43.72 -6.49
C HIS C 275 4.58 42.91 -6.99
N LEU C 276 4.70 41.58 -7.02
CA LEU C 276 3.63 40.75 -7.56
C LEU C 276 2.42 40.71 -6.63
N PHE C 277 2.63 40.81 -5.32
CA PHE C 277 1.55 40.69 -4.35
C PHE C 277 0.88 42.01 -4.01
N ALA C 278 1.53 43.14 -4.29
CA ALA C 278 1.00 44.44 -3.86
C ALA C 278 -0.45 44.70 -4.30
N PRO C 279 -0.89 44.43 -5.52
CA PRO C 279 -2.30 44.69 -5.87
C PRO C 279 -3.30 43.88 -5.07
N LEU C 280 -2.87 42.86 -4.31
CA LEU C 280 -3.80 42.14 -3.46
C LEU C 280 -4.34 42.99 -2.32
N LYS C 281 -3.69 44.12 -2.02
CA LYS C 281 -4.15 45.00 -0.95
C LYS C 281 -5.54 45.55 -1.21
N GLU C 282 -5.97 45.61 -2.46
CA GLU C 282 -7.31 46.07 -2.80
C GLU C 282 -8.32 44.95 -2.88
N TYR C 283 -7.99 43.77 -2.34
CA TYR C 283 -8.92 42.65 -2.31
C TYR C 283 -9.11 42.03 -0.95
N PHE C 284 -8.22 42.27 0.02
CA PHE C 284 -8.28 41.60 1.30
C PHE C 284 -7.98 42.59 2.42
N ALA C 285 -8.34 42.19 3.63
CA ALA C 285 -8.19 43.07 4.79
C ALA C 285 -6.74 43.42 5.02
N CYS C 286 -6.49 44.67 5.41
CA CYS C 286 -5.15 45.17 5.67
C CYS C 286 -5.08 45.78 7.06
N VAL C 287 -3.99 45.47 7.76
CA VAL C 287 -3.78 45.97 9.11
C VAL C 287 -3.37 47.44 9.08
N ALA D 3 -15.80 32.39 6.50
CA ALA D 3 -16.91 32.96 7.25
C ALA D 3 -16.66 34.43 7.54
N GLU D 4 -17.38 34.97 8.53
CA GLU D 4 -17.32 36.40 8.84
C GLU D 4 -16.42 36.73 10.03
N LYS D 5 -16.04 35.72 10.82
CA LYS D 5 -15.13 35.88 11.95
C LYS D 5 -14.96 34.52 12.61
N ARG D 6 -13.89 34.40 13.39
CA ARG D 6 -13.64 33.18 14.15
C ARG D 6 -14.62 33.06 15.31
N LYS D 7 -15.24 31.89 15.44
CA LYS D 7 -16.19 31.59 16.49
C LYS D 7 -15.70 30.40 17.31
N PRO D 8 -16.17 30.26 18.55
CA PRO D 8 -15.74 29.13 19.38
C PRO D 8 -16.17 27.79 18.77
N ILE D 9 -15.43 26.74 19.14
CA ILE D 9 -15.59 25.43 18.53
C ILE D 9 -16.70 24.65 19.21
N ARG D 10 -17.34 23.77 18.46
CA ARG D 10 -18.40 22.89 18.97
C ARG D 10 -17.99 21.44 18.71
N VAL D 11 -18.01 20.62 19.76
CA VAL D 11 -17.33 19.33 19.76
C VAL D 11 -18.30 18.22 20.11
N LEU D 12 -18.15 17.09 19.42
CA LEU D 12 -18.85 15.85 19.69
C LEU D 12 -17.80 14.78 19.96
N SER D 13 -17.84 14.20 21.16
CA SER D 13 -16.81 13.28 21.61
C SER D 13 -17.41 11.92 21.91
N LEU D 14 -16.99 10.90 21.16
CA LEU D 14 -17.23 9.51 21.47
C LEU D 14 -15.98 8.88 22.08
N PHE D 15 -14.98 9.71 22.39
CA PHE D 15 -13.69 9.23 22.87
C PHE D 15 -13.83 8.47 24.18
N ASP D 16 -12.92 7.52 24.39
CA ASP D 16 -12.83 6.78 25.64
C ASP D 16 -12.22 7.70 26.70
N GLY D 17 -13.09 8.31 27.52
CA GLY D 17 -12.67 9.38 28.40
C GLY D 17 -13.36 10.68 28.05
N ILE D 18 -14.38 11.05 28.82
CA ILE D 18 -15.29 12.12 28.42
C ILE D 18 -14.62 13.48 28.32
N ALA D 19 -13.45 13.65 28.95
CA ALA D 19 -12.87 14.98 29.11
C ALA D 19 -11.51 15.17 28.44
N THR D 20 -10.99 14.16 27.74
CA THR D 20 -9.70 14.32 27.09
C THR D 20 -9.72 15.44 26.05
N GLY D 21 -10.78 15.48 25.24
CA GLY D 21 -10.86 16.49 24.20
C GLY D 21 -10.99 17.90 24.76
N LEU D 22 -11.85 18.08 25.76
CA LEU D 22 -11.99 19.39 26.37
C LEU D 22 -10.70 19.84 27.04
N LEU D 23 -10.00 18.89 27.68
CA LEU D 23 -8.71 19.20 28.29
C LEU D 23 -7.71 19.69 27.24
N VAL D 24 -7.60 18.97 26.12
CA VAL D 24 -6.66 19.37 25.08
C VAL D 24 -7.05 20.71 24.48
N LEU D 25 -8.35 20.93 24.29
CA LEU D 25 -8.82 22.17 23.68
C LEU D 25 -8.50 23.37 24.57
N LYS D 26 -8.81 23.27 25.86
CA LYS D 26 -8.45 24.35 26.77
C LYS D 26 -6.94 24.48 26.92
N ASP D 27 -6.21 23.37 26.76
CA ASP D 27 -4.75 23.42 26.77
C ASP D 27 -4.22 24.20 25.58
N LEU D 28 -4.95 24.19 24.47
CA LEU D 28 -4.57 24.97 23.29
C LEU D 28 -5.13 26.37 23.30
N GLY D 29 -5.95 26.72 24.30
CA GLY D 29 -6.51 28.05 24.36
C GLY D 29 -7.63 28.33 23.38
N ILE D 30 -8.40 27.30 23.01
CA ILE D 30 -9.46 27.44 22.02
C ILE D 30 -10.79 27.54 22.75
N GLN D 31 -11.57 28.57 22.43
CA GLN D 31 -12.87 28.75 23.05
C GLN D 31 -13.81 27.63 22.64
N VAL D 32 -14.69 27.23 23.57
CA VAL D 32 -15.61 26.12 23.38
C VAL D 32 -17.03 26.62 23.60
N ASP D 33 -17.85 26.55 22.56
CA ASP D 33 -19.27 26.88 22.67
C ASP D 33 -20.13 25.67 22.99
N ARG D 34 -19.63 24.46 22.75
CA ARG D 34 -20.37 23.23 23.02
C ARG D 34 -19.39 22.07 23.08
N TYR D 35 -19.66 21.14 23.99
CA TYR D 35 -18.85 19.94 24.13
C TYR D 35 -19.74 18.83 24.66
N ILE D 36 -20.05 17.86 23.82
CA ILE D 36 -20.98 16.79 24.17
C ILE D 36 -20.24 15.46 24.10
N ALA D 37 -20.22 14.75 25.22
CA ALA D 37 -19.46 13.51 25.36
C ALA D 37 -20.41 12.32 25.43
N SER D 38 -19.99 11.21 24.83
CA SER D 38 -20.75 9.97 24.86
C SER D 38 -19.76 8.81 24.89
N GLU D 39 -20.26 7.64 25.32
CA GLU D 39 -19.43 6.46 25.45
C GLU D 39 -20.11 5.27 24.78
N VAL D 40 -19.33 4.21 24.56
CA VAL D 40 -19.86 3.05 23.84
C VAL D 40 -20.60 2.11 24.79
N CYS D 41 -20.05 1.89 25.98
CA CYS D 41 -20.64 0.99 26.99
C CYS D 41 -20.79 -0.40 26.39
N GLU D 42 -21.82 -1.13 26.77
CA GLU D 42 -22.07 -2.48 26.24
C GLU D 42 -23.53 -2.87 26.41
N LYS D 55 -22.43 24.89 26.65
CA LYS D 55 -23.03 23.85 27.49
C LYS D 55 -22.35 22.50 27.25
N ILE D 56 -21.47 22.11 28.17
CA ILE D 56 -20.83 20.80 28.13
C ILE D 56 -21.73 19.81 28.88
N MET D 57 -22.02 18.67 28.25
CA MET D 57 -22.95 17.70 28.81
C MET D 57 -22.49 16.30 28.48
N TYR D 58 -22.66 15.38 29.43
CA TYR D 58 -22.53 13.94 29.19
C TYR D 58 -23.91 13.38 28.89
N VAL D 59 -24.01 12.58 27.82
CA VAL D 59 -25.30 12.09 27.34
C VAL D 59 -25.44 10.58 27.45
N GLY D 60 -24.46 9.90 28.04
CA GLY D 60 -24.62 8.48 28.31
C GLY D 60 -24.25 7.56 27.17
N ASP D 61 -24.99 6.45 27.05
CA ASP D 61 -24.73 5.48 25.99
C ASP D 61 -24.90 6.10 24.62
N VAL D 62 -23.93 5.85 23.73
CA VAL D 62 -24.04 6.30 22.35
C VAL D 62 -25.24 5.64 21.66
N ARG D 63 -25.66 4.47 22.15
CA ARG D 63 -26.81 3.78 21.59
C ARG D 63 -28.11 4.55 21.83
N SER D 64 -28.09 5.59 22.66
CA SER D 64 -29.25 6.43 22.88
C SER D 64 -29.24 7.69 22.04
N VAL D 65 -28.13 7.99 21.37
CA VAL D 65 -27.98 9.21 20.59
C VAL D 65 -28.48 8.95 19.17
N THR D 66 -29.58 9.60 18.81
CA THR D 66 -30.12 9.48 17.47
C THR D 66 -29.52 10.54 16.55
N GLN D 67 -29.84 10.43 15.26
CA GLN D 67 -29.47 11.47 14.32
C GLN D 67 -30.19 12.77 14.62
N LYS D 68 -31.42 12.67 15.14
CA LYS D 68 -32.17 13.86 15.53
C LYS D 68 -31.50 14.57 16.71
N HIS D 69 -30.94 13.82 17.65
CA HIS D 69 -30.22 14.43 18.76
C HIS D 69 -29.01 15.19 18.25
N ILE D 70 -28.25 14.59 17.33
CA ILE D 70 -27.08 15.26 16.76
C ILE D 70 -27.51 16.53 16.02
N GLN D 71 -28.66 16.48 15.34
CA GLN D 71 -29.16 17.68 14.68
C GLN D 71 -29.48 18.78 15.68
N GLU D 72 -30.23 18.43 16.73
CA GLU D 72 -30.69 19.46 17.68
C GLU D 72 -29.54 20.05 18.46
N TRP D 73 -28.63 19.19 18.97
CA TRP D 73 -27.49 19.68 19.73
C TRP D 73 -26.50 20.43 18.87
N GLY D 74 -26.43 20.10 17.58
CA GLY D 74 -25.48 20.71 16.69
C GLY D 74 -25.79 22.15 16.37
N PRO D 75 -25.10 22.74 15.38
CA PRO D 75 -24.06 22.13 14.53
C PRO D 75 -22.77 21.83 15.27
N PHE D 76 -21.98 20.88 14.80
CA PHE D 76 -20.71 20.51 15.40
C PHE D 76 -19.58 20.84 14.44
N ASP D 77 -18.44 21.25 15.00
CA ASP D 77 -17.26 21.53 14.22
C ASP D 77 -16.17 20.46 14.33
N LEU D 78 -16.14 19.73 15.44
CA LEU D 78 -15.12 18.71 15.67
C LEU D 78 -15.79 17.45 16.17
N VAL D 79 -15.34 16.30 15.66
CA VAL D 79 -15.84 14.99 16.08
C VAL D 79 -14.64 14.11 16.40
N ILE D 80 -14.57 13.62 17.63
CA ILE D 80 -13.42 12.84 18.07
C ILE D 80 -13.88 11.51 18.63
N GLY D 81 -13.02 10.49 18.50
CA GLY D 81 -13.37 9.16 18.96
C GLY D 81 -12.18 8.24 19.04
N GLY D 82 -12.38 7.13 19.74
CA GLY D 82 -11.35 6.11 19.86
C GLY D 82 -10.95 5.79 21.28
N SER D 83 -9.82 5.12 21.44
CA SER D 83 -9.31 4.73 22.75
C SER D 83 -7.84 4.41 22.64
N PRO D 84 -7.00 4.84 23.59
CA PRO D 84 -5.57 4.49 23.61
C PRO D 84 -5.30 3.15 24.31
N GLY D 103 -11.80 -2.87 16.67
CA GLY D 103 -12.78 -2.39 17.62
C GLY D 103 -14.12 -2.04 17.00
N ARG D 104 -15.19 -2.25 17.77
CA ARG D 104 -16.54 -1.89 17.33
C ARG D 104 -16.84 -0.42 17.58
N LEU D 105 -16.09 0.24 18.45
CA LEU D 105 -16.30 1.66 18.72
C LEU D 105 -16.11 2.51 17.47
N PHE D 106 -15.31 2.04 16.52
CA PHE D 106 -15.09 2.81 15.30
C PHE D 106 -16.38 3.01 14.52
N PHE D 107 -17.24 2.00 14.47
CA PHE D 107 -18.44 2.13 13.66
C PHE D 107 -19.45 3.08 14.30
N GLU D 108 -19.52 3.11 15.63
CA GLU D 108 -20.33 4.12 16.30
C GLU D 108 -19.76 5.52 16.03
N PHE D 109 -18.43 5.65 16.08
CA PHE D 109 -17.81 6.93 15.73
C PHE D 109 -18.15 7.33 14.29
N TYR D 110 -18.14 6.37 13.37
CA TYR D 110 -18.44 6.64 11.98
C TYR D 110 -19.88 7.07 11.80
N ARG D 111 -20.80 6.44 12.54
CA ARG D 111 -22.20 6.85 12.52
C ARG D 111 -22.35 8.29 12.99
N LEU D 112 -21.72 8.63 14.11
CA LEU D 112 -21.82 10.00 14.62
C LEU D 112 -21.20 10.99 13.64
N LEU D 113 -20.08 10.60 13.01
CA LEU D 113 -19.45 11.43 11.99
C LEU D 113 -20.41 11.70 10.83
N HIS D 114 -21.01 10.64 10.29
CA HIS D 114 -21.98 10.81 9.20
C HIS D 114 -23.12 11.72 9.62
N ASP D 115 -23.62 11.55 10.85
CA ASP D 115 -24.76 12.33 11.29
C ASP D 115 -24.41 13.79 11.51
N ALA D 116 -23.16 14.09 11.89
CA ALA D 116 -22.74 15.45 12.19
C ALA D 116 -22.09 16.15 10.99
N ARG D 117 -21.83 15.44 9.90
CA ARG D 117 -21.14 16.06 8.78
C ARG D 117 -21.99 17.18 8.19
N PRO D 118 -21.38 18.27 7.73
CA PRO D 118 -22.13 19.28 6.99
C PRO D 118 -22.69 18.69 5.72
N LYS D 119 -23.91 19.08 5.38
CA LYS D 119 -24.53 18.63 4.15
C LYS D 119 -23.72 19.10 2.95
N GLU D 120 -23.91 18.42 1.82
CA GLU D 120 -23.20 18.80 0.60
C GLU D 120 -23.55 20.22 0.20
N GLY D 121 -22.53 21.01 -0.12
CA GLY D 121 -22.68 22.42 -0.39
C GLY D 121 -22.34 23.32 0.77
N ASP D 122 -22.24 22.76 1.97
CA ASP D 122 -21.84 23.51 3.16
C ASP D 122 -20.33 23.39 3.29
N ASP D 123 -19.61 24.48 3.03
CA ASP D 123 -18.16 24.48 3.05
C ASP D 123 -17.58 24.90 4.40
N ARG D 124 -18.40 24.97 5.44
CA ARG D 124 -17.91 25.37 6.75
C ARG D 124 -16.88 24.35 7.25
N PRO D 125 -15.90 24.81 8.05
CA PRO D 125 -14.86 23.89 8.52
C PRO D 125 -15.43 22.81 9.43
N PHE D 126 -14.97 21.58 9.21
CA PHE D 126 -15.43 20.42 9.97
C PHE D 126 -14.29 19.44 10.06
N PHE D 127 -13.90 19.07 11.28
CA PHE D 127 -12.73 18.21 11.49
C PHE D 127 -13.08 17.04 12.39
N TRP D 128 -12.26 16.01 12.29
CA TRP D 128 -12.50 14.78 13.05
C TRP D 128 -11.17 14.08 13.32
N LEU D 129 -11.15 13.34 14.41
CA LEU D 129 -9.99 12.53 14.78
C LEU D 129 -10.46 11.22 15.40
N PHE D 130 -9.76 10.14 15.04
CA PHE D 130 -10.04 8.82 15.59
C PHE D 130 -8.72 8.16 15.95
N GLU D 131 -8.57 7.78 17.22
CA GLU D 131 -7.33 7.17 17.69
C GLU D 131 -7.58 5.70 18.04
N ASN D 132 -6.59 4.85 17.77
CA ASN D 132 -6.61 3.49 18.29
C ASN D 132 -5.19 3.01 18.49
N VAL D 133 -5.06 1.80 19.02
CA VAL D 133 -3.74 1.21 19.25
C VAL D 133 -3.21 0.62 17.96
N VAL D 134 -1.88 0.66 17.79
CA VAL D 134 -1.28 0.07 16.61
C VAL D 134 -1.48 -1.45 16.60
N ALA D 135 -1.52 -2.06 17.79
CA ALA D 135 -1.74 -3.49 17.92
C ALA D 135 -3.21 -3.79 17.61
N MET D 136 -3.51 -3.84 16.31
CA MET D 136 -4.85 -4.14 15.84
C MET D 136 -4.74 -5.08 14.65
N GLY D 137 -5.86 -5.70 14.31
CA GLY D 137 -5.92 -6.50 13.11
C GLY D 137 -5.59 -5.68 11.88
N VAL D 138 -4.71 -6.22 11.03
CA VAL D 138 -4.37 -5.51 9.79
C VAL D 138 -5.63 -5.27 8.96
N SER D 139 -6.55 -6.22 8.98
CA SER D 139 -7.84 -6.03 8.34
C SER D 139 -8.61 -4.87 8.95
N ASP D 140 -8.53 -4.72 10.28
CA ASP D 140 -9.20 -3.60 10.94
C ASP D 140 -8.60 -2.27 10.51
N LYS D 141 -7.27 -2.20 10.45
CA LYS D 141 -6.61 -0.97 10.00
C LYS D 141 -7.02 -0.63 8.57
N ARG D 142 -7.05 -1.63 7.69
CA ARG D 142 -7.45 -1.38 6.31
C ARG D 142 -8.90 -0.92 6.23
N ASP D 143 -9.79 -1.54 7.01
CA ASP D 143 -11.19 -1.16 6.99
C ASP D 143 -11.37 0.28 7.45
N ILE D 144 -10.65 0.68 8.50
CA ILE D 144 -10.79 2.05 9.00
C ILE D 144 -10.22 3.04 7.98
N SER D 145 -9.07 2.71 7.37
CA SER D 145 -8.51 3.59 6.35
C SER D 145 -9.47 3.74 5.17
N ARG D 146 -10.15 2.66 4.80
CA ARG D 146 -11.12 2.71 3.71
C ARG D 146 -12.32 3.58 4.08
N PHE D 147 -12.92 3.32 5.24
CA PHE D 147 -14.13 4.03 5.64
C PHE D 147 -13.86 5.52 5.83
N LEU D 148 -12.70 5.87 6.37
CA LEU D 148 -12.36 7.28 6.59
C LEU D 148 -11.67 7.92 5.41
N GLU D 149 -11.41 7.16 4.33
CA GLU D 149 -10.75 7.68 3.14
C GLU D 149 -9.42 8.35 3.47
N SER D 150 -8.73 7.82 4.48
CA SER D 150 -7.52 8.46 4.99
C SER D 150 -6.60 7.41 5.57
N ASN D 151 -5.31 7.60 5.37
CA ASN D 151 -4.29 6.74 5.94
C ASN D 151 -3.85 7.27 7.30
N PRO D 152 -3.49 6.39 8.23
CA PRO D 152 -3.25 6.82 9.61
C PRO D 152 -1.87 7.40 9.83
N VAL D 153 -1.78 8.23 10.86
CA VAL D 153 -0.51 8.72 11.38
C VAL D 153 -0.06 7.72 12.45
N MET D 154 1.14 7.16 12.26
CA MET D 154 1.74 6.21 13.21
C MET D 154 2.64 6.96 14.18
N ILE D 155 2.42 6.75 15.48
CA ILE D 155 3.19 7.45 16.51
C ILE D 155 3.66 6.48 17.59
N ALA D 166 2.76 2.92 21.13
CA ALA D 166 2.56 3.39 19.76
C ALA D 166 1.07 3.38 19.41
N ARG D 167 0.63 4.35 18.61
CA ARG D 167 -0.78 4.52 18.31
C ARG D 167 -0.97 4.89 16.84
N TYR D 168 -2.21 4.72 16.39
CA TYR D 168 -2.67 5.12 15.07
C TYR D 168 -3.67 6.27 15.24
N PHE D 169 -3.50 7.31 14.43
CA PHE D 169 -4.37 8.49 14.48
C PHE D 169 -4.86 8.82 13.07
N TRP D 170 -6.16 8.65 12.83
CA TRP D 170 -6.78 9.11 11.60
C TRP D 170 -7.38 10.49 11.80
N GLY D 171 -7.27 11.34 10.80
CA GLY D 171 -7.85 12.65 10.90
C GLY D 171 -7.72 13.41 9.59
N ASN D 172 -8.49 14.49 9.49
CA ASN D 172 -8.45 15.38 8.33
C ASN D 172 -7.87 16.74 8.67
N LEU D 173 -7.27 16.91 9.85
CA LEU D 173 -6.60 18.15 10.18
C LEU D 173 -5.39 18.35 9.28
N PRO D 174 -5.06 19.58 8.91
CA PRO D 174 -3.83 19.83 8.16
C PRO D 174 -2.64 19.26 8.92
N GLY D 175 -1.84 18.46 8.22
CA GLY D 175 -0.72 17.75 8.82
C GLY D 175 -0.99 16.28 9.06
N MET D 176 -2.26 15.88 9.14
CA MET D 176 -2.62 14.47 9.25
C MET D 176 -2.86 13.82 7.90
N ASN D 177 -2.61 14.54 6.81
CA ASN D 177 -2.68 13.96 5.48
C ASN D 177 -1.50 13.03 5.29
N ARG D 178 -1.79 11.74 5.06
CA ARG D 178 -0.73 10.76 4.99
C ARG D 178 -0.85 9.91 3.73
N PRO D 179 0.28 9.48 3.16
CA PRO D 179 0.24 8.55 2.03
C PRO D 179 0.14 7.11 2.49
N LEU D 180 0.27 6.15 1.57
CA LEU D 180 0.21 4.75 1.94
C LEU D 180 1.55 4.26 2.46
N TRP D 268 -0.02 9.61 29.17
CA TRP D 268 -1.27 9.51 28.45
C TRP D 268 -1.14 10.06 27.04
N SER D 269 -2.21 9.92 26.25
CA SER D 269 -2.23 10.35 24.85
C SER D 269 -2.70 11.80 24.69
N VAL D 270 -2.49 12.65 25.69
CA VAL D 270 -2.97 14.02 25.65
C VAL D 270 -2.02 14.93 24.86
N PRO D 271 -0.70 14.94 25.12
CA PRO D 271 0.16 15.87 24.37
C PRO D 271 0.22 15.60 22.88
N VAL D 272 0.13 14.33 22.47
CA VAL D 272 0.13 14.01 21.05
C VAL D 272 -1.13 14.54 20.38
N ILE D 273 -2.29 14.38 21.03
CA ILE D 273 -3.51 14.95 20.48
C ILE D 273 -3.43 16.48 20.45
N ARG D 274 -2.75 17.08 21.43
CA ARG D 274 -2.55 18.52 21.41
C ARG D 274 -1.74 18.95 20.18
N HIS D 275 -0.64 18.24 19.91
CA HIS D 275 0.18 18.53 18.74
C HIS D 275 -0.62 18.36 17.45
N LEU D 276 -1.42 17.30 17.37
CA LEU D 276 -2.23 17.07 16.18
C LEU D 276 -3.32 18.12 16.03
N PHE D 277 -3.86 18.61 17.14
CA PHE D 277 -4.96 19.55 17.12
C PHE D 277 -4.51 20.98 16.91
N ALA D 278 -3.21 21.26 17.07
CA ALA D 278 -2.67 22.61 16.85
C ALA D 278 -3.28 23.37 15.68
N PRO D 279 -3.49 22.80 14.49
CA PRO D 279 -4.10 23.59 13.41
C PRO D 279 -5.51 24.09 13.71
N LEU D 280 -6.18 23.61 14.76
CA LEU D 280 -7.49 24.12 15.10
C LEU D 280 -7.46 25.57 15.56
N LYS D 281 -6.30 26.05 16.03
CA LYS D 281 -6.17 27.44 16.45
C LYS D 281 -6.35 28.42 15.30
N GLU D 282 -6.16 27.96 14.06
CA GLU D 282 -6.29 28.80 12.88
C GLU D 282 -7.67 28.73 12.25
N TYR D 283 -8.61 28.04 12.89
CA TYR D 283 -9.97 27.92 12.37
C TYR D 283 -11.05 28.37 13.35
N PHE D 284 -10.75 28.46 14.65
CA PHE D 284 -11.77 28.77 15.64
C PHE D 284 -11.22 29.79 16.62
N ALA D 285 -12.15 30.50 17.28
CA ALA D 285 -11.76 31.62 18.13
C ALA D 285 -10.96 31.13 19.34
N CYS D 286 -9.90 31.86 19.64
CA CYS D 286 -9.06 31.59 20.81
C CYS D 286 -9.19 32.71 21.82
N VAL D 287 -9.24 32.36 23.09
CA VAL D 287 -9.33 33.35 24.16
C VAL D 287 -7.93 33.75 24.61
N ALA E 3 -30.83 11.87 -18.06
CA ALA E 3 -31.95 11.14 -17.48
C ALA E 3 -32.86 10.57 -18.55
N GLU E 4 -32.69 11.05 -19.77
CA GLU E 4 -33.60 10.71 -20.87
C GLU E 4 -33.19 9.39 -21.51
N LYS E 5 -33.76 9.12 -22.69
CA LYS E 5 -33.47 7.89 -23.43
C LYS E 5 -31.99 7.85 -23.82
N ARG E 6 -31.48 6.63 -23.97
CA ARG E 6 -30.05 6.45 -24.21
C ARG E 6 -29.64 7.04 -25.55
N LYS E 7 -28.56 7.80 -25.54
CA LYS E 7 -28.05 8.52 -26.70
C LYS E 7 -26.68 7.98 -27.10
N PRO E 8 -26.27 8.19 -28.36
CA PRO E 8 -24.95 7.71 -28.80
C PRO E 8 -23.82 8.38 -28.02
N ILE E 9 -22.72 7.64 -27.89
CA ILE E 9 -21.59 8.06 -27.06
C ILE E 9 -20.72 9.05 -27.82
N ARG E 10 -20.03 9.91 -27.07
CA ARG E 10 -19.10 10.89 -27.63
C ARG E 10 -17.74 10.69 -26.96
N VAL E 11 -16.70 10.53 -27.79
CA VAL E 11 -15.42 10.01 -27.33
C VAL E 11 -14.30 11.00 -27.65
N LEU E 12 -13.37 11.10 -26.72
CA LEU E 12 -12.13 11.87 -26.87
C LEU E 12 -10.98 10.90 -26.61
N SER E 13 -10.10 10.75 -27.60
CA SER E 13 -9.09 9.70 -27.60
C SER E 13 -7.70 10.31 -27.72
N LEU E 14 -6.86 10.05 -26.72
CA LEU E 14 -5.42 10.28 -26.79
C LEU E 14 -4.67 8.95 -26.81
N PHE E 15 -5.36 7.88 -27.18
CA PHE E 15 -4.77 6.55 -27.13
C PHE E 15 -3.68 6.40 -28.18
N ASP E 16 -2.66 5.60 -27.84
CA ASP E 16 -1.60 5.29 -28.79
C ASP E 16 -2.16 4.51 -29.97
N GLY E 17 -2.02 5.07 -31.16
CA GLY E 17 -2.69 4.51 -32.31
C GLY E 17 -4.17 4.82 -32.28
N ILE E 18 -4.58 5.85 -33.00
CA ILE E 18 -5.97 6.31 -33.00
C ILE E 18 -6.88 5.24 -33.57
N ALA E 19 -8.20 5.44 -33.40
CA ALA E 19 -9.27 4.61 -33.93
C ALA E 19 -9.37 3.24 -33.26
N THR E 20 -8.49 2.90 -32.33
CA THR E 20 -8.66 1.67 -31.56
C THR E 20 -9.96 1.71 -30.76
N GLY E 21 -10.24 2.84 -30.12
CA GLY E 21 -11.45 2.95 -29.33
C GLY E 21 -12.71 2.88 -30.18
N LEU E 22 -12.67 3.50 -31.37
CA LEU E 22 -13.82 3.44 -32.27
C LEU E 22 -14.08 2.01 -32.72
N LEU E 23 -13.01 1.27 -33.03
CA LEU E 23 -13.15 -0.13 -33.40
C LEU E 23 -13.77 -0.93 -32.27
N VAL E 24 -13.27 -0.76 -31.04
CA VAL E 24 -13.84 -1.49 -29.91
C VAL E 24 -15.31 -1.12 -29.69
N LEU E 25 -15.64 0.17 -29.85
CA LEU E 25 -16.99 0.62 -29.60
C LEU E 25 -17.97 0.03 -30.61
N LYS E 26 -17.64 0.09 -31.90
CA LYS E 26 -18.54 -0.51 -32.88
C LYS E 26 -18.50 -2.03 -32.85
N ASP E 27 -17.44 -2.64 -32.30
CA ASP E 27 -17.49 -4.05 -31.94
C ASP E 27 -18.60 -4.30 -30.92
N LEU E 28 -18.63 -3.48 -29.88
CA LEU E 28 -19.65 -3.64 -28.86
C LEU E 28 -21.02 -3.18 -29.32
N GLY E 29 -21.14 -2.65 -30.53
CA GLY E 29 -22.44 -2.23 -31.03
C GLY E 29 -22.96 -0.94 -30.45
N ILE E 30 -22.07 -0.05 -30.00
CA ILE E 30 -22.47 1.21 -29.39
C ILE E 30 -22.44 2.31 -30.45
N GLN E 31 -23.53 3.05 -30.56
CA GLN E 31 -23.59 4.15 -31.51
C GLN E 31 -22.64 5.27 -31.10
N VAL E 32 -22.01 5.90 -32.08
CA VAL E 32 -21.03 6.97 -31.86
C VAL E 32 -21.54 8.23 -32.53
N ASP E 33 -21.73 9.28 -31.74
CA ASP E 33 -22.10 10.58 -32.27
C ASP E 33 -20.91 11.49 -32.53
N ARG E 34 -19.76 11.19 -31.93
CA ARG E 34 -18.56 11.98 -32.13
C ARG E 34 -17.36 11.16 -31.67
N TYR E 35 -16.26 11.25 -32.41
CA TYR E 35 -15.03 10.55 -32.07
C TYR E 35 -13.87 11.41 -32.53
N ILE E 36 -13.17 12.02 -31.58
CA ILE E 36 -12.12 12.98 -31.86
C ILE E 36 -10.81 12.42 -31.34
N ALA E 37 -9.86 12.20 -32.25
CA ALA E 37 -8.63 11.50 -31.93
C ALA E 37 -7.44 12.44 -31.98
N SER E 38 -6.58 12.37 -30.96
CA SER E 38 -5.32 13.10 -30.90
C SER E 38 -4.25 12.17 -30.39
N GLU E 39 -3.00 12.62 -30.48
CA GLU E 39 -1.87 11.81 -30.04
C GLU E 39 -0.72 12.71 -29.63
N VAL E 40 0.10 12.21 -28.72
CA VAL E 40 1.29 12.93 -28.28
C VAL E 40 2.44 12.54 -29.19
N CYS E 41 3.37 13.48 -29.38
CA CYS E 41 4.52 13.28 -30.25
C CYS E 41 5.49 14.43 -30.04
N GLU E 42 6.77 14.16 -30.32
CA GLU E 42 7.77 15.22 -30.26
C GLU E 42 7.63 16.19 -31.42
N ASP E 43 7.00 15.78 -32.51
CA ASP E 43 6.78 16.65 -33.66
C ASP E 43 5.57 16.18 -34.46
N LYS E 55 -18.30 13.41 -38.42
CA LYS E 55 -18.05 13.91 -37.07
C LYS E 55 -17.04 13.03 -36.33
N ILE E 56 -16.32 12.23 -37.09
CA ILE E 56 -15.22 11.40 -36.58
C ILE E 56 -13.94 11.96 -37.19
N MET E 57 -13.13 12.65 -36.38
CA MET E 57 -12.05 13.46 -36.92
C MET E 57 -10.77 13.33 -36.09
N TYR E 58 -9.66 13.55 -36.79
CA TYR E 58 -8.32 13.59 -36.21
C TYR E 58 -7.87 15.04 -36.13
N VAL E 59 -7.28 15.41 -35.00
CA VAL E 59 -6.95 16.80 -34.72
C VAL E 59 -5.45 17.04 -34.56
N GLY E 60 -4.62 16.02 -34.74
CA GLY E 60 -3.19 16.22 -34.76
C GLY E 60 -2.52 16.18 -33.40
N ASP E 61 -1.53 17.05 -33.20
CA ASP E 61 -0.78 17.08 -31.96
C ASP E 61 -1.68 17.52 -30.80
N VAL E 62 -1.55 16.82 -29.66
CA VAL E 62 -2.31 17.20 -28.48
C VAL E 62 -1.90 18.59 -27.99
N ARG E 63 -0.66 19.00 -28.30
CA ARG E 63 -0.20 20.32 -27.90
C ARG E 63 -1.01 21.44 -28.55
N SER E 64 -1.77 21.13 -29.60
CA SER E 64 -2.61 22.12 -30.26
C SER E 64 -4.02 22.16 -29.70
N VAL E 65 -4.40 21.19 -28.86
CA VAL E 65 -5.76 21.09 -28.33
C VAL E 65 -5.83 21.89 -27.05
N THR E 66 -6.65 22.94 -27.05
CA THR E 66 -6.85 23.77 -25.87
C THR E 66 -8.11 23.33 -25.13
N GLN E 67 -8.31 23.91 -23.94
CA GLN E 67 -9.57 23.69 -23.22
C GLN E 67 -10.76 24.20 -24.04
N LYS E 68 -10.56 25.30 -24.77
CA LYS E 68 -11.63 25.84 -25.60
C LYS E 68 -11.99 24.88 -26.72
N HIS E 69 -11.01 24.21 -27.31
CA HIS E 69 -11.29 23.18 -28.31
C HIS E 69 -12.10 22.04 -27.70
N ILE E 70 -11.72 21.61 -26.50
CA ILE E 70 -12.45 20.53 -25.83
C ILE E 70 -13.88 20.96 -25.55
N GLN E 71 -14.09 22.23 -25.23
CA GLN E 71 -15.45 22.72 -24.97
C GLN E 71 -16.28 22.74 -26.24
N GLU E 72 -15.72 23.30 -27.32
CA GLU E 72 -16.46 23.39 -28.58
C GLU E 72 -16.79 22.01 -29.12
N TRP E 73 -15.79 21.12 -29.18
CA TRP E 73 -15.99 19.79 -29.73
C TRP E 73 -16.90 18.94 -28.86
N GLY E 74 -16.91 19.18 -27.55
CA GLY E 74 -17.68 18.38 -26.65
C GLY E 74 -19.17 18.66 -26.72
N PRO E 75 -19.92 18.24 -25.69
CA PRO E 75 -19.46 17.50 -24.50
C PRO E 75 -19.00 16.08 -24.84
N PHE E 76 -18.18 15.48 -23.98
CA PHE E 76 -17.67 14.14 -24.20
C PHE E 76 -18.17 13.22 -23.09
N ASP E 77 -18.41 11.96 -23.46
CA ASP E 77 -18.82 10.94 -22.50
C ASP E 77 -17.72 9.96 -22.15
N LEU E 78 -16.77 9.72 -23.07
CA LEU E 78 -15.69 8.79 -22.83
C LEU E 78 -14.37 9.45 -23.19
N VAL E 79 -13.37 9.26 -22.33
CA VAL E 79 -12.03 9.79 -22.56
C VAL E 79 -11.04 8.65 -22.37
N ILE E 80 -10.32 8.30 -23.42
CA ILE E 80 -9.42 7.15 -23.39
C ILE E 80 -8.01 7.60 -23.72
N GLY E 81 -7.04 6.86 -23.19
CA GLY E 81 -5.65 7.23 -23.40
C GLY E 81 -4.71 6.11 -22.97
N GLY E 82 -3.46 6.26 -23.38
CA GLY E 82 -2.43 5.32 -23.00
C GLY E 82 -1.74 4.66 -24.18
N SER E 83 -1.04 3.55 -23.90
CA SER E 83 -0.31 2.80 -24.90
C SER E 83 -0.37 1.32 -24.59
N PRO E 84 -0.55 0.46 -25.60
CA PRO E 84 -0.60 -1.00 -25.42
C PRO E 84 0.76 -1.60 -25.06
N THR E 102 7.24 7.75 -19.97
CA THR E 102 5.82 7.41 -19.97
C THR E 102 4.98 8.52 -19.35
N GLY E 103 5.64 9.46 -18.69
CA GLY E 103 4.91 10.50 -17.97
C GLY E 103 4.18 11.46 -18.89
N ARG E 104 4.78 11.77 -20.04
CA ARG E 104 4.18 12.73 -20.96
C ARG E 104 2.79 12.27 -21.41
N LEU E 105 2.68 11.00 -21.80
CA LEU E 105 1.41 10.43 -22.23
C LEU E 105 0.35 10.58 -21.15
N PHE E 106 0.67 10.16 -19.92
CA PHE E 106 -0.32 10.19 -18.86
C PHE E 106 -0.72 11.61 -18.51
N PHE E 107 0.23 12.55 -18.48
CA PHE E 107 -0.12 13.90 -18.07
C PHE E 107 -0.91 14.64 -19.15
N GLU E 108 -0.64 14.35 -20.43
CA GLU E 108 -1.51 14.87 -21.48
C GLU E 108 -2.92 14.31 -21.36
N PHE E 109 -3.03 13.00 -21.09
CA PHE E 109 -4.34 12.39 -20.88
C PHE E 109 -5.04 13.03 -19.69
N TYR E 110 -4.29 13.33 -18.63
CA TYR E 110 -4.87 13.94 -17.43
C TYR E 110 -5.37 15.34 -17.73
N ARG E 111 -4.61 16.12 -18.49
CA ARG E 111 -5.08 17.44 -18.89
C ARG E 111 -6.37 17.36 -19.69
N LEU E 112 -6.42 16.47 -20.68
CA LEU E 112 -7.63 16.35 -21.49
C LEU E 112 -8.81 15.86 -20.65
N LEU E 113 -8.55 14.94 -19.71
CA LEU E 113 -9.59 14.46 -18.82
C LEU E 113 -10.14 15.57 -17.95
N HIS E 114 -9.25 16.42 -17.42
CA HIS E 114 -9.70 17.56 -16.62
C HIS E 114 -10.54 18.50 -17.47
N ASP E 115 -10.10 18.80 -18.69
CA ASP E 115 -10.85 19.74 -19.52
C ASP E 115 -12.20 19.19 -19.93
N ALA E 116 -12.31 17.87 -20.13
CA ALA E 116 -13.54 17.26 -20.61
C ALA E 116 -14.50 16.84 -19.49
N ARG E 117 -14.06 16.90 -18.23
CA ARG E 117 -14.90 16.42 -17.15
C ARG E 117 -16.16 17.26 -17.03
N PRO E 118 -17.29 16.66 -16.69
CA PRO E 118 -18.49 17.46 -16.37
C PRO E 118 -18.24 18.33 -15.16
N LYS E 119 -18.77 19.55 -15.19
CA LYS E 119 -18.64 20.45 -14.06
C LYS E 119 -19.34 19.86 -12.84
N GLU E 120 -18.91 20.28 -11.65
CA GLU E 120 -19.49 19.75 -10.43
C GLU E 120 -20.97 20.11 -10.37
N GLY E 121 -21.80 19.13 -10.00
CA GLY E 121 -23.24 19.27 -10.09
C GLY E 121 -23.84 18.65 -11.33
N ASP E 122 -23.02 18.33 -12.33
CA ASP E 122 -23.47 17.64 -13.53
C ASP E 122 -23.30 16.14 -13.32
N ASP E 123 -24.42 15.44 -13.15
CA ASP E 123 -24.41 14.01 -12.87
C ASP E 123 -24.47 13.15 -14.13
N ARG E 124 -24.28 13.74 -15.31
CA ARG E 124 -24.32 12.96 -16.54
C ARG E 124 -23.20 11.93 -16.55
N PRO E 125 -23.43 10.77 -17.16
CA PRO E 125 -22.40 9.71 -17.15
C PRO E 125 -21.17 10.14 -17.92
N PHE E 126 -20.01 9.89 -17.32
CA PHE E 126 -18.72 10.28 -17.90
C PHE E 126 -17.69 9.24 -17.48
N PHE E 127 -17.07 8.58 -18.46
CA PHE E 127 -16.13 7.51 -18.18
C PHE E 127 -14.79 7.76 -18.85
N TRP E 128 -13.76 7.11 -18.32
CA TRP E 128 -12.42 7.26 -18.84
C TRP E 128 -11.65 5.96 -18.65
N LEU E 129 -10.67 5.74 -19.50
CA LEU E 129 -9.79 4.59 -19.39
C LEU E 129 -8.38 4.98 -19.81
N PHE E 130 -7.39 4.46 -19.09
CA PHE E 130 -5.99 4.73 -19.38
C PHE E 130 -5.21 3.42 -19.26
N GLU E 131 -4.53 3.03 -20.33
CA GLU E 131 -3.75 1.80 -20.34
C GLU E 131 -2.26 2.11 -20.39
N ASN E 132 -1.47 1.31 -19.70
CA ASN E 132 -0.02 1.33 -19.90
C ASN E 132 0.54 -0.06 -19.63
N VAL E 133 1.86 -0.19 -19.75
CA VAL E 133 2.53 -1.47 -19.56
C VAL E 133 2.84 -1.66 -18.08
N VAL E 134 2.89 -2.92 -17.65
CA VAL E 134 3.16 -3.20 -16.25
C VAL E 134 4.62 -2.90 -15.93
N ALA E 135 5.50 -2.98 -16.92
CA ALA E 135 6.92 -2.72 -16.73
C ALA E 135 7.15 -1.22 -16.68
N MET E 136 6.79 -0.64 -15.54
CA MET E 136 6.97 0.79 -15.29
C MET E 136 7.49 0.99 -13.89
N GLY E 137 8.09 2.16 -13.67
CA GLY E 137 8.58 2.49 -12.34
C GLY E 137 7.44 2.47 -11.33
N VAL E 138 7.69 1.88 -10.16
CA VAL E 138 6.67 1.84 -9.13
C VAL E 138 6.28 3.24 -8.71
N SER E 139 7.20 4.20 -8.84
CA SER E 139 6.85 5.61 -8.63
C SER E 139 5.86 6.08 -9.67
N ASP E 140 6.05 5.70 -10.93
CA ASP E 140 5.11 6.11 -11.98
C ASP E 140 3.74 5.50 -11.77
N LYS E 141 3.70 4.21 -11.41
CA LYS E 141 2.41 3.56 -11.15
C LYS E 141 1.71 4.18 -9.96
N ARG E 142 2.46 4.47 -8.89
CA ARG E 142 1.89 5.15 -7.73
C ARG E 142 1.36 6.52 -8.09
N ASP E 143 2.12 7.28 -8.89
CA ASP E 143 1.69 8.62 -9.27
C ASP E 143 0.41 8.58 -10.10
N ILE E 144 0.33 7.63 -11.04
CA ILE E 144 -0.87 7.51 -11.86
C ILE E 144 -2.07 7.13 -10.99
N SER E 145 -1.89 6.15 -10.11
CA SER E 145 -2.98 5.75 -9.22
C SER E 145 -3.42 6.92 -8.34
N ARG E 146 -2.48 7.74 -7.89
CA ARG E 146 -2.81 8.85 -7.01
C ARG E 146 -3.54 9.96 -7.76
N PHE E 147 -3.07 10.30 -8.96
CA PHE E 147 -3.72 11.33 -9.75
C PHE E 147 -5.12 10.91 -10.17
N LEU E 148 -5.29 9.64 -10.54
CA LEU E 148 -6.59 9.14 -10.98
C LEU E 148 -7.45 8.61 -9.84
N GLU E 149 -6.92 8.59 -8.61
CA GLU E 149 -7.66 8.11 -7.45
C GLU E 149 -8.19 6.70 -7.69
N SER E 150 -7.42 5.89 -8.39
CA SER E 150 -7.87 4.55 -8.76
C SER E 150 -6.67 3.62 -8.82
N ASN E 151 -6.86 2.42 -8.33
CA ASN E 151 -5.85 1.39 -8.44
C ASN E 151 -6.07 0.58 -9.72
N PRO E 152 -5.01 0.19 -10.40
CA PRO E 152 -5.14 -0.35 -11.76
C PRO E 152 -5.58 -1.82 -11.78
N VAL E 153 -6.10 -2.21 -12.93
CA VAL E 153 -6.40 -3.60 -13.24
C VAL E 153 -5.17 -4.20 -13.89
N MET E 154 -4.69 -5.30 -13.32
CA MET E 154 -3.54 -6.04 -13.84
C MET E 154 -4.04 -7.17 -14.72
N ILE E 155 -3.65 -7.15 -15.99
CA ILE E 155 -4.08 -8.15 -16.96
C ILE E 155 -2.85 -8.88 -17.48
N ASP E 156 -2.82 -10.20 -17.29
CA ASP E 156 -1.69 -11.00 -17.73
C ASP E 156 -1.74 -11.27 -19.23
N ALA E 166 1.06 -8.48 -20.41
CA ALA E 166 0.63 -7.95 -19.12
C ALA E 166 0.59 -6.42 -19.15
N ARG E 167 -0.54 -5.85 -18.73
CA ARG E 167 -0.77 -4.42 -18.80
C ARG E 167 -1.53 -3.95 -17.58
N TYR E 168 -1.46 -2.65 -17.34
CA TYR E 168 -2.23 -1.94 -16.32
C TYR E 168 -3.33 -1.13 -16.99
N PHE E 169 -4.53 -1.18 -16.40
CA PHE E 169 -5.69 -0.45 -16.90
C PHE E 169 -6.35 0.31 -15.75
N TRP E 170 -6.23 1.63 -15.75
CA TRP E 170 -7.00 2.48 -14.84
C TRP E 170 -8.31 2.88 -15.50
N GLY E 171 -9.38 2.92 -14.72
CA GLY E 171 -10.67 3.32 -15.25
C GLY E 171 -11.71 3.40 -14.15
N ASN E 172 -12.82 4.05 -14.49
CA ASN E 172 -13.95 4.20 -13.59
C ASN E 172 -15.18 3.46 -14.07
N LEU E 173 -15.02 2.61 -15.09
CA LEU E 173 -16.13 1.78 -15.54
C LEU E 173 -16.51 0.80 -14.45
N PRO E 174 -17.79 0.48 -14.29
CA PRO E 174 -18.18 -0.55 -13.31
C PRO E 174 -17.46 -1.86 -13.61
N GLY E 175 -16.73 -2.35 -12.62
CA GLY E 175 -15.91 -3.54 -12.74
C GLY E 175 -14.44 -3.26 -12.70
N MET E 176 -14.02 -2.04 -13.03
CA MET E 176 -12.63 -1.62 -12.95
C MET E 176 -12.26 -1.04 -11.59
N ASN E 177 -13.14 -1.16 -10.61
CA ASN E 177 -12.83 -0.75 -9.24
C ASN E 177 -11.94 -1.82 -8.60
N ARG E 178 -10.65 -1.52 -8.48
CA ARG E 178 -9.70 -2.46 -7.92
C ARG E 178 -8.94 -1.96 -6.69
N PRO E 179 -9.56 -1.21 -5.74
CA PRO E 179 -8.73 -0.58 -4.69
C PRO E 179 -7.93 -1.57 -3.86
N LEU E 180 -6.76 -1.95 -4.36
CA LEU E 180 -5.81 -2.69 -3.53
C LEU E 180 -5.43 -1.89 -2.30
N ALA E 181 -5.05 -0.63 -2.50
CA ALA E 181 -4.90 0.35 -1.43
C ALA E 181 -5.34 1.67 -2.04
N SER E 182 -6.56 2.09 -1.72
CA SER E 182 -7.20 3.24 -2.36
C SER E 182 -6.33 4.48 -2.38
N ARG E 260 13.05 -3.22 -38.68
CA ARG E 260 12.10 -2.38 -39.40
C ARG E 260 12.06 -0.97 -38.83
N GLN E 261 12.21 0.02 -39.70
CA GLN E 261 12.17 1.41 -39.28
C GLN E 261 10.77 1.79 -38.83
N ARG E 262 10.70 2.78 -37.93
CA ARG E 262 9.46 3.08 -37.22
C ARG E 262 8.50 3.87 -38.11
N LEU E 263 7.25 3.41 -38.17
CA LEU E 263 6.17 4.13 -38.84
C LEU E 263 4.86 3.75 -38.17
N LEU E 264 3.75 4.15 -38.81
CA LEU E 264 2.44 4.05 -38.18
C LEU E 264 2.04 2.59 -37.92
N GLY E 265 1.35 2.38 -36.81
CA GLY E 265 0.83 1.07 -36.47
C GLY E 265 -0.39 1.19 -35.60
N ARG E 266 -1.16 0.11 -35.53
CA ARG E 266 -2.38 0.06 -34.74
C ARG E 266 -2.30 -1.09 -33.76
N SER E 267 -2.82 -0.86 -32.55
CA SER E 267 -2.72 -1.86 -31.49
C SER E 267 -3.65 -3.03 -31.74
N TRP E 268 -3.17 -4.24 -31.45
CA TRP E 268 -4.01 -5.42 -31.46
C TRP E 268 -4.79 -5.59 -30.17
N SER E 269 -4.35 -4.94 -29.08
CA SER E 269 -4.95 -5.11 -27.76
C SER E 269 -6.37 -4.55 -27.73
N VAL E 270 -7.29 -5.28 -28.37
CA VAL E 270 -8.69 -4.87 -28.49
C VAL E 270 -9.62 -5.72 -27.63
N PRO E 271 -9.43 -7.05 -27.54
CA PRO E 271 -10.39 -7.85 -26.75
C PRO E 271 -10.46 -7.48 -25.27
N VAL E 272 -9.32 -7.16 -24.65
CA VAL E 272 -9.34 -6.81 -23.23
C VAL E 272 -10.10 -5.50 -23.02
N ILE E 273 -9.90 -4.53 -23.91
CA ILE E 273 -10.65 -3.29 -23.83
C ILE E 273 -12.13 -3.53 -24.10
N ARG E 274 -12.45 -4.50 -24.97
CA ARG E 274 -13.84 -4.89 -25.18
C ARG E 274 -14.48 -5.36 -23.89
N HIS E 275 -13.81 -6.28 -23.19
CA HIS E 275 -14.34 -6.80 -21.93
C HIS E 275 -14.47 -5.68 -20.90
N LEU E 276 -13.48 -4.77 -20.83
CA LEU E 276 -13.54 -3.69 -19.86
C LEU E 276 -14.65 -2.69 -20.19
N PHE E 277 -14.87 -2.45 -21.48
CA PHE E 277 -15.85 -1.47 -21.96
C PHE E 277 -17.27 -1.99 -21.97
N ALA E 278 -17.45 -3.31 -21.83
CA ALA E 278 -18.80 -3.92 -21.77
C ALA E 278 -19.84 -3.09 -21.02
N PRO E 279 -19.58 -2.56 -19.81
CA PRO E 279 -20.63 -1.78 -19.12
C PRO E 279 -21.08 -0.53 -19.86
N LEU E 280 -20.35 -0.07 -20.89
CA LEU E 280 -20.81 1.09 -21.65
C LEU E 280 -22.11 0.82 -22.38
N LYS E 281 -22.44 -0.45 -22.63
CA LYS E 281 -23.67 -0.79 -23.32
C LYS E 281 -24.91 -0.47 -22.49
N GLU E 282 -24.76 -0.28 -21.19
CA GLU E 282 -25.87 0.04 -20.29
C GLU E 282 -25.97 1.53 -20.00
N TYR E 283 -25.17 2.37 -20.67
CA TYR E 283 -25.21 3.81 -20.46
C TYR E 283 -25.44 4.59 -21.74
N PHE E 284 -25.26 3.97 -22.92
CA PHE E 284 -25.36 4.71 -24.17
C PHE E 284 -26.10 3.85 -25.19
N ALA E 285 -26.63 4.53 -26.21
CA ALA E 285 -27.48 3.87 -27.20
C ALA E 285 -26.69 2.87 -28.01
N CYS E 286 -27.27 1.69 -28.21
CA CYS E 286 -26.66 0.63 -28.99
C CYS E 286 -27.41 0.45 -30.31
N VAL E 287 -26.67 0.27 -31.39
CA VAL E 287 -27.27 0.06 -32.70
C VAL E 287 -27.72 -1.39 -32.84
N ALA F 3 -42.52 -90.13 -34.66
CA ALA F 3 -42.60 -91.24 -33.71
C ALA F 3 -42.93 -92.54 -34.43
N GLU F 4 -42.47 -92.67 -35.67
CA GLU F 4 -42.74 -93.88 -36.45
C GLU F 4 -41.87 -95.05 -36.00
N LYS F 5 -40.56 -94.86 -35.98
CA LYS F 5 -39.62 -95.89 -35.53
C LYS F 5 -38.28 -95.23 -35.26
N ARG F 6 -37.47 -95.89 -34.45
CA ARG F 6 -36.17 -95.34 -34.06
C ARG F 6 -35.27 -95.18 -35.29
N LYS F 7 -34.69 -93.99 -35.42
CA LYS F 7 -33.79 -93.66 -36.51
C LYS F 7 -32.39 -93.35 -35.97
N PRO F 8 -31.35 -93.51 -36.78
CA PRO F 8 -29.99 -93.19 -36.31
C PRO F 8 -29.86 -91.72 -35.91
N ILE F 9 -28.93 -91.46 -34.99
CA ILE F 9 -28.79 -90.16 -34.37
C ILE F 9 -27.94 -89.24 -35.25
N ARG F 10 -28.23 -87.94 -35.16
CA ARG F 10 -27.50 -86.92 -35.91
C ARG F 10 -26.92 -85.91 -34.92
N VAL F 11 -25.62 -85.66 -35.03
CA VAL F 11 -24.85 -85.01 -33.98
C VAL F 11 -24.14 -83.78 -34.53
N LEU F 12 -24.11 -82.73 -33.73
CA LEU F 12 -23.33 -81.52 -33.97
C LEU F 12 -22.41 -81.33 -32.78
N SER F 13 -21.10 -81.33 -33.04
CA SER F 13 -20.09 -81.35 -31.98
C SER F 13 -19.19 -80.12 -32.09
N LEU F 14 -19.30 -79.23 -31.09
CA LEU F 14 -18.35 -78.16 -30.87
C LEU F 14 -17.38 -78.53 -29.75
N PHE F 15 -17.29 -79.83 -29.44
CA PHE F 15 -16.46 -80.31 -28.34
C PHE F 15 -14.97 -80.09 -28.63
N ASP F 16 -14.25 -79.62 -27.62
CA ASP F 16 -12.79 -79.52 -27.70
C ASP F 16 -12.24 -80.92 -27.55
N GLY F 17 -11.83 -81.51 -28.66
CA GLY F 17 -11.52 -82.93 -28.71
C GLY F 17 -12.43 -83.58 -29.72
N ILE F 18 -12.00 -83.58 -30.98
CA ILE F 18 -12.86 -83.97 -32.08
C ILE F 18 -13.17 -85.45 -32.02
N ALA F 19 -14.37 -85.82 -32.46
CA ALA F 19 -14.84 -87.19 -32.58
C ALA F 19 -14.88 -87.93 -31.24
N THR F 20 -14.81 -87.19 -30.13
CA THR F 20 -15.04 -87.81 -28.83
C THR F 20 -16.47 -88.32 -28.71
N GLY F 21 -17.44 -87.50 -29.11
CA GLY F 21 -18.82 -87.93 -29.08
C GLY F 21 -19.09 -89.10 -30.00
N LEU F 22 -18.43 -89.12 -31.16
CA LEU F 22 -18.57 -90.25 -32.07
C LEU F 22 -18.07 -91.54 -31.43
N LEU F 23 -16.93 -91.45 -30.73
CA LEU F 23 -16.40 -92.63 -30.04
C LEU F 23 -17.35 -93.09 -28.93
N VAL F 24 -17.93 -92.14 -28.18
CA VAL F 24 -18.85 -92.52 -27.11
C VAL F 24 -20.11 -93.16 -27.70
N LEU F 25 -20.62 -92.61 -28.80
CA LEU F 25 -21.83 -93.15 -29.41
C LEU F 25 -21.59 -94.55 -29.98
N LYS F 26 -20.43 -94.76 -30.60
CA LYS F 26 -20.07 -96.12 -31.03
C LYS F 26 -19.90 -97.04 -29.84
N ASP F 27 -19.38 -96.52 -28.72
CA ASP F 27 -19.25 -97.31 -27.51
C ASP F 27 -20.60 -97.77 -26.98
N LEU F 28 -21.64 -96.97 -27.17
CA LEU F 28 -22.98 -97.31 -26.72
C LEU F 28 -23.78 -98.06 -27.78
N GLY F 29 -23.20 -98.28 -28.96
CA GLY F 29 -23.88 -99.01 -30.01
C GLY F 29 -25.03 -98.28 -30.67
N ILE F 30 -24.94 -96.96 -30.77
CA ILE F 30 -25.99 -96.15 -31.36
C ILE F 30 -25.62 -95.84 -32.81
N GLN F 31 -26.55 -96.10 -33.73
CA GLN F 31 -26.33 -95.80 -35.13
C GLN F 31 -26.22 -94.30 -35.34
N VAL F 32 -25.26 -93.89 -36.17
CA VAL F 32 -24.98 -92.49 -36.44
C VAL F 32 -25.25 -92.22 -37.92
N ASP F 33 -26.23 -91.34 -38.18
CA ASP F 33 -26.52 -90.92 -39.55
C ASP F 33 -25.71 -89.69 -39.97
N ARG F 34 -25.25 -88.89 -39.01
CA ARG F 34 -24.54 -87.66 -39.33
C ARG F 34 -23.69 -87.25 -38.14
N TYR F 35 -22.51 -86.70 -38.43
CA TYR F 35 -21.62 -86.21 -37.38
C TYR F 35 -20.83 -85.03 -37.95
N ILE F 36 -21.23 -83.83 -37.54
CA ILE F 36 -20.56 -82.59 -37.94
C ILE F 36 -19.76 -82.09 -36.74
N ALA F 37 -18.46 -81.91 -36.93
CA ALA F 37 -17.55 -81.54 -35.87
C ALA F 37 -16.91 -80.19 -36.18
N SER F 38 -16.78 -79.35 -35.16
CA SER F 38 -16.19 -78.03 -35.29
C SER F 38 -15.42 -77.69 -34.02
N GLU F 39 -14.49 -76.76 -34.16
CA GLU F 39 -13.66 -76.29 -33.05
C GLU F 39 -13.70 -74.77 -32.99
N VAL F 40 -13.26 -74.22 -31.87
CA VAL F 40 -13.32 -72.78 -31.68
C VAL F 40 -12.06 -72.06 -32.18
N CYS F 41 -10.90 -72.69 -32.06
CA CYS F 41 -9.62 -72.09 -32.45
C CYS F 41 -9.44 -70.71 -31.84
N GLU F 42 -8.89 -69.78 -32.61
CA GLU F 42 -8.69 -68.42 -32.14
C GLU F 42 -8.57 -67.45 -33.30
N LYS F 55 -20.58 -88.85 -44.58
CA LYS F 55 -21.45 -87.84 -44.00
C LYS F 55 -20.98 -87.46 -42.59
N ILE F 56 -19.73 -87.75 -42.30
CA ILE F 56 -19.09 -87.38 -41.05
C ILE F 56 -17.99 -86.39 -41.38
N MET F 57 -18.26 -85.10 -41.17
CA MET F 57 -17.31 -84.08 -41.56
C MET F 57 -16.77 -83.32 -40.37
N TYR F 58 -15.52 -82.87 -40.51
CA TYR F 58 -14.95 -81.78 -39.73
C TYR F 58 -15.03 -80.52 -40.58
N VAL F 59 -15.58 -79.45 -40.01
CA VAL F 59 -15.88 -78.25 -40.76
C VAL F 59 -15.04 -77.05 -40.34
N GLY F 60 -14.05 -77.26 -39.48
CA GLY F 60 -13.10 -76.22 -39.15
C GLY F 60 -13.56 -75.21 -38.12
N ASP F 61 -13.20 -73.94 -38.33
CA ASP F 61 -13.53 -72.89 -37.37
C ASP F 61 -15.04 -72.75 -37.23
N VAL F 62 -15.52 -72.68 -35.99
CA VAL F 62 -16.92 -72.41 -35.75
C VAL F 62 -17.31 -71.01 -36.22
N ARG F 63 -16.32 -70.11 -36.35
CA ARG F 63 -16.59 -68.78 -36.88
C ARG F 63 -17.08 -68.82 -38.32
N SER F 64 -16.80 -69.91 -39.03
CA SER F 64 -17.25 -70.05 -40.41
C SER F 64 -18.62 -70.71 -40.53
N VAL F 65 -19.18 -71.20 -39.42
CA VAL F 65 -20.45 -71.92 -39.44
C VAL F 65 -21.58 -70.94 -39.16
N THR F 66 -22.56 -70.87 -40.06
CA THR F 66 -23.67 -69.95 -39.95
C THR F 66 -24.97 -70.71 -39.65
N GLN F 67 -26.02 -69.92 -39.41
CA GLN F 67 -27.35 -70.51 -39.24
C GLN F 67 -27.75 -71.32 -40.46
N LYS F 68 -27.38 -70.84 -41.66
CA LYS F 68 -27.75 -71.55 -42.89
C LYS F 68 -27.03 -72.88 -43.00
N HIS F 69 -25.75 -72.91 -42.60
CA HIS F 69 -25.02 -74.18 -42.61
C HIS F 69 -25.67 -75.17 -41.64
N ILE F 70 -26.04 -74.71 -40.45
CA ILE F 70 -26.71 -75.57 -39.48
C ILE F 70 -28.02 -76.09 -40.05
N GLN F 71 -28.76 -75.24 -40.76
CA GLN F 71 -30.03 -75.65 -41.34
C GLN F 71 -29.83 -76.72 -42.42
N GLU F 72 -28.83 -76.52 -43.29
CA GLU F 72 -28.64 -77.44 -44.41
C GLU F 72 -28.06 -78.77 -43.95
N TRP F 73 -27.02 -78.74 -43.10
CA TRP F 73 -26.45 -79.98 -42.59
C TRP F 73 -27.43 -80.74 -41.71
N GLY F 74 -28.38 -80.03 -41.08
CA GLY F 74 -29.31 -80.64 -40.17
C GLY F 74 -30.36 -81.47 -40.88
N PRO F 75 -31.42 -81.86 -40.15
CA PRO F 75 -31.70 -81.61 -38.73
C PRO F 75 -30.75 -82.34 -37.80
N PHE F 76 -30.60 -81.87 -36.56
CA PHE F 76 -29.72 -82.48 -35.59
C PHE F 76 -30.51 -82.96 -34.39
N ASP F 77 -30.05 -84.07 -33.81
CA ASP F 77 -30.67 -84.62 -32.62
C ASP F 77 -29.84 -84.40 -31.35
N LEU F 78 -28.52 -84.30 -31.48
CA LEU F 78 -27.64 -84.14 -30.33
C LEU F 78 -26.67 -83.00 -30.61
N VAL F 79 -26.46 -82.14 -29.61
CA VAL F 79 -25.52 -81.03 -29.72
C VAL F 79 -24.61 -81.07 -28.50
N ILE F 80 -23.31 -81.25 -28.73
CA ILE F 80 -22.36 -81.40 -27.63
C ILE F 80 -21.28 -80.33 -27.74
N GLY F 81 -20.75 -79.94 -26.59
CA GLY F 81 -19.73 -78.90 -26.54
C GLY F 81 -19.03 -78.87 -25.22
N GLY F 82 -17.91 -78.15 -25.19
CA GLY F 82 -17.13 -77.97 -23.99
C GLY F 82 -15.72 -78.50 -24.14
N SER F 83 -15.03 -78.59 -23.00
CA SER F 83 -13.64 -79.04 -22.94
C SER F 83 -13.38 -79.70 -21.59
N PRO F 84 -12.62 -80.80 -21.55
CA PRO F 84 -12.24 -81.46 -20.30
C PRO F 84 -11.13 -80.75 -19.55
N GLY F 101 -10.23 -67.82 -20.99
CA GLY F 101 -11.52 -67.86 -20.33
C GLY F 101 -12.45 -68.92 -20.90
N THR F 102 -13.45 -69.30 -20.09
CA THR F 102 -14.41 -70.32 -20.52
C THR F 102 -15.58 -69.75 -21.31
N GLY F 103 -15.68 -68.42 -21.40
CA GLY F 103 -16.87 -67.82 -21.97
C GLY F 103 -17.04 -68.09 -23.46
N ARG F 104 -15.95 -67.95 -24.22
CA ARG F 104 -16.04 -68.07 -25.67
C ARG F 104 -16.57 -69.43 -26.10
N LEU F 105 -15.99 -70.50 -25.55
CA LEU F 105 -16.43 -71.85 -25.85
C LEU F 105 -17.93 -72.02 -25.59
N PHE F 106 -18.38 -71.58 -24.41
CA PHE F 106 -19.79 -71.78 -24.05
C PHE F 106 -20.70 -70.97 -24.95
N PHE F 107 -20.33 -69.73 -25.28
CA PHE F 107 -21.24 -68.90 -26.07
C PHE F 107 -21.32 -69.36 -27.52
N GLU F 108 -20.20 -69.86 -28.07
CA GLU F 108 -20.29 -70.50 -29.38
C GLU F 108 -21.19 -71.73 -29.34
N PHE F 109 -21.01 -72.58 -28.31
CA PHE F 109 -21.89 -73.72 -28.14
C PHE F 109 -23.34 -73.29 -28.01
N TYR F 110 -23.57 -72.17 -27.33
CA TYR F 110 -24.93 -71.67 -27.13
C TYR F 110 -25.55 -71.22 -28.44
N ARG F 111 -24.78 -70.52 -29.27
CA ARG F 111 -25.29 -70.14 -30.59
C ARG F 111 -25.63 -71.36 -31.42
N LEU F 112 -24.77 -72.39 -31.39
CA LEU F 112 -25.06 -73.59 -32.15
C LEU F 112 -26.29 -74.31 -31.61
N LEU F 113 -26.44 -74.36 -30.28
CA LEU F 113 -27.63 -74.94 -29.67
C LEU F 113 -28.89 -74.20 -30.12
N HIS F 114 -28.82 -72.87 -30.16
CA HIS F 114 -29.98 -72.09 -30.61
C HIS F 114 -30.30 -72.35 -32.07
N ASP F 115 -29.27 -72.40 -32.92
CA ASP F 115 -29.52 -72.56 -34.35
C ASP F 115 -30.01 -73.97 -34.69
N ALA F 116 -29.59 -74.98 -33.93
CA ALA F 116 -29.98 -76.35 -34.21
C ALA F 116 -31.25 -76.78 -33.48
N ARG F 117 -31.76 -75.96 -32.57
CA ARG F 117 -32.90 -76.37 -31.76
C ARG F 117 -34.15 -76.52 -32.63
N PRO F 118 -34.99 -77.52 -32.36
CA PRO F 118 -36.27 -77.60 -33.07
C PRO F 118 -37.13 -76.37 -32.80
N LYS F 119 -37.86 -75.94 -33.82
CA LYS F 119 -38.73 -74.79 -33.67
C LYS F 119 -39.93 -75.14 -32.80
N GLU F 120 -40.56 -74.11 -32.24
CA GLU F 120 -41.69 -74.31 -31.36
C GLU F 120 -42.81 -75.07 -32.09
N GLY F 121 -43.34 -76.10 -31.45
CA GLY F 121 -44.28 -77.00 -32.05
C GLY F 121 -43.69 -78.32 -32.50
N ASP F 122 -42.37 -78.36 -32.71
CA ASP F 122 -41.68 -79.60 -33.08
C ASP F 122 -41.29 -80.32 -31.79
N ASP F 123 -42.00 -81.40 -31.49
CA ASP F 123 -41.77 -82.17 -30.27
C ASP F 123 -40.75 -83.29 -30.45
N ARG F 124 -39.99 -83.27 -31.54
CA ARG F 124 -39.02 -84.33 -31.77
C ARG F 124 -37.92 -84.31 -30.71
N PRO F 125 -37.33 -85.45 -30.40
CA PRO F 125 -36.30 -85.49 -29.35
C PRO F 125 -35.07 -84.70 -29.76
N PHE F 126 -34.56 -83.90 -28.83
CA PHE F 126 -33.41 -83.06 -29.07
C PHE F 126 -32.63 -82.91 -27.77
N PHE F 127 -31.39 -83.38 -27.75
CA PHE F 127 -30.59 -83.40 -26.54
C PHE F 127 -29.27 -82.66 -26.75
N TRP F 128 -28.70 -82.19 -25.65
CA TRP F 128 -27.46 -81.44 -25.69
C TRP F 128 -26.67 -81.74 -24.42
N LEU F 129 -25.36 -81.53 -24.53
CA LEU F 129 -24.48 -81.68 -23.38
C LEU F 129 -23.34 -80.67 -23.50
N PHE F 130 -22.98 -80.06 -22.37
CA PHE F 130 -21.87 -79.13 -22.29
C PHE F 130 -21.02 -79.47 -21.08
N GLU F 131 -19.75 -79.77 -21.32
CA GLU F 131 -18.82 -80.07 -20.23
C GLU F 131 -17.87 -78.90 -20.03
N ASN F 132 -17.49 -78.65 -18.78
CA ASN F 132 -16.38 -77.76 -18.50
C ASN F 132 -15.70 -78.22 -17.21
N VAL F 133 -14.58 -77.58 -16.91
CA VAL F 133 -13.85 -77.90 -15.69
C VAL F 133 -14.50 -77.19 -14.51
N VAL F 134 -14.43 -77.83 -13.34
CA VAL F 134 -15.04 -77.24 -12.15
C VAL F 134 -14.30 -75.95 -11.76
N ALA F 135 -13.00 -75.88 -12.04
CA ALA F 135 -12.22 -74.68 -11.76
C ALA F 135 -12.61 -73.54 -12.68
N MET F 136 -13.65 -72.81 -12.31
CA MET F 136 -14.12 -71.69 -13.11
C MET F 136 -14.69 -70.64 -12.17
N GLY F 137 -14.79 -69.41 -12.66
CA GLY F 137 -15.41 -68.36 -11.88
C GLY F 137 -16.85 -68.72 -11.53
N VAL F 138 -17.22 -68.46 -10.27
CA VAL F 138 -18.58 -68.74 -9.82
C VAL F 138 -19.59 -67.99 -10.68
N SER F 139 -19.23 -66.77 -11.08
CA SER F 139 -20.08 -66.03 -12.01
C SER F 139 -20.23 -66.78 -13.33
N ASP F 140 -19.14 -67.37 -13.83
CA ASP F 140 -19.23 -68.16 -15.06
C ASP F 140 -20.19 -69.33 -14.90
N LYS F 141 -20.11 -70.02 -13.75
CA LYS F 141 -20.97 -71.18 -13.52
C LYS F 141 -22.43 -70.76 -13.46
N ARG F 142 -22.73 -69.71 -12.70
CA ARG F 142 -24.10 -69.23 -12.61
C ARG F 142 -24.60 -68.75 -13.97
N ASP F 143 -23.75 -68.11 -14.76
CA ASP F 143 -24.16 -67.63 -16.08
C ASP F 143 -24.50 -68.78 -17.00
N ILE F 144 -23.67 -69.84 -16.98
CA ILE F 144 -23.97 -70.99 -17.84
C ILE F 144 -25.26 -71.67 -17.39
N SER F 145 -25.44 -71.83 -16.07
CA SER F 145 -26.67 -72.44 -15.57
C SER F 145 -27.89 -71.60 -15.94
N ARG F 146 -27.74 -70.27 -15.94
CA ARG F 146 -28.83 -69.40 -16.33
C ARG F 146 -29.17 -69.54 -17.80
N PHE F 147 -28.15 -69.50 -18.67
CA PHE F 147 -28.38 -69.57 -20.10
C PHE F 147 -28.95 -70.92 -20.51
N LEU F 148 -28.48 -72.00 -19.88
CA LEU F 148 -28.97 -73.33 -20.23
C LEU F 148 -30.19 -73.76 -19.41
N GLU F 149 -30.62 -72.93 -18.45
CA GLU F 149 -31.80 -73.21 -17.64
C GLU F 149 -31.68 -74.55 -16.90
N SER F 150 -30.45 -74.93 -16.54
CA SER F 150 -30.22 -76.21 -15.88
C SER F 150 -29.09 -76.05 -14.88
N ASN F 151 -29.15 -76.84 -13.83
CA ASN F 151 -28.11 -76.91 -12.82
C ASN F 151 -27.11 -78.01 -13.19
N PRO F 152 -25.83 -77.83 -12.87
CA PRO F 152 -24.81 -78.74 -13.38
C PRO F 152 -24.71 -80.03 -12.58
N VAL F 153 -24.32 -81.09 -13.28
CA VAL F 153 -23.96 -82.35 -12.65
C VAL F 153 -22.46 -82.29 -12.37
N MET F 154 -22.09 -82.44 -11.10
CA MET F 154 -20.68 -82.49 -10.73
C MET F 154 -20.21 -83.93 -10.76
N ILE F 155 -18.99 -84.14 -11.25
CA ILE F 155 -18.45 -85.49 -11.35
C ILE F 155 -17.01 -85.54 -10.85
N ALA F 166 -12.34 -83.60 -11.30
CA ALA F 166 -13.71 -83.13 -11.13
C ALA F 166 -14.12 -82.22 -12.29
N ARG F 167 -15.35 -82.39 -12.75
CA ARG F 167 -15.85 -81.62 -13.89
C ARG F 167 -17.32 -81.31 -13.71
N TYR F 168 -17.80 -80.34 -14.49
CA TYR F 168 -19.20 -79.94 -14.54
C TYR F 168 -19.80 -80.36 -15.88
N PHE F 169 -21.02 -80.89 -15.83
CA PHE F 169 -21.74 -81.36 -17.01
C PHE F 169 -23.17 -80.81 -16.98
N TRP F 170 -23.50 -79.92 -17.91
CA TRP F 170 -24.87 -79.50 -18.12
C TRP F 170 -25.49 -80.32 -19.24
N GLY F 171 -26.78 -80.64 -19.09
CA GLY F 171 -27.47 -81.38 -20.13
C GLY F 171 -28.93 -81.53 -19.78
N ASN F 172 -29.70 -81.93 -20.80
CA ASN F 172 -31.12 -82.20 -20.65
C ASN F 172 -31.44 -83.68 -20.81
N LEU F 173 -30.43 -84.54 -20.85
CA LEU F 173 -30.65 -85.97 -20.87
C LEU F 173 -31.34 -86.40 -19.58
N PRO F 174 -32.24 -87.38 -19.62
CA PRO F 174 -32.79 -87.93 -18.36
C PRO F 174 -31.68 -88.39 -17.44
N GLY F 175 -31.66 -87.86 -16.21
CA GLY F 175 -30.62 -88.14 -15.25
C GLY F 175 -29.74 -86.94 -14.95
N MET F 176 -29.59 -86.02 -15.91
CA MET F 176 -28.86 -84.78 -15.70
C MET F 176 -29.74 -83.66 -15.15
N ASN F 177 -31.00 -83.97 -14.82
CA ASN F 177 -31.86 -83.01 -14.15
C ASN F 177 -31.41 -82.85 -12.70
N ARG F 178 -30.94 -81.66 -12.35
CA ARG F 178 -30.41 -81.44 -11.01
C ARG F 178 -31.15 -80.31 -10.31
N PRO F 179 -31.20 -80.32 -8.97
CA PRO F 179 -31.79 -79.19 -8.24
C PRO F 179 -30.78 -78.08 -8.02
N LEU F 180 -31.18 -77.04 -7.29
CA LEU F 180 -30.30 -75.90 -7.07
C LEU F 180 -29.13 -76.29 -6.18
N ALA F 181 -27.94 -75.79 -6.53
CA ALA F 181 -26.73 -76.09 -5.79
C ALA F 181 -26.64 -75.22 -4.53
N SER F 182 -25.80 -75.65 -3.60
CA SER F 182 -25.62 -74.94 -2.34
C SER F 182 -24.16 -74.48 -2.18
N SER F 269 -10.67 -88.88 -20.90
CA SER F 269 -11.47 -89.97 -20.36
C SER F 269 -12.95 -89.76 -20.63
N VAL F 270 -13.55 -90.73 -21.34
CA VAL F 270 -14.90 -90.62 -21.87
C VAL F 270 -15.99 -91.39 -21.13
N PRO F 271 -15.71 -92.41 -20.30
CA PRO F 271 -16.82 -93.19 -19.72
C PRO F 271 -17.82 -92.36 -18.91
N VAL F 272 -17.42 -91.19 -18.41
CA VAL F 272 -18.39 -90.30 -17.79
C VAL F 272 -19.47 -89.91 -18.78
N ILE F 273 -19.06 -89.54 -20.00
CA ILE F 273 -20.03 -89.21 -21.04
C ILE F 273 -20.81 -90.45 -21.46
N ARG F 274 -20.21 -91.64 -21.33
CA ARG F 274 -20.93 -92.88 -21.61
C ARG F 274 -22.10 -93.06 -20.65
N HIS F 275 -21.83 -92.91 -19.35
CA HIS F 275 -22.91 -92.98 -18.36
C HIS F 275 -23.95 -91.89 -18.59
N LEU F 276 -23.50 -90.68 -18.91
CA LEU F 276 -24.43 -89.58 -19.13
C LEU F 276 -25.31 -89.83 -20.36
N PHE F 277 -24.74 -90.41 -21.41
CA PHE F 277 -25.41 -90.60 -22.68
C PHE F 277 -26.23 -91.88 -22.74
N ALA F 278 -26.09 -92.78 -21.76
CA ALA F 278 -26.90 -94.00 -21.69
C ALA F 278 -28.36 -93.83 -22.08
N PRO F 279 -29.10 -92.80 -21.64
CA PRO F 279 -30.50 -92.68 -22.08
C PRO F 279 -30.68 -92.48 -23.58
N LEU F 280 -29.61 -92.19 -24.33
CA LEU F 280 -29.78 -91.94 -25.76
C LEU F 280 -30.17 -93.19 -26.52
N LYS F 281 -29.81 -94.37 -26.01
CA LYS F 281 -30.17 -95.62 -26.70
C LYS F 281 -31.63 -95.98 -26.54
N GLU F 282 -32.41 -95.17 -25.83
CA GLU F 282 -33.86 -95.33 -25.76
C GLU F 282 -34.60 -94.34 -26.64
N TYR F 283 -33.87 -93.50 -27.38
CA TYR F 283 -34.47 -92.53 -28.29
C TYR F 283 -34.02 -92.67 -29.73
N PHE F 284 -32.93 -93.39 -30.00
CA PHE F 284 -32.40 -93.50 -31.34
C PHE F 284 -32.01 -94.95 -31.62
N ALA F 285 -31.98 -95.28 -32.91
CA ALA F 285 -31.77 -96.67 -33.32
C ALA F 285 -30.37 -97.14 -32.92
N CYS F 286 -30.30 -98.39 -32.47
CA CYS F 286 -29.05 -99.00 -32.04
C CYS F 286 -28.66 -100.12 -33.00
N VAL F 287 -27.37 -100.18 -33.33
CA VAL F 287 -26.85 -101.23 -34.18
C VAL F 287 -26.64 -102.49 -33.35
N GLY G 1 41.91 64.00 45.82
CA GLY G 1 42.20 64.10 44.40
C GLY G 1 41.97 65.48 43.82
N SER G 2 42.51 65.73 42.64
CA SER G 2 42.36 66.99 41.95
C SER G 2 41.27 66.88 40.89
N ALA G 3 40.85 68.03 40.37
CA ALA G 3 39.76 68.09 39.40
C ALA G 3 40.31 67.96 37.99
N GLU G 4 39.67 67.09 37.20
CA GLU G 4 39.94 66.97 35.78
C GLU G 4 38.70 66.40 35.11
N LYS G 5 38.56 66.68 33.82
CA LYS G 5 37.47 66.09 33.07
C LYS G 5 37.73 64.60 32.86
N ARG G 6 36.69 63.79 33.04
CA ARG G 6 36.82 62.36 32.83
C ARG G 6 37.16 62.07 31.37
N LYS G 7 38.14 61.19 31.15
CA LYS G 7 38.60 60.89 29.81
C LYS G 7 38.17 59.48 29.39
N PRO G 8 38.03 59.22 28.09
CA PRO G 8 37.64 57.88 27.65
C PRO G 8 38.74 56.86 27.91
N ILE G 9 38.33 55.61 28.07
CA ILE G 9 39.20 54.56 28.60
C ILE G 9 40.05 53.98 27.48
N ARG G 10 41.31 53.66 27.81
CA ARG G 10 42.25 53.04 26.88
C ARG G 10 42.50 51.60 27.32
N VAL G 11 42.21 50.65 26.42
CA VAL G 11 42.14 49.24 26.77
C VAL G 11 43.16 48.45 25.96
N LEU G 12 43.87 47.56 26.63
CA LEU G 12 44.66 46.49 26.03
C LEU G 12 44.00 45.17 26.37
N SER G 13 43.49 44.48 25.35
CA SER G 13 42.76 43.24 25.54
C SER G 13 43.54 42.10 24.88
N LEU G 14 44.07 41.19 25.70
CA LEU G 14 44.82 40.05 25.21
C LEU G 14 43.92 38.83 25.19
N PHE G 15 44.10 37.99 24.16
CA PHE G 15 43.22 36.85 23.93
C PHE G 15 41.77 37.31 23.84
N ASP G 16 41.55 38.34 23.03
CA ASP G 16 40.28 39.05 23.02
C ASP G 16 39.14 38.16 22.55
N GLY G 17 39.40 37.23 21.64
CA GLY G 17 38.36 36.36 21.12
C GLY G 17 37.25 37.11 20.42
N ILE G 18 36.07 37.11 21.05
CA ILE G 18 34.85 37.60 20.43
C ILE G 18 34.59 39.08 20.76
N ALA G 19 35.54 39.73 21.45
CA ALA G 19 35.51 41.16 21.76
C ALA G 19 34.43 41.46 22.80
N THR G 20 34.26 40.54 23.74
CA THR G 20 33.29 40.73 24.81
C THR G 20 33.60 41.98 25.64
N GLY G 21 34.88 42.31 25.80
CA GLY G 21 35.24 43.46 26.61
C GLY G 21 34.75 44.77 26.02
N LEU G 22 34.96 44.96 24.72
CA LEU G 22 34.48 46.17 24.06
C LEU G 22 32.97 46.23 24.08
N LEU G 23 32.30 45.11 23.83
CA LEU G 23 30.84 45.07 23.88
C LEU G 23 30.33 45.48 25.25
N VAL G 24 30.94 44.95 26.31
CA VAL G 24 30.49 45.24 27.66
C VAL G 24 30.77 46.71 28.01
N LEU G 25 31.93 47.23 27.61
CA LEU G 25 32.23 48.63 27.86
C LEU G 25 31.25 49.55 27.15
N LYS G 26 30.88 49.21 25.90
CA LYS G 26 29.90 50.01 25.18
C LYS G 26 28.52 49.94 25.85
N ASP G 27 28.13 48.75 26.31
CA ASP G 27 26.83 48.59 26.94
C ASP G 27 26.72 49.38 28.24
N LEU G 28 27.83 49.58 28.94
CA LEU G 28 27.84 50.35 30.16
C LEU G 28 27.85 51.86 29.91
N GLY G 29 27.98 52.28 28.66
CA GLY G 29 28.05 53.69 28.35
C GLY G 29 29.41 54.32 28.50
N ILE G 30 30.45 53.53 28.75
CA ILE G 30 31.80 54.06 28.92
C ILE G 30 32.38 54.40 27.57
N GLN G 31 32.92 55.60 27.45
CA GLN G 31 33.55 56.01 26.20
C GLN G 31 34.91 55.33 26.07
N VAL G 32 35.17 54.76 24.90
CA VAL G 32 36.39 54.02 24.65
C VAL G 32 37.27 54.86 23.72
N ASP G 33 38.38 55.37 24.27
CA ASP G 33 39.35 56.10 23.46
C ASP G 33 39.93 55.19 22.37
N ARG G 34 40.56 54.09 22.79
CA ARG G 34 41.09 53.12 21.84
C ARG G 34 41.13 51.74 22.48
N TYR G 35 41.09 50.72 21.62
CA TYR G 35 40.91 49.34 22.04
C TYR G 35 41.85 48.48 21.19
N ILE G 36 42.98 48.07 21.78
CA ILE G 36 43.96 47.24 21.11
C ILE G 36 43.76 45.79 21.55
N ALA G 37 43.60 44.89 20.59
CA ALA G 37 43.27 43.50 20.87
C ALA G 37 44.33 42.58 20.27
N SER G 38 44.76 41.61 21.06
CA SER G 38 45.64 40.55 20.60
C SER G 38 44.81 39.28 20.43
N GLU G 39 44.80 38.75 19.21
CA GLU G 39 44.00 37.57 18.90
C GLU G 39 44.57 36.92 17.65
N VAL G 40 44.50 35.60 17.59
CA VAL G 40 45.03 34.84 16.46
C VAL G 40 43.97 34.12 15.66
N CYS G 41 42.82 33.79 16.24
CA CYS G 41 41.79 33.05 15.52
C CYS G 41 41.12 33.96 14.49
N GLU G 42 41.13 33.54 13.23
CA GLU G 42 40.62 34.37 12.14
C GLU G 42 39.14 34.68 12.33
N ASP G 43 38.36 33.68 12.74
CA ASP G 43 36.92 33.89 12.90
C ASP G 43 36.62 34.92 13.98
N SER G 44 37.35 34.85 15.10
CA SER G 44 37.16 35.81 16.19
C SER G 44 37.51 37.22 15.73
N ILE G 45 38.63 37.36 15.01
CA ILE G 45 39.03 38.67 14.50
C ILE G 45 37.96 39.22 13.57
N THR G 46 37.37 38.36 12.73
CA THR G 46 36.33 38.83 11.83
C THR G 46 35.09 39.25 12.60
N VAL G 47 34.71 38.49 13.62
CA VAL G 47 33.58 38.86 14.46
C VAL G 47 33.79 40.25 15.05
N GLY G 48 34.96 40.49 15.65
CA GLY G 48 35.22 41.79 16.24
C GLY G 48 35.24 42.91 15.22
N MET G 49 35.96 42.67 14.11
CA MET G 49 36.05 43.67 13.04
CA MET G 49 36.05 43.67 13.05
C MET G 49 34.67 44.11 12.57
N VAL G 50 33.79 43.14 12.30
CA VAL G 50 32.47 43.48 11.77
C VAL G 50 31.61 44.13 12.85
N ARG G 51 31.51 43.48 14.01
CA ARG G 51 30.55 43.94 15.02
C ARG G 51 30.95 45.25 15.67
N HIS G 52 32.21 45.70 15.53
CA HIS G 52 32.59 46.97 16.14
C HIS G 52 33.14 47.97 15.12
N GLN G 53 32.90 47.72 13.83
CA GLN G 53 33.08 48.73 12.78
C GLN G 53 34.52 49.20 12.67
N GLY G 54 35.46 48.26 12.71
CA GLY G 54 36.86 48.58 12.55
C GLY G 54 37.46 49.42 13.65
N LYS G 55 36.79 49.56 14.79
CA LYS G 55 37.36 50.31 15.91
C LYS G 55 38.54 49.58 16.53
N ILE G 56 38.47 48.25 16.60
CA ILE G 56 39.52 47.47 17.25
C ILE G 56 40.79 47.52 16.40
N MET G 57 41.92 47.76 17.07
CA MET G 57 43.24 47.69 16.44
C MET G 57 43.84 46.34 16.75
N TYR G 58 43.87 45.46 15.75
CA TYR G 58 44.34 44.09 15.93
C TYR G 58 45.86 44.02 15.75
N VAL G 59 46.51 43.28 16.65
CA VAL G 59 47.97 43.24 16.69
C VAL G 59 48.48 41.82 16.61
N GLY G 60 47.57 40.86 16.42
CA GLY G 60 47.98 39.49 16.18
C GLY G 60 48.40 38.70 17.41
N ASP G 61 49.42 37.86 17.25
CA ASP G 61 49.88 36.98 18.32
C ASP G 61 50.40 37.79 19.50
N VAL G 62 49.99 37.41 20.70
CA VAL G 62 50.41 38.12 21.91
C VAL G 62 51.93 38.03 22.08
N ARG G 63 52.55 36.97 21.55
CA ARG G 63 53.99 36.82 21.66
C ARG G 63 54.75 37.76 20.75
N SER G 64 54.08 38.46 19.84
CA SER G 64 54.74 39.41 18.95
C SER G 64 54.67 40.84 19.48
N VAL G 65 54.19 41.03 20.71
CA VAL G 65 54.08 42.36 21.32
C VAL G 65 55.24 42.54 22.28
N THR G 66 56.07 43.54 22.02
CA THR G 66 57.21 43.85 22.87
C THR G 66 56.85 44.92 23.89
N GLN G 67 57.74 45.13 24.85
CA GLN G 67 57.54 46.19 25.82
C GLN G 67 57.53 47.56 25.15
N LYS G 68 58.38 47.73 24.14
CA LYS G 68 58.40 48.98 23.39
C LYS G 68 57.05 49.22 22.71
N HIS G 69 56.41 48.15 22.22
CA HIS G 69 55.07 48.28 21.65
C HIS G 69 54.08 48.78 22.70
N ILE G 70 54.13 48.22 23.91
CA ILE G 70 53.22 48.66 24.96
C ILE G 70 53.46 50.13 25.30
N GLN G 71 54.73 50.56 25.33
CA GLN G 71 55.02 51.94 25.65
C GLN G 71 54.54 52.88 24.55
N GLU G 72 54.79 52.52 23.29
CA GLU G 72 54.49 53.41 22.18
C GLU G 72 53.01 53.45 21.86
N TRP G 73 52.31 52.32 22.01
CA TRP G 73 50.87 52.29 21.80
C TRP G 73 50.09 52.84 22.98
N GLY G 74 50.68 52.81 24.17
CA GLY G 74 49.99 53.26 25.37
C GLY G 74 50.06 54.75 25.56
N PRO G 75 49.71 55.23 26.76
CA PRO G 75 49.36 54.48 27.97
C PRO G 75 48.02 53.73 27.87
N PHE G 76 47.82 52.76 28.75
CA PHE G 76 46.58 52.00 28.82
C PHE G 76 45.98 52.17 30.21
N ASP G 77 44.66 52.26 30.27
CA ASP G 77 43.96 52.35 31.55
C ASP G 77 43.45 51.01 32.03
N LEU G 78 43.18 50.08 31.11
CA LEU G 78 42.61 48.79 31.47
C LEU G 78 43.26 47.70 30.65
N VAL G 79 43.78 46.68 31.33
CA VAL G 79 44.43 45.54 30.68
C VAL G 79 43.65 44.29 31.05
N ILE G 80 43.00 43.67 30.08
CA ILE G 80 42.16 42.51 30.32
C ILE G 80 42.64 41.33 29.50
N GLY G 81 42.31 40.12 29.98
CA GLY G 81 42.72 38.92 29.27
C GLY G 81 42.23 37.60 29.83
N GLY G 82 41.87 36.68 28.94
CA GLY G 82 41.55 35.32 29.32
C GLY G 82 42.26 34.32 28.43
N SER G 83 43.37 33.76 28.91
CA SER G 83 44.24 32.93 28.11
C SER G 83 43.65 31.54 27.89
N PRO G 84 44.09 30.84 26.84
CA PRO G 84 43.56 29.49 26.58
C PRO G 84 43.71 28.56 27.77
N CYS G 85 42.75 27.66 27.92
CA CYS G 85 42.62 26.85 29.13
C CYS G 85 42.72 25.35 28.90
N ASN G 86 42.96 24.90 27.67
CA ASN G 86 42.93 23.46 27.40
C ASN G 86 44.07 22.72 28.08
N ASP G 87 45.19 23.40 28.34
CA ASP G 87 46.30 22.79 29.07
C ASP G 87 46.25 23.07 30.56
N LEU G 88 45.21 23.75 31.03
CA LEU G 88 44.99 23.94 32.46
C LEU G 88 43.83 23.12 32.99
N SER G 89 42.85 22.78 32.15
CA SER G 89 41.65 22.10 32.60
C SER G 89 41.96 20.67 33.00
N ILE G 90 41.47 20.26 34.17
CA ILE G 90 41.66 18.89 34.62
C ILE G 90 40.84 17.91 33.80
N VAL G 91 39.88 18.40 33.02
CA VAL G 91 39.12 17.51 32.15
C VAL G 91 40.00 16.96 31.04
N ASN G 92 41.07 17.68 30.69
CA ASN G 92 42.03 17.21 29.69
C ASN G 92 43.05 16.32 30.36
N PRO G 93 43.09 15.02 30.02
CA PRO G 93 44.13 14.16 30.59
C PRO G 93 45.50 14.38 29.94
N ALA G 94 45.54 15.00 28.77
CA ALA G 94 46.79 15.33 28.10
C ALA G 94 47.27 16.74 28.43
N ARG G 95 46.70 17.37 29.46
CA ARG G 95 47.09 18.73 29.82
C ARG G 95 48.57 18.80 30.15
N LYS G 96 49.22 19.85 29.65
CA LYS G 96 50.65 20.05 29.87
C LYS G 96 50.96 21.03 31.00
N GLY G 97 49.92 21.60 31.63
CA GLY G 97 50.11 22.42 32.80
C GLY G 97 50.32 23.89 32.50
N LEU G 98 50.48 24.66 33.58
CA LEU G 98 50.63 26.10 33.46
C LEU G 98 51.94 26.49 32.78
N TYR G 99 53.00 25.73 33.01
CA TYR G 99 54.33 26.14 32.58
C TYR G 99 54.71 25.62 31.19
N GLU G 100 53.94 24.68 30.63
CA GLU G 100 54.24 24.12 29.32
C GLU G 100 53.00 24.19 28.46
N GLY G 101 53.14 23.74 27.21
CA GLY G 101 52.00 23.71 26.31
C GLY G 101 51.44 25.09 26.06
N THR G 102 50.10 25.18 26.05
CA THR G 102 49.42 26.45 25.86
C THR G 102 49.19 27.20 27.18
N GLY G 103 49.46 26.56 28.32
CA GLY G 103 49.27 27.25 29.59
C GLY G 103 50.22 28.41 29.76
N ARG G 104 51.47 28.26 29.30
CA ARG G 104 52.47 29.30 29.48
C ARG G 104 52.09 30.61 28.80
N LEU G 105 51.06 30.62 27.95
CA LEU G 105 50.56 31.88 27.41
C LEU G 105 50.17 32.85 28.52
N PHE G 106 49.74 32.32 29.67
CA PHE G 106 49.46 33.19 30.82
C PHE G 106 50.63 34.13 31.10
N PHE G 107 51.86 33.60 31.02
CA PHE G 107 53.02 34.40 31.36
C PHE G 107 53.21 35.56 30.40
N GLU G 108 52.75 35.42 29.17
CA GLU G 108 52.74 36.57 28.26
C GLU G 108 51.89 37.69 28.85
N PHE G 109 50.66 37.36 29.27
CA PHE G 109 49.84 38.31 29.99
C PHE G 109 50.60 38.91 31.18
N TYR G 110 51.45 38.09 31.81
CA TYR G 110 52.19 38.57 32.97
C TYR G 110 53.22 39.62 32.58
N ARG G 111 53.87 39.47 31.41
CA ARG G 111 54.85 40.49 31.01
C ARG G 111 54.16 41.78 30.63
N LEU G 112 53.23 41.69 29.67
CA LEU G 112 52.60 42.88 29.13
C LEU G 112 51.94 43.71 30.22
N LEU G 113 51.26 43.06 31.16
CA LEU G 113 50.72 43.77 32.32
C LEU G 113 51.82 44.58 33.00
N HIS G 114 52.92 43.91 33.35
CA HIS G 114 54.05 44.62 33.95
C HIS G 114 54.57 45.71 33.03
N ASP G 115 54.54 45.47 31.71
CA ASP G 115 54.97 46.51 30.77
C ASP G 115 53.99 47.66 30.71
N ALA G 116 52.70 47.39 30.98
CA ALA G 116 51.66 48.41 30.92
C ALA G 116 51.43 49.10 32.25
N ARG G 117 51.98 48.55 33.34
CA ARG G 117 51.75 49.12 34.65
CA ARG G 117 51.75 49.13 34.66
C ARG G 117 52.30 50.55 34.71
N PRO G 118 51.62 51.47 35.39
CA PRO G 118 52.19 52.81 35.56
C PRO G 118 53.47 52.74 36.37
N LYS G 119 54.42 53.60 36.02
CA LYS G 119 55.69 53.62 36.72
C LYS G 119 55.50 54.12 38.15
N GLU G 120 56.51 53.85 38.97
CA GLU G 120 56.49 54.28 40.37
C GLU G 120 56.28 55.78 40.45
N GLY G 121 55.33 56.20 41.29
CA GLY G 121 54.99 57.61 41.43
C GLY G 121 53.84 58.07 40.58
N ASP G 122 53.34 57.24 39.67
CA ASP G 122 52.20 57.57 38.83
C ASP G 122 50.95 57.06 39.52
N ASP G 123 50.15 57.98 40.08
CA ASP G 123 48.95 57.63 40.82
C ASP G 123 47.73 57.48 39.93
N ARG G 124 47.90 57.45 38.61
CA ARG G 124 46.75 57.40 37.72
C ARG G 124 46.02 56.07 37.88
N PRO G 125 44.69 56.07 37.77
CA PRO G 125 43.94 54.82 37.91
C PRO G 125 44.32 53.83 36.83
N PHE G 126 44.53 52.59 37.24
CA PHE G 126 44.95 51.54 36.32
C PHE G 126 44.36 50.23 36.79
N PHE G 127 43.67 49.54 35.89
CA PHE G 127 42.94 48.33 36.25
C PHE G 127 43.31 47.20 35.30
N TRP G 128 43.22 45.97 35.82
CA TRP G 128 43.54 44.80 35.03
C TRP G 128 42.66 43.65 35.48
N LEU G 129 42.42 42.73 34.56
CA LEU G 129 41.58 41.56 34.80
C LEU G 129 42.15 40.37 34.05
N PHE G 130 42.30 39.24 34.74
CA PHE G 130 42.70 37.99 34.12
C PHE G 130 41.70 36.91 34.51
N GLU G 131 41.19 36.19 33.52
CA GLU G 131 40.16 35.19 33.74
C GLU G 131 40.68 33.81 33.36
N ASN G 132 40.25 32.80 34.10
CA ASN G 132 40.46 31.41 33.65
C ASN G 132 39.47 30.50 34.37
N VAL G 133 39.65 29.19 34.17
CA VAL G 133 38.67 28.21 34.63
C VAL G 133 38.90 27.89 36.10
N VAL G 134 37.84 27.42 36.76
CA VAL G 134 37.96 26.93 38.12
C VAL G 134 38.53 25.52 38.13
N ALA G 135 38.16 24.71 37.13
CA ALA G 135 38.56 23.30 37.08
C ALA G 135 39.97 23.17 36.49
N MET G 136 40.94 23.66 37.26
CA MET G 136 42.35 23.49 36.94
C MET G 136 43.09 23.01 38.17
N GLY G 137 44.35 22.61 37.97
CA GLY G 137 45.13 22.06 39.06
C GLY G 137 45.31 23.06 40.18
N VAL G 138 45.26 22.55 41.41
CA VAL G 138 45.41 23.40 42.58
C VAL G 138 46.75 24.12 42.57
N SER G 139 47.81 23.41 42.16
CA SER G 139 49.12 24.05 42.07
C SER G 139 49.13 25.15 41.01
N ASP G 140 48.45 24.91 39.89
CA ASP G 140 48.37 25.94 38.85
C ASP G 140 47.67 27.19 39.37
N LYS G 141 46.59 27.01 40.15
CA LYS G 141 45.88 28.16 40.71
C LYS G 141 46.76 28.91 41.71
N ARG G 142 47.42 28.17 42.61
CA ARG G 142 48.34 28.80 43.55
C ARG G 142 49.43 29.58 42.81
N ASP G 143 49.92 29.04 41.70
CA ASP G 143 51.01 29.68 40.98
C ASP G 143 50.54 30.93 40.25
N ILE G 144 49.34 30.89 39.66
CA ILE G 144 48.79 32.09 39.04
C ILE G 144 48.58 33.17 40.08
N SER G 145 48.02 32.81 41.24
CA SER G 145 47.83 33.77 42.31
C SER G 145 49.16 34.32 42.81
N ARG G 146 50.21 33.49 42.80
CA ARG G 146 51.54 33.95 43.20
C ARG G 146 52.08 34.98 42.22
N PHE G 147 51.99 34.69 40.92
CA PHE G 147 52.55 35.58 39.91
C PHE G 147 51.77 36.88 39.84
N LEU G 148 50.45 36.83 40.03
CA LEU G 148 49.63 38.03 39.97
C LEU G 148 49.49 38.75 41.30
N GLU G 149 49.97 38.15 42.40
CA GLU G 149 49.91 38.76 43.72
C GLU G 149 48.47 39.13 44.10
N SER G 150 47.55 38.23 43.78
CA SER G 150 46.14 38.50 44.01
C SER G 150 45.41 37.17 44.21
N ASN G 151 44.45 37.17 45.13
CA ASN G 151 43.68 35.94 45.13
C ASN G 151 42.45 36.09 44.23
N PRO G 152 42.08 35.03 43.52
CA PRO G 152 40.98 35.15 42.55
C PRO G 152 39.62 35.22 43.22
N VAL G 153 38.68 35.80 42.49
CA VAL G 153 37.27 35.78 42.87
C VAL G 153 36.56 34.75 42.00
N MET G 154 35.80 33.87 42.64
CA MET G 154 35.03 32.87 41.91
C MET G 154 33.67 33.47 41.57
N ILE G 155 33.34 33.51 40.28
CA ILE G 155 32.03 33.96 39.84
C ILE G 155 31.46 32.93 38.88
N ASP G 156 30.24 32.47 39.16
CA ASP G 156 29.54 31.51 38.33
C ASP G 156 28.43 32.24 37.60
N ALA G 157 28.47 32.21 36.27
CA ALA G 157 27.47 32.89 35.45
C ALA G 157 26.07 32.37 35.68
N LYS G 158 25.92 31.23 36.36
CA LYS G 158 24.59 30.70 36.65
C LYS G 158 23.77 31.63 37.52
N GLU G 159 24.42 32.54 38.26
CA GLU G 159 23.69 33.46 39.13
C GLU G 159 22.98 34.55 38.33
N VAL G 160 23.43 34.84 37.12
CA VAL G 160 22.90 35.98 36.36
C VAL G 160 22.61 35.56 34.93
N SER G 161 22.56 34.25 34.68
CA SER G 161 22.32 33.74 33.34
C SER G 161 21.85 32.30 33.46
N ALA G 162 21.64 31.66 32.30
CA ALA G 162 21.14 30.29 32.23
C ALA G 162 22.25 29.29 31.98
N ALA G 163 23.51 29.65 32.25
CA ALA G 163 24.66 28.80 31.95
C ALA G 163 25.41 28.47 33.22
N HIS G 164 25.72 27.19 33.41
CA HIS G 164 26.68 26.78 34.42
C HIS G 164 28.08 27.14 33.93
N ARG G 165 28.69 28.15 34.56
CA ARG G 165 30.00 28.63 34.11
C ARG G 165 30.75 29.32 35.24
N ALA G 166 31.44 28.53 36.06
CA ALA G 166 32.23 29.07 37.16
C ALA G 166 33.63 29.42 36.68
N ARG G 167 34.07 30.64 36.95
CA ARG G 167 35.38 31.09 36.50
C ARG G 167 36.09 31.83 37.63
N TYR G 168 37.41 31.76 37.59
CA TYR G 168 38.27 32.55 38.46
C TYR G 168 38.63 33.86 37.78
N PHE G 169 38.57 34.94 38.55
CA PHE G 169 38.90 36.29 38.07
C PHE G 169 39.93 36.90 39.01
N TRP G 170 41.16 37.05 38.55
CA TRP G 170 42.17 37.85 39.23
C TRP G 170 42.08 39.28 38.72
N GLY G 171 42.38 40.23 39.58
CA GLY G 171 42.40 41.61 39.15
C GLY G 171 42.30 42.57 40.32
N ASN G 172 42.40 43.86 39.98
CA ASN G 172 42.28 44.95 40.94
C ASN G 172 41.07 45.83 40.66
N LEU G 173 40.11 45.33 39.88
CA LEU G 173 38.90 46.10 39.62
C LEU G 173 38.18 46.38 40.94
N PRO G 174 37.56 47.54 41.09
CA PRO G 174 36.87 47.85 42.35
C PRO G 174 35.70 46.92 42.60
N GLY G 175 35.64 46.38 43.80
CA GLY G 175 34.50 45.59 44.24
C GLY G 175 34.22 44.37 43.40
N MET G 176 35.26 43.60 43.04
CA MET G 176 35.05 42.37 42.28
C MET G 176 34.26 41.35 43.09
N ASN G 177 34.50 41.30 44.41
CA ASN G 177 33.86 40.30 45.27
C ASN G 177 32.44 40.69 45.68
N ARG G 178 32.00 41.90 45.36
CA ARG G 178 30.69 42.36 45.78
C ARG G 178 29.60 41.47 45.19
N PRO G 179 28.45 41.37 45.86
CA PRO G 179 27.37 40.51 45.34
C PRO G 179 26.91 40.95 43.95
N LEU G 180 26.51 39.96 43.16
CA LEU G 180 26.02 40.21 41.81
C LEU G 180 24.56 40.60 41.84
N ALA G 181 24.19 41.52 40.95
CA ALA G 181 22.83 42.01 40.84
C ALA G 181 22.11 41.27 39.71
N SER G 182 20.98 40.66 40.05
CA SER G 182 20.10 40.06 39.04
C SER G 182 19.13 41.15 38.58
N THR G 183 19.29 41.59 37.34
CA THR G 183 18.47 42.65 36.79
C THR G 183 17.30 42.06 35.98
N VAL G 184 16.67 42.89 35.15
CA VAL G 184 15.54 42.43 34.37
C VAL G 184 15.97 41.81 33.05
N ASN G 185 17.05 42.31 32.45
CA ASN G 185 17.56 41.73 31.21
C ASN G 185 18.04 40.30 31.39
N ASP G 186 18.38 39.92 32.63
CA ASP G 186 18.97 38.60 32.87
C ASP G 186 17.96 37.51 32.59
N LYS G 187 18.33 36.60 31.68
CA LYS G 187 17.51 35.43 31.37
C LYS G 187 18.04 34.27 32.21
N LEU G 188 17.48 34.13 33.41
CA LEU G 188 17.99 33.14 34.37
C LEU G 188 17.70 31.71 33.94
N GLU G 189 16.73 31.49 33.06
CA GLU G 189 16.26 30.16 32.72
C GLU G 189 16.55 29.84 31.26
N LEU G 190 16.95 28.60 30.99
CA LEU G 190 17.23 28.18 29.63
C LEU G 190 16.03 28.39 28.70
N GLN G 191 14.81 28.25 29.23
CA GLN G 191 13.62 28.44 28.41
C GLN G 191 13.58 29.85 27.83
N GLU G 192 14.01 30.85 28.60
CA GLU G 192 14.03 32.23 28.11
C GLU G 192 15.01 32.44 26.97
N CYS G 193 15.88 31.48 26.69
CA CYS G 193 16.90 31.61 25.66
C CYS G 193 16.55 30.86 24.38
N LEU G 194 15.50 30.05 24.39
CA LEU G 194 15.20 29.21 23.25
C LEU G 194 14.37 29.96 22.21
N GLU G 195 14.46 29.50 20.97
CA GLU G 195 13.64 30.04 19.90
C GLU G 195 12.22 29.50 20.01
N HIS G 196 11.33 30.03 19.17
CA HIS G 196 9.92 29.67 19.22
C HIS G 196 9.73 28.19 18.91
N GLY G 197 8.88 27.55 19.70
CA GLY G 197 8.53 26.16 19.48
C GLY G 197 9.46 25.14 20.12
N ARG G 198 10.29 25.55 21.06
CA ARG G 198 11.20 24.63 21.74
C ARG G 198 11.04 24.76 23.25
N ILE G 199 11.25 23.64 23.93
CA ILE G 199 11.02 23.53 25.36
C ILE G 199 12.33 23.11 26.03
N ALA G 200 12.69 23.80 27.10
CA ALA G 200 13.94 23.52 27.80
C ALA G 200 13.77 22.35 28.75
N LYS G 201 14.71 21.41 28.70
CA LYS G 201 14.69 20.28 29.63
C LYS G 201 15.06 20.72 31.03
N PHE G 202 16.13 21.49 31.17
CA PHE G 202 16.61 21.96 32.47
C PHE G 202 16.58 23.48 32.52
N SER G 203 16.75 23.99 33.74
CA SER G 203 16.73 25.43 33.94
C SER G 203 18.02 26.07 33.45
N LYS G 204 19.17 25.43 33.69
CA LYS G 204 20.45 25.99 33.34
C LYS G 204 21.31 24.91 32.69
N VAL G 205 22.01 25.29 31.61
CA VAL G 205 22.70 24.35 30.75
C VAL G 205 24.16 24.27 31.17
N ARG G 206 24.66 23.05 31.30
CA ARG G 206 26.08 22.83 31.60
CA ARG G 206 26.08 22.83 31.60
C ARG G 206 26.89 22.84 30.31
N THR G 207 28.17 23.14 30.44
CA THR G 207 29.11 23.31 29.33
C THR G 207 28.84 22.46 28.08
N ASP G 220 23.35 11.96 27.07
CA ASP G 220 23.18 12.41 28.44
C ASP G 220 23.22 13.93 28.53
N GLN G 221 22.06 14.55 28.44
CA GLN G 221 21.87 16.01 28.46
C GLN G 221 22.58 16.72 27.31
N HIS G 222 23.07 15.96 26.31
CA HIS G 222 23.63 16.59 25.13
C HIS G 222 22.54 17.11 24.19
N PHE G 223 21.31 16.62 24.34
CA PHE G 223 20.14 17.20 23.69
C PHE G 223 19.32 17.88 24.78
N PRO G 224 19.58 19.16 25.09
CA PRO G 224 18.85 19.81 26.19
C PRO G 224 17.57 20.54 25.79
N VAL G 225 17.10 20.42 24.55
CA VAL G 225 15.82 21.01 24.19
C VAL G 225 14.94 19.97 23.51
N PHE G 226 13.64 20.24 23.54
CA PHE G 226 12.63 19.44 22.84
C PHE G 226 11.99 20.32 21.79
N MET G 227 11.99 19.86 20.53
CA MET G 227 11.23 20.51 19.48
C MET G 227 10.19 19.53 18.96
N ASN G 228 8.92 19.92 19.09
CA ASN G 228 7.80 19.05 18.77
C ASN G 228 7.96 17.70 19.46
N GLU G 229 8.19 16.65 18.68
CA GLU G 229 8.35 15.32 19.25
C GLU G 229 9.80 15.00 19.61
N LYS G 230 10.76 15.55 18.88
CA LYS G 230 12.13 15.06 18.97
C LYS G 230 12.99 15.90 19.90
N GLU G 231 14.11 15.31 20.31
CA GLU G 231 15.13 16.01 21.07
C GLU G 231 16.05 16.79 20.13
N ASP G 232 16.67 17.84 20.66
CA ASP G 232 17.52 18.68 19.84
C ASP G 232 18.52 19.39 20.73
N ILE G 233 19.62 19.80 20.11
CA ILE G 233 20.71 20.50 20.76
C ILE G 233 20.45 22.00 20.69
N LEU G 234 21.27 22.77 21.40
CA LEU G 234 21.13 24.23 21.40
C LEU G 234 21.60 24.81 20.07
N TRP G 235 20.88 25.80 19.57
CA TRP G 235 21.31 26.55 18.40
C TRP G 235 22.26 27.66 18.82
N CYS G 236 22.96 28.23 17.83
CA CYS G 236 23.96 29.24 18.15
C CYS G 236 23.34 30.51 18.70
N THR G 237 22.19 30.93 18.15
CA THR G 237 21.49 32.09 18.68
C THR G 237 21.07 31.86 20.13
N GLU G 238 20.64 30.64 20.45
CA GLU G 238 20.23 30.33 21.81
C GLU G 238 21.41 30.30 22.77
N MET G 239 22.58 29.82 22.32
CA MET G 239 23.78 29.95 23.14
C MET G 239 24.15 31.41 23.32
N GLU G 240 23.94 32.22 22.30
CA GLU G 240 24.18 33.65 22.43
C GLU G 240 23.32 34.24 23.53
N ARG G 241 22.04 33.88 23.55
CA ARG G 241 21.16 34.34 24.61
CA ARG G 241 21.16 34.34 24.61
C ARG G 241 21.60 33.80 25.98
N VAL G 242 22.08 32.56 26.01
CA VAL G 242 22.50 31.95 27.27
C VAL G 242 23.74 32.66 27.82
N PHE G 243 24.66 33.05 26.94
CA PHE G 243 25.91 33.68 27.32
C PHE G 243 25.80 35.19 27.44
N GLY G 244 24.65 35.78 27.13
CA GLY G 244 24.45 37.20 27.27
C GLY G 244 24.78 38.03 26.06
N PHE G 245 25.08 37.42 24.94
CA PHE G 245 25.41 38.17 23.73
C PHE G 245 24.15 38.54 22.98
N PRO G 246 24.20 39.62 22.18
CA PRO G 246 23.07 39.92 21.29
C PRO G 246 22.83 38.76 20.32
N VAL G 247 21.55 38.56 19.96
CA VAL G 247 21.22 37.51 19.03
C VAL G 247 21.91 37.77 17.70
N HIS G 248 22.43 36.72 17.09
CA HIS G 248 23.16 36.77 15.83
C HIS G 248 24.47 37.55 15.93
N TYR G 249 25.00 37.72 17.15
CA TYR G 249 26.27 38.39 17.33
C TYR G 249 27.41 37.67 16.60
N THR G 250 27.34 36.34 16.53
CA THR G 250 28.37 35.54 15.89
C THR G 250 27.98 35.07 14.49
N ASP G 251 26.89 35.59 13.93
CA ASP G 251 26.47 35.22 12.58
C ASP G 251 27.21 36.09 11.56
N VAL G 252 28.52 35.87 11.51
CA VAL G 252 29.39 36.53 10.54
C VAL G 252 30.40 35.50 10.03
N SER G 253 31.07 35.85 8.94
CA SER G 253 32.28 35.17 8.48
C SER G 253 32.06 33.75 7.99
N ALA G 254 30.81 33.40 7.68
CA ALA G 254 30.49 32.15 6.97
C ALA G 254 31.07 30.92 7.66
N MET G 255 30.89 30.85 8.98
CA MET G 255 31.44 29.77 9.78
C MET G 255 30.35 28.73 10.08
N SER G 256 30.78 27.47 10.15
CA SER G 256 29.86 26.38 10.44
C SER G 256 29.28 26.52 11.85
N HIS G 257 28.24 25.73 12.12
CA HIS G 257 27.65 25.75 13.45
C HIS G 257 28.66 25.33 14.51
N LEU G 258 29.54 24.38 14.16
CA LEU G 258 30.56 23.94 15.11
C LEU G 258 31.53 25.06 15.44
N ALA G 259 31.90 25.88 14.46
CA ALA G 259 32.86 26.95 14.69
C ALA G 259 32.26 28.04 15.57
N ARG G 260 31.01 28.44 15.30
CA ARG G 260 30.31 29.38 16.17
C ARG G 260 30.15 28.81 17.57
N GLN G 261 29.80 27.51 17.66
CA GLN G 261 29.70 26.85 18.95
C GLN G 261 31.01 26.96 19.73
N ARG G 262 32.12 26.71 19.05
CA ARG G 262 33.44 26.78 19.68
C ARG G 262 33.75 28.20 20.16
N LEU G 263 33.55 29.19 19.28
CA LEU G 263 33.78 30.59 19.66
C LEU G 263 32.96 30.97 20.89
N LEU G 264 31.68 30.61 20.91
CA LEU G 264 30.84 30.95 22.05
C LEU G 264 31.24 30.17 23.30
N GLY G 265 31.72 28.94 23.14
CA GLY G 265 32.13 28.16 24.28
C GLY G 265 33.39 28.68 24.94
N ARG G 266 34.26 29.35 24.18
CA ARG G 266 35.46 29.94 24.76
C ARG G 266 35.24 31.31 25.38
N SER G 267 34.05 31.89 25.26
CA SER G 267 33.87 33.31 25.54
C SER G 267 33.62 33.56 27.03
N TRP G 268 33.59 34.84 27.39
CA TRP G 268 33.15 35.28 28.69
C TRP G 268 31.63 35.43 28.73
N SER G 269 31.06 35.25 29.91
CA SER G 269 29.65 35.53 30.11
C SER G 269 29.44 37.04 30.19
N VAL G 270 28.60 37.58 29.29
CA VAL G 270 28.44 39.03 29.20
C VAL G 270 27.96 39.66 30.51
N PRO G 271 26.93 39.13 31.18
CA PRO G 271 26.53 39.75 32.46
C PRO G 271 27.60 39.72 33.53
N VAL G 272 28.45 38.68 33.54
CA VAL G 272 29.53 38.62 34.52
C VAL G 272 30.55 39.74 34.27
N ILE G 273 30.93 39.92 33.00
CA ILE G 273 31.88 40.97 32.66
C ILE G 273 31.25 42.34 32.93
N ARG G 274 29.95 42.48 32.68
CA ARG G 274 29.26 43.73 32.99
C ARG G 274 29.31 44.04 34.47
N HIS G 275 29.04 43.03 35.31
CA HIS G 275 29.17 43.19 36.75
C HIS G 275 30.58 43.62 37.13
N LEU G 276 31.59 43.01 36.53
CA LEU G 276 32.97 43.32 36.89
C LEU G 276 33.39 44.71 36.42
N PHE G 277 32.86 45.16 35.28
CA PHE G 277 33.27 46.44 34.69
C PHE G 277 32.47 47.63 35.20
N ALA G 278 31.28 47.40 35.75
CA ALA G 278 30.39 48.51 36.12
C ALA G 278 31.04 49.60 36.96
N PRO G 279 31.82 49.30 38.01
CA PRO G 279 32.43 50.40 38.80
C PRO G 279 33.42 51.26 38.01
N LEU G 280 33.79 50.89 36.79
CA LEU G 280 34.66 51.75 35.99
C LEU G 280 33.99 53.04 35.57
N LYS G 281 32.65 53.12 35.68
CA LYS G 281 31.93 54.32 35.28
C LYS G 281 32.32 55.52 36.13
N GLU G 282 32.78 55.29 37.35
CA GLU G 282 33.22 56.35 38.25
C GLU G 282 34.66 56.76 38.00
N TYR G 283 35.28 56.30 36.92
CA TYR G 283 36.67 56.61 36.62
C TYR G 283 36.90 57.14 35.23
N PHE G 284 35.97 56.95 34.29
CA PHE G 284 36.20 57.34 32.91
C PHE G 284 34.95 57.96 32.32
N ALA G 285 35.14 58.65 31.21
CA ALA G 285 34.04 59.37 30.57
C ALA G 285 32.93 58.41 30.16
N CYS G 286 31.68 58.84 30.40
CA CYS G 286 30.51 58.06 30.05
C CYS G 286 29.61 58.89 29.13
N VAL G 287 29.04 58.22 28.13
CA VAL G 287 28.16 58.88 27.18
C VAL G 287 26.90 59.36 27.88
N GLU H 4 79.69 56.29 43.68
CA GLU H 4 80.78 56.55 44.60
C GLU H 4 81.89 55.51 44.43
N LYS H 5 82.15 54.73 45.48
CA LYS H 5 83.18 53.70 45.45
C LYS H 5 82.55 52.35 45.11
N ARG H 6 83.41 51.41 44.76
CA ARG H 6 82.96 50.05 44.46
C ARG H 6 82.52 49.37 45.75
N LYS H 7 81.33 48.79 45.73
CA LYS H 7 80.74 48.14 46.89
C LYS H 7 80.59 46.64 46.64
N PRO H 8 80.55 45.83 47.69
CA PRO H 8 80.37 44.38 47.52
C PRO H 8 79.03 44.06 46.88
N ILE H 9 78.99 42.93 46.20
CA ILE H 9 77.85 42.54 45.38
C ILE H 9 76.79 41.87 46.24
N ARG H 10 75.54 41.98 45.79
CA ARG H 10 74.39 41.36 46.45
C ARG H 10 73.66 40.50 45.43
N VAL H 11 73.44 39.23 45.78
CA VAL H 11 73.09 38.20 44.82
C VAL H 11 71.80 37.52 45.23
N LEU H 12 70.97 37.21 44.24
CA LEU H 12 69.77 36.41 44.38
C LEU H 12 69.90 35.22 43.43
N SER H 13 69.81 34.01 43.98
CA SER H 13 70.12 32.78 43.23
C SER H 13 68.92 31.86 43.22
N LEU H 14 68.40 31.60 42.01
CA LEU H 14 67.44 30.55 41.76
C LEU H 14 68.10 29.34 41.10
N PHE H 15 69.43 29.35 41.03
CA PHE H 15 70.19 28.31 40.35
C PHE H 15 69.94 26.94 40.98
N ASP H 16 70.17 25.90 40.18
CA ASP H 16 69.99 24.54 40.67
C ASP H 16 70.98 24.20 41.77
N GLY H 17 72.15 24.85 41.78
CA GLY H 17 73.10 24.70 42.86
C GLY H 17 73.20 25.95 43.70
N ILE H 18 72.92 25.82 44.99
CA ILE H 18 72.92 26.98 45.89
C ILE H 18 74.26 27.71 45.85
N ALA H 19 75.36 26.96 45.88
CA ALA H 19 76.68 27.51 46.11
C ALA H 19 77.46 27.77 44.83
N THR H 20 76.93 27.39 43.67
CA THR H 20 77.65 27.60 42.42
C THR H 20 77.99 29.07 42.21
N GLY H 21 77.00 29.95 42.38
CA GLY H 21 77.24 31.36 42.22
C GLY H 21 78.19 31.92 43.25
N LEU H 22 78.01 31.53 44.52
CA LEU H 22 78.90 31.98 45.58
C LEU H 22 80.33 31.51 45.33
N LEU H 23 80.48 30.24 44.92
CA LEU H 23 81.81 29.71 44.63
C LEU H 23 82.46 30.47 43.48
N VAL H 24 81.70 30.75 42.42
CA VAL H 24 82.29 31.49 41.29
C VAL H 24 82.66 32.91 41.69
N LEU H 25 81.80 33.57 42.48
CA LEU H 25 82.06 34.94 42.89
C LEU H 25 83.29 35.03 43.77
N LYS H 26 83.40 34.16 44.77
CA LYS H 26 84.59 34.15 45.60
C LYS H 26 85.82 33.67 44.82
N ASP H 27 85.61 32.88 43.76
CA ASP H 27 86.71 32.51 42.88
C ASP H 27 87.27 33.72 42.16
N LEU H 28 86.40 34.64 41.75
CA LEU H 28 86.81 35.85 41.06
C LEU H 28 87.26 36.95 42.00
N GLY H 29 87.21 36.71 43.31
CA GLY H 29 87.69 37.69 44.27
C GLY H 29 86.76 38.85 44.52
N ILE H 30 85.47 38.66 44.33
CA ILE H 30 84.48 39.73 44.50
C ILE H 30 83.88 39.62 45.90
N GLN H 31 83.86 40.75 46.61
CA GLN H 31 83.26 40.77 47.95
C GLN H 31 81.76 40.63 47.86
N VAL H 32 81.19 39.88 48.80
CA VAL H 32 79.76 39.57 48.84
C VAL H 32 79.16 40.17 50.10
N ASP H 33 78.20 41.08 49.94
CA ASP H 33 77.48 41.64 51.07
C ASP H 33 76.19 40.90 51.38
N ARG H 34 75.69 40.09 50.45
CA ARG H 34 74.46 39.34 50.65
C ARG H 34 74.35 38.27 49.58
N TYR H 35 73.89 37.08 49.97
CA TYR H 35 73.71 35.98 49.04
C TYR H 35 72.51 35.18 49.53
N ILE H 36 71.37 35.39 48.89
CA ILE H 36 70.13 34.71 49.24
C ILE H 36 69.77 33.76 48.12
N ALA H 37 69.57 32.49 48.46
CA ALA H 37 69.38 31.45 47.47
C ALA H 37 68.08 30.70 47.71
N SER H 38 67.37 30.43 46.62
CA SER H 38 66.13 29.68 46.63
C SER H 38 66.21 28.57 45.59
N GLU H 39 65.17 27.73 45.54
CA GLU H 39 65.18 26.59 44.65
C GLU H 39 63.77 26.30 44.17
N VAL H 40 63.68 25.68 42.99
CA VAL H 40 62.41 25.26 42.40
C VAL H 40 62.22 23.80 42.74
N CYS H 41 61.10 23.48 43.39
CA CYS H 41 60.80 22.10 43.74
C CYS H 41 59.29 21.91 43.69
N GLU H 42 58.89 20.64 43.66
CA GLU H 42 57.47 20.28 43.63
C GLU H 42 57.03 19.91 45.04
N ASP H 43 57.04 20.93 45.90
CA ASP H 43 56.71 20.80 47.32
C ASP H 43 57.61 19.76 48.00
N VAL H 50 80.55 24.49 54.22
CA VAL H 50 79.50 23.48 54.37
C VAL H 50 78.23 24.14 54.91
N ARG H 51 78.36 24.88 56.01
CA ARG H 51 77.25 25.63 56.56
C ARG H 51 77.22 27.04 55.98
N HIS H 52 76.03 27.62 55.92
CA HIS H 52 75.88 28.95 55.35
C HIS H 52 76.40 30.01 56.30
N GLN H 53 77.03 31.04 55.75
CA GLN H 53 77.62 32.11 56.54
C GLN H 53 76.61 33.23 56.75
N GLY H 54 77.07 34.30 57.41
CA GLY H 54 76.21 35.46 57.61
C GLY H 54 75.91 36.17 56.31
N LYS H 55 74.71 36.77 56.24
CA LYS H 55 74.16 37.41 55.04
C LYS H 55 74.00 36.42 53.88
N ILE H 56 74.26 35.14 54.12
CA ILE H 56 74.24 34.12 53.06
C ILE H 56 73.23 33.07 53.51
N MET H 57 71.99 33.18 53.04
CA MET H 57 70.92 32.36 53.56
C MET H 57 70.17 31.64 52.45
N TYR H 58 69.83 30.38 52.73
CA TYR H 58 68.90 29.61 51.93
C TYR H 58 67.48 29.85 52.43
N VAL H 59 66.55 30.06 51.51
CA VAL H 59 65.18 30.44 51.85
C VAL H 59 64.16 29.42 51.35
N GLY H 60 64.62 28.26 50.89
CA GLY H 60 63.71 27.18 50.54
C GLY H 60 63.02 27.31 49.21
N ASP H 61 61.74 26.91 49.16
CA ASP H 61 60.98 26.94 47.92
C ASP H 61 60.82 28.36 47.40
N VAL H 62 61.02 28.52 46.10
CA VAL H 62 60.76 29.81 45.47
C VAL H 62 59.29 30.17 45.58
N ARG H 63 58.42 29.17 45.72
CA ARG H 63 56.99 29.42 45.91
C ARG H 63 56.68 30.17 47.20
N SER H 64 57.64 30.27 48.11
CA SER H 64 57.45 31.02 49.35
C SER H 64 57.97 32.45 49.27
N VAL H 65 58.77 32.77 48.26
CA VAL H 65 59.38 34.08 48.14
C VAL H 65 58.42 35.01 47.41
N THR H 66 58.01 36.09 48.08
CA THR H 66 57.12 37.07 47.50
C THR H 66 57.91 38.31 47.06
N GLN H 67 57.21 39.22 46.37
CA GLN H 67 57.82 40.50 46.03
C GLN H 67 58.26 41.26 47.28
N LYS H 68 57.50 41.13 48.37
CA LYS H 68 57.84 41.82 49.61
C LYS H 68 59.12 41.25 50.22
N HIS H 69 59.30 39.94 50.14
CA HIS H 69 60.55 39.33 50.59
C HIS H 69 61.73 39.85 49.77
N ILE H 70 61.56 39.95 48.45
CA ILE H 70 62.63 40.45 47.58
C ILE H 70 62.93 41.90 47.92
N GLN H 71 61.91 42.69 48.25
CA GLN H 71 62.12 44.08 48.63
C GLN H 71 62.90 44.19 49.94
N GLU H 72 62.46 43.46 50.97
CA GLU H 72 63.12 43.53 52.26
C GLU H 72 64.56 43.03 52.18
N TRP H 73 64.76 41.89 51.54
CA TRP H 73 66.09 41.29 51.44
C TRP H 73 67.02 42.11 50.56
N GLY H 74 66.47 42.78 49.55
CA GLY H 74 67.28 43.53 48.62
C GLY H 74 67.89 44.77 49.23
N PRO H 75 68.41 45.67 48.39
CA PRO H 75 68.49 45.60 46.92
C PRO H 75 69.47 44.54 46.42
N PHE H 76 69.25 44.02 45.21
CA PHE H 76 70.11 42.99 44.65
C PHE H 76 70.82 43.53 43.42
N ASP H 77 72.09 43.14 43.26
CA ASP H 77 72.87 43.52 42.11
C ASP H 77 72.96 42.43 41.05
N LEU H 78 72.83 41.17 41.44
CA LEU H 78 72.97 40.05 40.51
C LEU H 78 71.86 39.06 40.75
N VAL H 79 71.27 38.55 39.67
CA VAL H 79 70.23 37.54 39.74
C VAL H 79 70.61 36.39 38.81
N ILE H 80 70.82 35.21 39.37
CA ILE H 80 71.26 34.07 38.59
C ILE H 80 70.22 32.96 38.69
N GLY H 81 70.15 32.15 37.63
CA GLY H 81 69.16 31.08 37.61
C GLY H 81 69.45 30.08 36.50
N GLY H 82 68.75 28.96 36.58
CA GLY H 82 68.85 27.90 35.60
C GLY H 82 69.41 26.63 36.22
N SER H 83 69.65 25.66 35.35
CA SER H 83 70.23 24.38 35.75
C SER H 83 71.35 23.99 34.81
N PRO H 84 72.43 23.40 35.33
CA PRO H 84 73.53 23.01 34.42
C PRO H 84 73.22 21.77 33.60
N CYS H 85 72.58 20.77 34.20
CA CYS H 85 72.26 19.53 33.49
C CYS H 85 70.76 19.30 33.44
N GLY H 101 61.06 18.66 30.12
CA GLY H 101 60.71 20.05 29.90
C GLY H 101 60.70 20.87 31.18
N THR H 102 61.40 22.01 31.18
CA THR H 102 61.54 22.84 32.38
C THR H 102 61.42 24.31 31.97
N GLY H 103 60.19 24.75 31.77
CA GLY H 103 59.94 26.16 31.57
C GLY H 103 59.61 26.79 32.91
N ARG H 104 59.28 25.92 33.86
CA ARG H 104 58.98 26.35 35.23
C ARG H 104 60.18 27.06 35.85
N LEU H 105 61.37 26.46 35.69
CA LEU H 105 62.61 27.09 36.12
C LEU H 105 62.74 28.50 35.57
N PHE H 106 62.58 28.66 34.25
CA PHE H 106 62.78 29.96 33.64
C PHE H 106 61.75 30.97 34.11
N PHE H 107 60.48 30.57 34.23
CA PHE H 107 59.47 31.54 34.58
C PHE H 107 59.58 31.96 36.05
N GLU H 108 59.96 31.05 36.94
CA GLU H 108 60.27 31.47 38.31
C GLU H 108 61.45 32.43 38.33
N PHE H 109 62.50 32.14 37.56
CA PHE H 109 63.63 33.05 37.48
C PHE H 109 63.19 34.41 36.94
N TYR H 110 62.29 34.42 35.96
CA TYR H 110 61.82 35.66 35.37
C TYR H 110 61.02 36.47 36.37
N ARG H 111 60.19 35.80 37.18
CA ARG H 111 59.48 36.49 38.25
C ARG H 111 60.44 37.14 39.22
N LEU H 112 61.45 36.39 39.69
CA LEU H 112 62.41 36.96 40.62
C LEU H 112 63.19 38.11 39.99
N LEU H 113 63.50 37.99 38.71
CA LEU H 113 64.21 39.05 38.00
C LEU H 113 63.38 40.32 37.92
N HIS H 114 62.10 40.18 37.56
CA HIS H 114 61.20 41.33 37.54
C HIS H 114 61.11 41.98 38.91
N ASP H 115 61.00 41.18 39.96
CA ASP H 115 60.82 41.75 41.29
C ASP H 115 62.08 42.42 41.80
N ALA H 116 63.25 41.89 41.47
CA ALA H 116 64.52 42.46 41.94
C ALA H 116 65.05 43.57 41.05
N ARG H 117 64.47 43.79 39.87
CA ARG H 117 65.01 44.75 38.93
C ARG H 117 64.91 46.17 39.51
N PRO H 118 65.91 47.02 39.25
CA PRO H 118 65.79 48.43 39.66
C PRO H 118 64.63 49.11 38.97
N LYS H 119 64.02 50.05 39.68
CA LYS H 119 62.88 50.76 39.12
C LYS H 119 63.31 51.67 37.98
N GLU H 120 62.34 52.04 37.15
CA GLU H 120 62.63 52.90 36.00
C GLU H 120 63.20 54.23 36.49
N GLY H 121 64.37 54.59 35.97
CA GLY H 121 65.10 55.76 36.42
C GLY H 121 66.25 55.46 37.37
N ASP H 122 66.32 54.24 37.89
CA ASP H 122 67.44 53.80 38.72
C ASP H 122 68.50 53.21 37.80
N ASP H 123 69.64 53.89 37.68
CA ASP H 123 70.70 53.49 36.76
C ASP H 123 71.79 52.67 37.42
N ARG H 124 71.55 52.17 38.64
CA ARG H 124 72.55 51.37 39.32
C ARG H 124 72.82 50.09 38.54
N PRO H 125 74.04 49.55 38.62
CA PRO H 125 74.36 48.32 37.87
C PRO H 125 73.53 47.15 38.37
N PHE H 126 72.99 46.39 37.43
CA PHE H 126 72.14 45.25 37.75
C PHE H 126 72.33 44.20 36.65
N PHE H 127 72.77 43.01 37.03
CA PHE H 127 73.08 41.97 36.07
C PHE H 127 72.34 40.68 36.40
N TRP H 128 72.20 39.85 35.39
CA TRP H 128 71.49 38.58 35.53
C TRP H 128 72.09 37.55 34.59
N LEU H 129 71.96 36.29 34.96
CA LEU H 129 72.39 35.18 34.12
C LEU H 129 71.40 34.02 34.24
N PHE H 130 71.13 33.37 33.13
CA PHE H 130 70.27 32.19 33.11
C PHE H 130 70.92 31.12 32.24
N GLU H 131 71.18 29.96 32.83
CA GLU H 131 71.76 28.83 32.10
C GLU H 131 70.71 27.75 31.86
N ASN H 132 70.78 27.11 30.70
CA ASN H 132 70.03 25.89 30.47
C ASN H 132 70.80 25.01 29.51
N VAL H 133 70.26 23.83 29.25
CA VAL H 133 70.90 22.89 28.32
C VAL H 133 70.48 23.23 26.90
N VAL H 134 71.37 22.91 25.95
CA VAL H 134 71.06 23.16 24.55
C VAL H 134 69.97 22.23 24.04
N ALA H 135 69.81 21.06 24.66
CA ALA H 135 68.78 20.09 24.26
C ALA H 135 67.45 20.57 24.82
N MET H 136 66.90 21.58 24.16
CA MET H 136 65.61 22.13 24.53
C MET H 136 64.78 22.35 23.27
N GLY H 137 63.47 22.43 23.47
CA GLY H 137 62.59 22.76 22.36
C GLY H 137 62.95 24.11 21.78
N VAL H 138 62.95 24.17 20.44
CA VAL H 138 63.21 25.44 19.76
C VAL H 138 62.21 26.49 20.20
N SER H 139 60.97 26.06 20.48
CA SER H 139 59.99 26.97 21.06
C SER H 139 60.45 27.52 22.40
N ASP H 140 61.02 26.66 23.26
CA ASP H 140 61.50 27.11 24.56
C ASP H 140 62.65 28.10 24.42
N LYS H 141 63.62 27.79 23.55
CA LYS H 141 64.74 28.68 23.34
C LYS H 141 64.28 30.04 22.82
N ARG H 142 63.38 30.03 21.84
CA ARG H 142 62.87 31.30 21.29
C ARG H 142 62.06 32.07 22.34
N ASP H 143 61.28 31.37 23.16
CA ASP H 143 60.50 32.05 24.18
C ASP H 143 61.40 32.68 25.23
N ILE H 144 62.48 32.00 25.61
CA ILE H 144 63.39 32.58 26.59
C ILE H 144 64.11 33.78 25.99
N SER H 145 64.55 33.68 24.73
CA SER H 145 65.17 34.82 24.07
C SER H 145 64.22 36.00 23.97
N ARG H 146 62.93 35.73 23.74
CA ARG H 146 61.95 36.81 23.66
C ARG H 146 61.74 37.46 25.02
N PHE H 147 61.50 36.66 26.05
CA PHE H 147 61.24 37.19 27.38
C PHE H 147 62.43 37.99 27.90
N LEU H 148 63.64 37.47 27.71
CA LEU H 148 64.84 38.11 28.22
C LEU H 148 65.40 39.16 27.26
N GLU H 149 64.82 39.29 26.07
CA GLU H 149 65.27 40.29 25.09
C GLU H 149 66.74 40.11 24.75
N SER H 150 67.19 38.85 24.69
CA SER H 150 68.59 38.55 24.51
C SER H 150 68.74 37.23 23.77
N ASN H 151 69.75 37.15 22.93
CA ASN H 151 70.05 35.88 22.28
C ASN H 151 71.09 35.12 23.11
N PRO H 152 71.03 33.79 23.12
CA PRO H 152 71.88 33.01 24.01
C PRO H 152 73.31 32.88 23.52
N VAL H 153 74.22 32.76 24.48
CA VAL H 153 75.59 32.38 24.22
C VAL H 153 75.68 30.87 24.26
N MET H 154 76.20 30.28 23.19
CA MET H 154 76.35 28.83 23.09
C MET H 154 77.76 28.44 23.52
N ILE H 155 77.85 27.46 24.42
CA ILE H 155 79.15 26.99 24.88
C ILE H 155 79.21 25.46 24.89
N ALA H 166 77.46 20.97 26.19
CA ALA H 166 76.98 22.13 25.45
C ALA H 166 75.79 22.77 26.16
N ARG H 167 75.87 24.08 26.38
CA ARG H 167 74.87 24.78 27.18
C ARG H 167 74.56 26.15 26.57
N TYR H 168 73.37 26.67 26.92
CA TYR H 168 72.93 28.00 26.57
C TYR H 168 73.03 28.92 27.79
N PHE H 169 73.50 30.14 27.56
CA PHE H 169 73.66 31.13 28.62
C PHE H 169 73.08 32.47 28.15
N TRP H 170 71.97 32.89 28.74
CA TRP H 170 71.47 34.25 28.53
C TRP H 170 72.00 35.15 29.63
N GLY H 171 72.30 36.40 29.27
CA GLY H 171 72.78 37.35 30.26
C GLY H 171 72.98 38.72 29.64
N ASN H 172 73.05 39.72 30.51
CA ASN H 172 73.30 41.09 30.10
C ASN H 172 74.68 41.58 30.49
N LEU H 173 75.57 40.67 30.91
CA LEU H 173 76.94 41.04 31.20
C LEU H 173 77.64 41.49 29.91
N PRO H 174 78.55 42.46 29.99
CA PRO H 174 79.36 42.80 28.83
C PRO H 174 80.08 41.57 28.30
N GLY H 175 79.92 41.31 27.00
CA GLY H 175 80.42 40.12 26.37
C GLY H 175 79.37 39.08 26.07
N MET H 176 78.25 39.12 26.81
CA MET H 176 77.12 38.24 26.55
C MET H 176 76.14 38.82 25.55
N ASN H 177 76.46 39.98 24.97
CA ASN H 177 75.65 40.57 23.90
C ASN H 177 75.84 39.74 22.63
N ARG H 178 74.77 39.10 22.18
CA ARG H 178 74.85 38.23 21.03
C ARG H 178 73.83 38.64 19.97
N PRO H 179 74.15 38.44 18.70
CA PRO H 179 73.19 38.79 17.64
C PRO H 179 72.24 37.64 17.32
N LEU H 180 71.38 37.84 16.33
CA LEU H 180 70.40 36.83 15.95
C LEU H 180 71.00 35.80 14.98
N GLN H 261 68.28 14.62 50.14
CA GLN H 261 68.48 13.25 49.69
C GLN H 261 69.51 13.20 48.59
N ARG H 262 69.24 13.90 47.50
CA ARG H 262 70.15 13.99 46.36
C ARG H 262 70.94 15.29 46.46
N LEU H 263 72.26 15.17 46.35
CA LEU H 263 73.12 16.34 46.49
C LEU H 263 73.20 17.11 45.18
N LEU H 264 73.73 18.32 45.27
CA LEU H 264 73.85 19.23 44.13
C LEU H 264 75.27 19.79 44.10
N GLY H 265 75.90 19.72 42.92
CA GLY H 265 77.28 20.13 42.80
C GLY H 265 77.52 21.15 41.71
N ARG H 266 77.02 20.88 40.50
CA ARG H 266 77.27 21.73 39.33
C ARG H 266 78.76 21.94 39.12
N SER H 267 79.52 20.85 39.27
CA SER H 267 80.99 20.95 39.21
C SER H 267 81.49 21.24 37.81
N TRP H 268 80.79 20.75 36.78
CA TRP H 268 81.24 20.93 35.41
C TRP H 268 80.98 22.32 34.87
N SER H 269 80.12 23.10 35.52
CA SER H 269 79.65 24.37 34.99
C SER H 269 80.24 25.58 35.70
N VAL H 270 81.37 25.41 36.39
CA VAL H 270 81.94 26.48 37.21
C VAL H 270 82.90 27.36 36.41
N PRO H 271 83.84 26.82 35.63
CA PRO H 271 84.79 27.72 34.94
C PRO H 271 84.15 28.57 33.84
N VAL H 272 83.15 28.04 33.13
CA VAL H 272 82.55 28.78 32.03
C VAL H 272 81.78 30.00 32.55
N ILE H 273 80.99 29.80 33.61
CA ILE H 273 80.29 30.93 34.20
C ILE H 273 81.28 31.88 34.86
N ARG H 274 82.45 31.38 35.25
CA ARG H 274 83.53 32.25 35.74
C ARG H 274 83.99 33.20 34.63
N HIS H 275 84.27 32.65 33.45
CA HIS H 275 84.62 33.48 32.31
C HIS H 275 83.51 34.50 32.01
N LEU H 276 82.25 34.04 32.05
CA LEU H 276 81.14 34.93 31.75
C LEU H 276 81.01 36.05 32.78
N PHE H 277 81.28 35.73 34.05
CA PHE H 277 81.14 36.66 35.16
C PHE H 277 82.34 37.60 35.31
N ALA H 278 83.44 37.32 34.62
CA ALA H 278 84.62 38.20 34.64
C ALA H 278 84.32 39.70 34.67
N PRO H 279 83.42 40.24 33.83
CA PRO H 279 83.17 41.69 33.91
C PRO H 279 82.63 42.18 35.25
N LEU H 280 82.24 41.29 36.17
CA LEU H 280 81.66 41.74 37.43
C LEU H 280 82.68 42.43 38.32
N LYS H 281 83.97 42.11 38.18
CA LYS H 281 84.98 42.74 39.02
C LYS H 281 85.28 44.17 38.60
N GLU H 282 84.68 44.66 37.52
CA GLU H 282 84.77 46.06 37.14
C GLU H 282 83.58 46.88 37.62
N TYR H 283 82.63 46.25 38.32
CA TYR H 283 81.46 46.94 38.82
C TYR H 283 81.30 46.83 40.34
N PHE H 284 81.99 45.90 41.00
CA PHE H 284 81.80 45.67 42.41
C PHE H 284 83.15 45.49 43.09
N ALA H 285 83.15 45.67 44.41
CA ALA H 285 84.39 45.69 45.17
C ALA H 285 85.04 44.31 45.19
N CYS H 286 86.38 44.30 45.14
CA CYS H 286 87.15 43.06 45.14
C CYS H 286 88.08 43.04 46.35
N VAL H 287 88.46 41.82 46.73
CA VAL H 287 89.36 41.63 47.87
C VAL H 287 90.77 42.09 47.51
N SAH I . -28.23 -46.47 -24.53
CA SAH I . -28.43 -45.90 -23.20
CB SAH I . -27.19 -46.15 -22.32
CG SAH I . -26.35 -47.37 -22.69
SD SAH I . -24.79 -47.44 -21.76
C SAH I . -28.75 -44.41 -23.27
O SAH I . -28.87 -43.84 -24.36
OXT SAH I . -28.90 -43.74 -22.26
C5' SAH I . -25.15 -49.09 -21.06
C4' SAH I . -26.11 -49.06 -19.86
O4' SAH I . -26.33 -50.38 -19.42
C3' SAH I . -25.57 -48.29 -18.66
O3' SAH I . -26.44 -47.23 -18.38
C2' SAH I . -25.55 -49.28 -17.52
O2' SAH I . -26.05 -48.70 -16.33
C1' SAH I . -26.47 -50.40 -18.01
N9 SAH I . -26.14 -51.71 -17.44
C8 SAH I . -24.90 -52.15 -17.04
N7 SAH I . -25.02 -53.42 -16.59
C5 SAH I . -26.32 -53.79 -16.69
C6 SAH I . -26.99 -54.98 -16.38
N6 SAH I . -26.32 -56.01 -15.86
N1 SAH I . -28.35 -55.07 -16.59
C2 SAH I . -29.03 -54.00 -17.13
N3 SAH I . -28.36 -52.83 -17.44
C4 SAH I . -27.02 -52.73 -17.23
C1 GOL J . -38.31 -70.17 -33.99
O1 GOL J . -39.38 -70.70 -33.26
C2 GOL J . -37.94 -68.81 -33.31
O2 GOL J . -37.25 -67.97 -34.19
C3 GOL J . -37.08 -69.20 -32.09
O3 GOL J . -36.45 -68.03 -31.66
C1 GOL K . -32.12 -52.67 -43.09
O1 GOL K . -31.43 -51.45 -43.16
C2 GOL K . -31.27 -53.65 -42.21
O2 GOL K . -31.33 -54.96 -42.70
C3 GOL K . -29.83 -53.07 -42.21
O3 GOL K . -29.22 -53.48 -41.00
C1 GOL L . -11.88 -29.37 -34.18
O1 GOL L . -10.64 -29.83 -33.73
C2 GOL L . -12.83 -30.60 -34.22
O2 GOL L . -14.04 -30.28 -34.80
C3 GOL L . -12.06 -31.68 -35.00
O3 GOL L . -11.28 -32.37 -34.08
C1 GOL M . -15.09 -40.09 -28.91
O1 GOL M . -13.82 -39.58 -28.62
C2 GOL M . -15.01 -40.75 -30.30
O2 GOL M . -16.20 -41.37 -30.66
C3 GOL M . -14.64 -39.61 -31.28
O3 GOL M . -13.30 -39.26 -31.01
C1 GOL N . -49.22 -42.59 -43.63
O1 GOL N . -49.70 -41.54 -42.85
C2 GOL N . -49.86 -43.90 -43.10
O2 GOL N . -49.35 -44.26 -41.85
C3 GOL N . -49.58 -44.97 -44.20
O3 GOL N . -48.73 -45.94 -43.65
N SAH O . -29.78 -12.13 -1.33
CA SAH O . -28.98 -12.92 -2.26
CB SAH O . -27.90 -13.68 -1.49
CG SAH O . -27.47 -13.06 -0.16
SD SAH O . -26.40 -14.18 0.77
C SAH O . -29.85 -13.88 -3.08
O SAH O . -31.08 -13.89 -2.95
OXT SAH O . -29.35 -14.66 -3.89
C5' SAH O . -25.04 -12.99 0.90
C4' SAH O . -24.12 -12.96 -0.32
O4' SAH O . -23.11 -11.98 -0.14
C3' SAH O . -23.41 -14.27 -0.59
O3' SAH O . -23.79 -14.74 -1.86
C2' SAH O . -21.93 -13.92 -0.61
O2' SAH O . -21.26 -14.55 -1.67
C1' SAH O . -21.94 -12.42 -0.78
N9 SAH O . -20.73 -11.77 -0.23
C8 SAH O . -19.98 -12.19 0.84
N7 SAH O . -18.97 -11.30 1.01
C5 SAH O . -19.07 -10.34 0.07
C6 SAH O . -18.31 -9.21 -0.20
N6 SAH O . -17.24 -8.92 0.55
N1 SAH O . -18.66 -8.38 -1.26
C2 SAH O . -19.76 -8.69 -2.02
N3 SAH O . -20.52 -9.81 -1.74
C4 SAH O . -20.17 -10.62 -0.72
C1 GOL P . -27.28 15.43 2.26
O1 GOL P . -25.98 15.69 1.84
C2 GOL P . -27.29 14.01 2.90
O2 GOL P . -28.54 13.67 3.40
C3 GOL P . -26.83 13.05 1.77
O3 GOL P . -26.71 11.79 2.35
C1 GOL Q . -51.23 6.18 -12.25
O1 GOL Q . -51.80 6.68 -13.42
C2 GOL Q . -49.86 5.56 -12.62
O2 GOL Q . -49.87 4.16 -12.54
C3 GOL Q . -48.85 6.19 -11.62
O3 GOL Q . -47.73 5.37 -11.60
C1 GOL R . -44.13 -27.21 10.95
O1 GOL R . -43.23 -28.11 11.52
C2 GOL R . -44.82 -27.92 9.76
O2 GOL R . -45.46 -27.03 8.91
C3 GOL R . -43.68 -28.69 9.03
O3 GOL R . -43.35 -29.78 9.84
C1 GOL S . -35.16 -21.67 10.34
O1 GOL S . -35.62 -22.97 10.17
C2 GOL S . -35.61 -20.85 9.10
O2 GOL S . -34.55 -20.46 8.30
C3 GOL S . -36.39 -19.64 9.68
O3 GOL S . -37.60 -20.13 10.18
C1 GOL T . -47.83 19.92 -18.11
O1 GOL T . -46.86 20.83 -17.70
C2 GOL T . -47.14 18.88 -19.02
O2 GOL T . -48.06 18.08 -19.68
C3 GOL T . -46.24 18.05 -18.06
O3 GOL T . -45.53 18.95 -17.27
N SAH U . 9.78 29.40 -3.43
CA SAH U . 10.37 28.94 -2.17
CB SAH U . 11.37 27.81 -2.44
CG SAH U . 11.10 26.99 -3.71
SD SAH U . 12.48 25.89 -4.11
C SAH U . 11.04 30.09 -1.41
O SAH U . 10.89 31.25 -1.76
OXT SAH U . 11.74 29.86 -0.41
C5' SAH U . 11.44 24.41 -4.18
C4' SAH U . 11.08 23.84 -2.81
O4' SAH U . 10.22 22.72 -2.96
C3' SAH U . 12.28 23.36 -2.02
O3' SAH U . 12.37 24.09 -0.82
C2' SAH U . 11.99 21.90 -1.70
O2' SAH U . 12.32 21.59 -0.36
C1' SAH U . 10.50 21.79 -1.94
N9 SAH U . 10.07 20.43 -2.32
C8 SAH U . 10.77 19.50 -3.04
N7 SAH U . 10.01 18.39 -3.18
C5 SAH U . 8.82 18.60 -2.55
C6 SAH U . 7.70 17.81 -2.37
N6 SAH U . 7.66 16.58 -2.89
N1 SAH U . 6.62 18.30 -1.66
C2 SAH U . 6.67 19.57 -1.14
N3 SAH U . 7.79 20.35 -1.31
C4 SAH U . 8.85 19.87 -2.01
C1 GOL V . -16.07 23.96 -12.24
O1 GOL V . -17.07 23.31 -11.52
C2 GOL V . -14.71 23.51 -11.64
O2 GOL V . -14.46 22.16 -11.87
C3 GOL V . -13.66 24.42 -12.30
O3 GOL V . -12.42 24.03 -11.81
C1 GOL W . 26.84 43.07 -14.42
O1 GOL W . 25.67 42.78 -15.12
C2 GOL W . 27.47 41.72 -13.99
O2 GOL W . 27.70 40.88 -15.07
C3 GOL W . 28.77 42.12 -13.25
O3 GOL W . 28.45 43.18 -12.41
N SAH X . 37.72 35.93 26.58
CA SAH X . 37.54 35.92 25.13
CB SAH X . 38.08 34.61 24.55
CG SAH X . 39.12 33.89 25.41
SD SAH X . 39.45 32.20 24.85
C SAH X . 36.08 36.12 24.75
O SAH X . 35.23 36.36 25.61
OXT SAH X . 35.71 36.08 23.58
C5' SAH X . 41.22 32.52 24.55
C4' SAH X . 41.50 33.19 23.20
O4' SAH X . 42.90 33.38 23.05
C3' SAH X . 41.06 32.36 21.99
O3' SAH X . 40.10 33.10 21.28
C2' SAH X . 42.29 32.18 21.14
O2' SAH X . 42.02 32.40 19.78
C1' SAH X . 43.23 33.25 21.68
N9 SAH X . 44.65 32.92 21.51
C8 SAH X . 45.23 31.68 21.49
N7 SAH X . 46.57 31.83 21.31
C5 SAH X . 46.85 33.14 21.20
C6 SAH X . 48.03 33.85 21.01
N6 SAH X . 49.18 33.19 20.89
N1 SAH X . 48.00 35.22 20.94
C2 SAH X . 46.81 35.89 21.07
N3 SAH X . 45.64 35.19 21.26
C4 SAH X . 45.66 33.84 21.32
C1 GOL Y . 56.56 48.90 37.13
O1 GOL Y . 55.95 48.41 38.29
C2 GOL Y . 58.01 49.29 37.50
O2 GOL Y . 58.87 49.18 36.43
C3 GOL Y . 57.90 50.75 38.02
O3 GOL Y . 59.15 51.33 37.81
C1 GOL Z . 40.54 41.32 45.78
O1 GOL Z . 40.90 39.98 45.89
C2 GOL Z . 40.92 41.77 44.34
O2 GOL Z . 40.48 40.86 43.39
C3 GOL Z . 40.30 43.17 44.16
O3 GOL Z . 41.20 44.09 44.70
C1 GOL AA . 31.04 61.10 38.88
O1 GOL AA . 31.81 60.18 39.60
C2 GOL AA . 30.04 60.30 38.01
O2 GOL AA . 30.41 60.24 36.68
C3 GOL AA . 28.67 60.99 38.22
O3 GOL AA . 27.69 60.10 37.82
C1 GOL BA . 20.62 22.58 36.52
O1 GOL BA . 19.82 23.29 35.63
C2 GOL BA . 20.09 21.14 36.56
O2 GOL BA . 20.73 20.32 35.64
C3 GOL BA . 20.29 20.67 38.02
O3 GOL BA . 21.58 21.02 38.40
#